data_4AO4
#
_entry.id   4AO4
#
_cell.length_a   184.387
_cell.length_b   94.864
_cell.length_c   102.973
_cell.angle_alpha   90.00
_cell.angle_beta   113.77
_cell.angle_gamma   90.00
#
_symmetry.space_group_name_H-M   'C 1 2 1'
#
loop_
_entity.id
_entity.type
_entity.pdbx_description
1 polymer Beta-transaminase
2 non-polymer '(3R)-3-[({3-HYDROXY-2-METHYL-5-[(PHOSPHONOOXY)METHYL]PYRIDIN-4-YL}METHYL)AMINO]-5-METHYLHEXANOIC ACID'
3 non-polymer 1,2-ETHANEDIOL
4 water water
#
_entity_poly.entity_id   1
_entity_poly.type   'polypeptide(L)'
_entity_poly.pdbx_seq_one_letter_code
;MGSSHHHHHHSSGLVPRGSHMNEPIGEPGRSPASDTAEKAQAIAAARNTFARDNPVSAGHHERARRSMPGGNTRSILFHR
PFPLVIAQGTGSRFQDVDGHAYVNFLGEYTAGLFGHSHPVIRAAVERALAVGLNLSTQTENEALFAEAVCDRFPSIDLVR
FTNSGTEANLMALATATAITGRKTVLAFDGGYHGGLLNFASGHAPTNAPYHVVLGVYNDVEGTADLLKRHGHDCAAILVE
PMLGAGGCVPAERAFLDLLRAEASRCGALLIFDEVMTSRLSGGGAQEMLGISADLTTLGKYIGGGMSFGAFGGRRDLMER
FDPARDGAFAHAGTFNNNILTMSAGHAALTQIYTRQAASDLSASGDRFRANLNRIAVENQAPLQFTGLGSLGTIHFSRAP
IRSAGDVRAADQQLKELFFFHMLRKGIYLAPRGMYALSLEIADAGRDAFAEALADFIGEQRALLM
;
_entity_poly.pdbx_strand_id   A,B,C
#
loop_
_chem_comp.id
_chem_comp.type
_chem_comp.name
_chem_comp.formula
EDO non-polymer 1,2-ETHANEDIOL 'C2 H6 O2'
PLK non-polymer '(3R)-3-[({3-HYDROXY-2-METHYL-5-[(PHOSPHONOOXY)METHYL]PYRIDIN-4-YL}METHYL)AMINO]-5-METHYLHEXANOIC ACID' 'C15 H25 N2 O7 P'
#
# COMPACT_ATOMS: atom_id res chain seq x y z
N SER A 34 21.18 45.31 -18.71
CA SER A 34 22.50 44.56 -18.68
C SER A 34 23.41 44.85 -17.46
N ASP A 35 24.37 43.95 -17.24
CA ASP A 35 25.24 43.96 -16.06
C ASP A 35 25.99 45.29 -15.90
N THR A 36 26.03 45.84 -14.69
CA THR A 36 26.86 47.04 -14.43
C THR A 36 27.85 46.78 -13.30
N ALA A 37 28.92 47.56 -13.29
CA ALA A 37 29.93 47.50 -12.23
C ALA A 37 29.35 47.83 -10.85
N GLU A 38 28.40 48.77 -10.83
CA GLU A 38 27.83 49.25 -9.57
C GLU A 38 26.96 48.14 -8.91
N LYS A 39 26.15 47.45 -9.72
CA LYS A 39 25.39 46.28 -9.22
C LYS A 39 26.33 45.14 -8.80
N ALA A 40 27.39 44.87 -9.58
CA ALA A 40 28.34 43.81 -9.17
C ALA A 40 28.98 44.10 -7.81
N GLN A 41 29.30 45.36 -7.57
CA GLN A 41 29.91 45.73 -6.33
C GLN A 41 28.93 45.53 -5.18
N ALA A 42 27.64 45.84 -5.39
CA ALA A 42 26.63 45.65 -4.36
C ALA A 42 26.43 44.17 -4.05
N ILE A 43 26.45 43.33 -5.09
CA ILE A 43 26.38 41.88 -4.94
C ILE A 43 27.62 41.34 -4.20
N ALA A 44 28.80 41.81 -4.59
CA ALA A 44 30.02 41.40 -3.91
C ALA A 44 29.93 41.72 -2.41
N ALA A 45 29.40 42.89 -2.04
CA ALA A 45 29.31 43.23 -0.61
C ALA A 45 28.28 42.33 0.09
N ALA A 46 27.12 42.12 -0.56
CA ALA A 46 26.10 41.21 -0.01
C ALA A 46 26.66 39.79 0.19
N ARG A 47 27.45 39.28 -0.77
CA ARG A 47 28.08 37.95 -0.63
C ARG A 47 29.08 37.89 0.53
N ASN A 48 29.83 38.98 0.67
CA ASN A 48 30.87 39.08 1.72
C ASN A 48 30.23 39.14 3.10
N THR A 49 29.18 39.93 3.25
CA THR A 49 28.38 39.95 4.49
C THR A 49 27.78 38.57 4.83
N PHE A 50 27.16 37.92 3.84
CA PHE A 50 26.60 36.57 4.01
C PHE A 50 27.69 35.57 4.46
N ALA A 51 28.85 35.65 3.83
CA ALA A 51 29.99 34.79 4.20
C ALA A 51 30.47 35.03 5.65
N ARG A 52 30.65 36.30 6.04
CA ARG A 52 31.10 36.63 7.41
C ARG A 52 30.02 36.26 8.44
N ASP A 53 28.74 36.35 8.07
CA ASP A 53 27.67 36.00 9.00
C ASP A 53 27.45 34.48 9.17
N ASN A 54 27.97 33.69 8.24
CA ASN A 54 27.69 32.23 8.21
C ASN A 54 28.94 31.33 8.15
N PRO A 55 29.86 31.49 9.13
CA PRO A 55 31.15 30.77 9.07
C PRO A 55 31.03 29.24 9.23
N VAL A 56 30.06 28.77 10.02
CA VAL A 56 29.83 27.33 10.17
C VAL A 56 29.31 26.74 8.84
N SER A 57 28.35 27.39 8.16
CA SER A 57 27.97 26.97 6.79
C SER A 57 29.17 26.95 5.83
N ALA A 58 30.05 27.94 5.94
CA ALA A 58 31.25 27.99 5.07
C ALA A 58 32.12 26.75 5.23
N GLY A 59 32.38 26.37 6.49
CA GLY A 59 33.14 25.16 6.80
C GLY A 59 32.46 23.85 6.36
N HIS A 60 31.13 23.77 6.48
CA HIS A 60 30.37 22.59 5.99
C HIS A 60 30.56 22.42 4.47
N HIS A 61 30.60 23.54 3.75
CA HIS A 61 30.77 23.48 2.28
C HIS A 61 32.12 22.86 1.93
N GLU A 62 33.18 23.32 2.60
CA GLU A 62 34.50 22.75 2.33
C GLU A 62 34.55 21.25 2.61
N ARG A 63 33.95 20.81 3.71
CA ARG A 63 33.89 19.37 4.00
C ARG A 63 33.04 18.61 2.96
N ALA A 64 31.83 19.12 2.65
CA ALA A 64 30.94 18.46 1.65
C ALA A 64 31.61 18.25 0.32
N ARG A 65 32.53 19.15 -0.09
CA ARG A 65 33.20 19.05 -1.40
C ARG A 65 34.04 17.81 -1.54
N ARG A 66 34.45 17.25 -0.40
CA ARG A 66 35.23 16.02 -0.42
C ARG A 66 34.47 14.77 -0.87
N SER A 67 33.13 14.76 -0.77
N SER A 67 33.13 14.75 -0.73
CA SER A 67 32.35 13.55 -1.11
CA SER A 67 32.35 13.55 -1.07
C SER A 67 31.31 13.71 -2.23
C SER A 67 31.29 13.71 -2.19
N MET A 68 30.87 14.95 -2.47
CA MET A 68 29.93 15.26 -3.57
C MET A 68 30.54 16.35 -4.44
N PRO A 69 30.28 16.33 -5.77
CA PRO A 69 30.89 17.33 -6.68
C PRO A 69 30.43 18.72 -6.30
N GLY A 70 31.38 19.62 -5.99
CA GLY A 70 30.99 20.92 -5.45
C GLY A 70 30.22 20.90 -4.13
N GLY A 71 30.31 19.82 -3.35
CA GLY A 71 29.52 19.72 -2.11
C GLY A 71 28.00 19.64 -2.31
N ASN A 72 27.59 19.14 -3.48
CA ASN A 72 26.23 19.28 -3.98
C ASN A 72 25.64 17.94 -4.53
N THR A 73 24.35 17.68 -4.27
CA THR A 73 23.66 16.50 -4.89
C THR A 73 22.31 16.88 -5.58
N ARG A 74 22.04 18.17 -5.60
CA ARG A 74 20.82 18.73 -6.17
C ARG A 74 21.18 20.15 -6.62
N SER A 75 21.44 20.33 -7.93
CA SER A 75 22.10 21.52 -8.44
C SER A 75 21.46 22.85 -7.99
N ILE A 76 20.13 22.86 -7.89
CA ILE A 76 19.41 24.10 -7.60
C ILE A 76 19.66 24.62 -6.16
N LEU A 77 20.18 23.77 -5.30
CA LEU A 77 20.51 24.14 -3.93
C LEU A 77 21.83 24.95 -3.82
N PHE A 78 22.71 24.82 -4.81
CA PHE A 78 23.95 25.62 -4.79
C PHE A 78 23.76 27.09 -5.21
N HIS A 79 24.33 27.99 -4.44
CA HIS A 79 24.51 29.38 -4.90
C HIS A 79 25.83 29.84 -4.30
N ARG A 80 26.44 30.82 -4.94
CA ARG A 80 27.68 31.39 -4.44
C ARG A 80 27.34 32.32 -3.29
N PRO A 81 28.28 32.55 -2.34
CA PRO A 81 29.63 31.98 -2.16
C PRO A 81 29.53 30.51 -1.75
N PHE A 82 28.47 30.17 -0.99
CA PHE A 82 28.14 28.79 -0.60
C PHE A 82 26.69 28.79 -0.09
N PRO A 83 26.01 27.63 -0.12
CA PRO A 83 24.63 27.56 0.36
C PRO A 83 24.52 27.56 1.89
N LEU A 84 23.38 28.01 2.43
CA LEU A 84 23.12 27.80 3.87
C LEU A 84 22.91 26.34 4.16
N VAL A 85 23.48 25.86 5.27
CA VAL A 85 23.16 24.55 5.81
C VAL A 85 22.15 24.73 6.96
N ILE A 86 21.03 24.01 6.87
CA ILE A 86 20.01 24.11 7.91
C ILE A 86 20.23 23.05 9.02
N ALA A 87 19.96 23.41 10.26
CA ALA A 87 20.07 22.52 11.40
C ALA A 87 18.76 21.80 11.69
N GLN A 88 17.66 22.55 11.64
CA GLN A 88 16.41 22.02 12.17
C GLN A 88 15.31 22.93 11.75
N GLY A 89 14.09 22.42 11.62
CA GLY A 89 12.94 23.26 11.42
C GLY A 89 11.62 22.64 11.89
N THR A 90 10.67 23.52 12.17
CA THR A 90 9.31 23.14 12.55
C THR A 90 8.32 24.10 11.91
N GLY A 91 7.13 23.62 11.57
CA GLY A 91 6.11 24.47 10.97
C GLY A 91 6.64 25.16 9.71
N SER A 92 6.49 26.48 9.67
CA SER A 92 6.94 27.28 8.54
C SER A 92 8.37 27.82 8.71
N ARG A 93 9.02 27.47 9.81
CA ARG A 93 10.29 28.14 10.17
C ARG A 93 11.48 27.18 10.20
N PHE A 94 12.69 27.68 9.93
CA PHE A 94 13.89 26.85 10.14
C PHE A 94 15.05 27.65 10.67
N GLN A 95 16.08 26.93 11.12
CA GLN A 95 17.27 27.58 11.67
C GLN A 95 18.52 27.01 11.04
N ASP A 96 19.46 27.90 10.69
CA ASP A 96 20.68 27.48 10.01
C ASP A 96 21.72 27.13 11.06
N VAL A 97 22.82 26.52 10.62
CA VAL A 97 23.85 26.05 11.54
C VAL A 97 24.61 27.18 12.23
N ASP A 98 24.42 28.41 11.78
CA ASP A 98 25.01 29.59 12.46
C ASP A 98 24.02 30.27 13.42
N GLY A 99 22.84 29.68 13.56
CA GLY A 99 21.84 30.15 14.54
C GLY A 99 20.82 31.16 14.06
N HIS A 100 20.77 31.46 12.77
CA HIS A 100 19.77 32.43 12.28
C HIS A 100 18.47 31.70 11.98
N ALA A 101 17.35 32.39 12.20
CA ALA A 101 16.01 31.85 11.92
C ALA A 101 15.37 32.52 10.72
N TYR A 102 14.58 31.76 9.96
CA TYR A 102 13.91 32.25 8.76
C TYR A 102 12.51 31.65 8.65
N VAL A 103 11.62 32.37 7.99
CA VAL A 103 10.37 31.79 7.51
C VAL A 103 10.63 31.24 6.08
N ASN A 104 10.15 30.02 5.84
CA ASN A 104 10.47 29.31 4.60
C ASN A 104 9.36 29.56 3.58
N PHE A 105 9.59 30.54 2.71
CA PHE A 105 8.68 30.87 1.60
C PHE A 105 8.97 30.06 0.36
N LEU A 106 10.08 29.32 0.37
CA LEU A 106 10.49 28.48 -0.78
C LEU A 106 9.61 27.22 -0.83
N GLY A 107 9.39 26.59 0.32
CA GLY A 107 8.39 25.48 0.37
C GLY A 107 8.78 24.29 -0.52
N GLU A 108 10.08 23.96 -0.52
CA GLU A 108 10.65 22.85 -1.32
C GLU A 108 10.22 22.89 -2.79
N TYR A 109 10.28 24.08 -3.40
CA TYR A 109 9.92 24.23 -4.82
C TYR A 109 8.56 23.62 -5.10
N THR A 110 7.61 23.87 -4.19
CA THR A 110 6.16 23.51 -4.24
C THR A 110 5.85 22.17 -3.64
N ALA A 111 6.88 21.39 -3.33
CA ALA A 111 6.64 20.09 -2.70
C ALA A 111 6.33 20.17 -1.20
N GLY A 112 6.82 21.23 -0.55
CA GLY A 112 6.78 21.38 0.92
C GLY A 112 5.51 22.10 1.34
N LEU A 113 4.36 21.60 0.88
CA LEU A 113 3.08 22.23 1.13
C LEU A 113 2.65 22.21 2.62
N PHE A 114 3.27 21.34 3.40
CA PHE A 114 2.77 20.99 4.74
C PHE A 114 3.62 21.53 5.88
N GLY A 115 4.66 22.29 5.51
CA GLY A 115 5.69 22.73 6.46
C GLY A 115 6.64 21.60 6.85
N HIS A 116 7.44 21.84 7.88
CA HIS A 116 8.50 20.91 8.24
C HIS A 116 8.08 19.85 9.25
N SER A 117 6.87 19.95 9.80
CA SER A 117 6.45 19.02 10.87
C SER A 117 4.92 18.87 11.02
N HIS A 118 4.22 18.56 9.92
CA HIS A 118 2.76 18.54 9.94
C HIS A 118 2.27 17.32 10.71
N PRO A 119 1.32 17.50 11.66
CA PRO A 119 1.01 16.35 12.52
C PRO A 119 0.27 15.22 11.79
N VAL A 120 -0.46 15.56 10.74
CA VAL A 120 -1.19 14.58 9.96
C VAL A 120 -0.20 13.80 9.08
N ILE A 121 0.80 14.49 8.52
CA ILE A 121 1.87 13.76 7.80
C ILE A 121 2.58 12.79 8.73
N ARG A 122 2.96 13.30 9.90
CA ARG A 122 3.62 12.49 10.93
C ARG A 122 2.82 11.21 11.31
N ALA A 123 1.51 11.38 11.49
CA ALA A 123 0.66 10.25 11.80
C ALA A 123 0.61 9.24 10.65
N ALA A 124 0.63 9.75 9.42
CA ALA A 124 0.69 8.87 8.25
C ALA A 124 1.99 8.06 8.21
N VAL A 125 3.12 8.69 8.57
CA VAL A 125 4.42 7.98 8.66
C VAL A 125 4.39 6.87 9.73
N GLU A 126 3.84 7.20 10.90
CA GLU A 126 3.68 6.24 11.99
C GLU A 126 2.82 5.03 11.56
N ARG A 127 1.74 5.28 10.81
CA ARG A 127 0.92 4.19 10.24
C ARG A 127 1.66 3.32 9.22
N ALA A 128 2.46 3.95 8.35
CA ALA A 128 3.26 3.21 7.35
C ALA A 128 4.22 2.26 8.05
N LEU A 129 4.86 2.75 9.10
CA LEU A 129 5.83 1.96 9.83
C LEU A 129 5.14 0.77 10.50
N ALA A 130 3.91 0.98 10.99
CA ALA A 130 3.07 -0.11 11.58
C ALA A 130 2.64 -1.17 10.57
N VAL A 131 2.28 -0.75 9.37
CA VAL A 131 2.00 -1.68 8.30
C VAL A 131 3.28 -2.54 7.99
N GLY A 132 4.42 -1.86 7.82
CA GLY A 132 5.68 -2.56 7.55
C GLY A 132 6.38 -1.97 6.33
N LEU A 133 7.71 -1.97 6.36
CA LEU A 133 8.52 -1.39 5.26
C LEU A 133 8.94 -2.48 4.28
N ASN A 134 9.12 -2.12 3.02
CA ASN A 134 9.72 -3.05 2.04
C ASN A 134 9.00 -4.41 1.94
N LEU A 135 7.66 -4.38 1.96
CA LEU A 135 6.88 -5.62 1.97
C LEU A 135 6.90 -6.43 0.66
N SER A 136 7.48 -5.88 -0.43
CA SER A 136 7.85 -6.68 -1.61
C SER A 136 6.63 -7.17 -2.40
N THR A 137 5.48 -6.55 -2.12
CA THR A 137 4.18 -6.96 -2.62
C THR A 137 3.25 -5.74 -2.65
N GLN A 138 2.12 -5.87 -3.32
CA GLN A 138 1.03 -4.87 -3.22
C GLN A 138 0.40 -4.83 -1.87
N THR A 139 0.04 -3.61 -1.46
CA THR A 139 -0.85 -3.40 -0.31
C THR A 139 -2.09 -2.63 -0.81
N GLU A 140 -3.11 -2.55 0.04
CA GLU A 140 -4.33 -1.85 -0.33
C GLU A 140 -4.05 -0.34 -0.42
N ASN A 141 -3.03 0.12 0.30
CA ASN A 141 -2.72 1.56 0.38
C ASN A 141 -2.48 2.20 -1.01
N GLU A 142 -1.89 1.44 -1.94
CA GLU A 142 -1.62 1.86 -3.34
C GLU A 142 -2.92 2.17 -4.05
N ALA A 143 -3.86 1.24 -3.91
CA ALA A 143 -5.16 1.35 -4.55
C ALA A 143 -5.92 2.55 -3.99
N LEU A 144 -5.85 2.73 -2.68
CA LEU A 144 -6.58 3.87 -2.07
C LEU A 144 -6.00 5.21 -2.54
N PHE A 145 -4.67 5.30 -2.64
CA PHE A 145 -4.01 6.53 -3.09
C PHE A 145 -4.39 6.80 -4.56
N ALA A 146 -4.37 5.76 -5.37
CA ALA A 146 -4.69 5.87 -6.80
C ALA A 146 -6.14 6.38 -6.99
N GLU A 147 -7.05 5.89 -6.17
CA GLU A 147 -8.48 6.29 -6.25
C GLU A 147 -8.61 7.79 -5.88
N ALA A 148 -7.87 8.24 -4.88
CA ALA A 148 -7.86 9.67 -4.47
C ALA A 148 -7.33 10.58 -5.56
N VAL A 149 -6.31 10.10 -6.27
CA VAL A 149 -5.70 10.88 -7.34
C VAL A 149 -6.69 10.96 -8.51
N CYS A 150 -7.32 9.84 -8.84
CA CYS A 150 -8.29 9.78 -9.92
C CYS A 150 -9.55 10.59 -9.62
N ASP A 151 -10.05 10.55 -8.37
CA ASP A 151 -11.19 11.41 -7.94
C ASP A 151 -10.85 12.88 -8.14
N ARG A 152 -9.61 13.23 -7.83
CA ARG A 152 -9.18 14.62 -7.73
C ARG A 152 -8.88 15.29 -9.09
N PHE A 153 -8.36 14.52 -10.04
CA PHE A 153 -7.90 15.13 -11.31
C PHE A 153 -8.76 14.74 -12.48
N PRO A 154 -9.41 15.76 -13.11
CA PRO A 154 -10.58 15.42 -13.93
C PRO A 154 -10.28 14.67 -15.22
N SER A 155 -9.03 14.72 -15.71
CA SER A 155 -8.68 14.01 -16.96
C SER A 155 -7.81 12.77 -16.71
N ILE A 156 -7.66 12.40 -15.45
CA ILE A 156 -6.91 11.18 -15.12
C ILE A 156 -7.92 10.06 -14.79
N ASP A 157 -8.11 9.13 -15.73
CA ASP A 157 -9.00 7.98 -15.52
C ASP A 157 -8.26 6.84 -14.84
N LEU A 158 -6.97 6.69 -15.15
CA LEU A 158 -6.11 5.64 -14.58
C LEU A 158 -4.74 6.27 -14.30
N VAL A 159 -4.04 5.78 -13.28
CA VAL A 159 -2.81 6.42 -12.84
C VAL A 159 -1.76 5.37 -12.49
N ARG A 160 -0.48 5.74 -12.68
CA ARG A 160 0.62 4.92 -12.17
C ARG A 160 1.60 5.83 -11.43
N PHE A 161 2.16 5.34 -10.31
CA PHE A 161 3.11 6.14 -9.51
C PHE A 161 4.57 5.91 -9.94
N THR A 162 5.38 6.94 -9.81
CA THR A 162 6.83 6.88 -10.05
C THR A 162 7.53 7.45 -8.78
N ASN A 163 8.85 7.60 -8.84
CA ASN A 163 9.59 8.06 -7.69
C ASN A 163 9.99 9.51 -7.85
N SER A 164 9.55 10.13 -8.95
CA SER A 164 9.91 11.52 -9.18
C SER A 164 9.10 12.13 -10.32
N GLY A 165 9.07 13.45 -10.39
CA GLY A 165 8.50 14.11 -11.56
C GLY A 165 9.31 13.81 -12.83
N THR A 166 10.61 13.62 -12.68
CA THR A 166 11.47 13.29 -13.84
C THR A 166 11.01 11.98 -14.44
N GLU A 167 10.80 10.98 -13.60
CA GLU A 167 10.37 9.66 -14.05
C GLU A 167 8.96 9.74 -14.63
N ALA A 168 8.09 10.57 -14.04
CA ALA A 168 6.72 10.72 -14.56
C ALA A 168 6.76 11.28 -16.00
N ASN A 169 7.55 12.34 -16.23
CA ASN A 169 7.65 12.85 -17.61
C ASN A 169 8.34 11.94 -18.63
N LEU A 170 9.37 11.21 -18.20
CA LEU A 170 10.00 10.22 -19.09
C LEU A 170 9.02 9.12 -19.46
N MET A 171 8.28 8.62 -18.47
CA MET A 171 7.29 7.58 -18.73
C MET A 171 6.15 8.08 -19.64
N ALA A 172 5.81 9.36 -19.55
CA ALA A 172 4.75 9.87 -20.43
C ALA A 172 5.28 9.98 -21.89
N LEU A 173 6.54 10.42 -22.04
CA LEU A 173 7.17 10.41 -23.39
C LEU A 173 7.31 9.00 -23.94
N ALA A 174 7.71 8.07 -23.05
CA ALA A 174 7.78 6.64 -23.41
C ALA A 174 6.43 6.10 -23.91
N THR A 175 5.36 6.39 -23.17
CA THR A 175 4.02 6.08 -23.60
C THR A 175 3.70 6.64 -24.99
N ALA A 176 3.94 7.94 -25.20
CA ALA A 176 3.59 8.59 -26.49
C ALA A 176 4.33 8.00 -27.68
N THR A 177 5.65 7.82 -27.56
CA THR A 177 6.47 7.32 -28.67
C THR A 177 6.10 5.85 -28.98
N ALA A 178 5.91 5.06 -27.94
CA ALA A 178 5.53 3.65 -28.13
C ALA A 178 4.16 3.51 -28.78
N ILE A 179 3.19 4.31 -28.33
CA ILE A 179 1.83 4.24 -28.87
C ILE A 179 1.79 4.70 -30.32
N THR A 180 2.35 5.88 -30.60
CA THR A 180 2.27 6.49 -31.94
C THR A 180 3.26 5.92 -32.95
N GLY A 181 4.33 5.30 -32.46
CA GLY A 181 5.45 4.84 -33.30
C GLY A 181 6.31 5.97 -33.87
N ARG A 182 6.10 7.20 -33.38
CA ARG A 182 6.78 8.41 -33.86
C ARG A 182 7.93 8.87 -32.94
N LYS A 183 8.84 9.70 -33.47
CA LYS A 183 9.99 10.13 -32.65
C LYS A 183 10.02 11.60 -32.21
N THR A 184 9.31 12.51 -32.90
CA THR A 184 9.48 13.95 -32.61
C THR A 184 8.66 14.44 -31.39
N VAL A 185 9.27 15.25 -30.52
CA VAL A 185 8.57 15.79 -29.35
C VAL A 185 8.69 17.28 -29.42
N LEU A 186 7.53 17.95 -29.36
CA LEU A 186 7.51 19.39 -29.29
C LEU A 186 7.50 19.80 -27.83
N ALA A 187 8.45 20.64 -27.46
CA ALA A 187 8.41 21.23 -26.13
C ALA A 187 8.82 22.68 -26.26
N PHE A 188 9.01 23.35 -25.13
CA PHE A 188 9.24 24.81 -25.14
C PHE A 188 10.46 25.29 -24.42
N ASP A 189 11.12 26.29 -25.03
CA ASP A 189 12.27 26.94 -24.45
C ASP A 189 11.87 27.60 -23.11
N GLY A 190 12.67 27.38 -22.06
CA GLY A 190 12.28 27.77 -20.70
C GLY A 190 11.53 26.67 -19.91
N GLY A 191 11.03 25.67 -20.64
CA GLY A 191 10.36 24.47 -20.08
C GLY A 191 11.31 23.59 -19.28
N TYR A 192 10.82 23.10 -18.16
CA TYR A 192 11.59 22.23 -17.27
C TYR A 192 10.74 21.01 -16.91
N HIS A 193 11.18 19.81 -17.28
CA HIS A 193 10.42 18.58 -17.08
C HIS A 193 11.25 17.51 -16.32
N GLY A 194 12.34 17.93 -15.69
CA GLY A 194 13.09 16.99 -14.86
C GLY A 194 14.54 16.92 -15.30
N GLY A 195 15.30 16.03 -14.65
CA GLY A 195 16.73 15.94 -14.78
C GLY A 195 17.25 15.54 -16.15
N LEU A 196 16.48 14.72 -16.85
CA LEU A 196 16.81 14.31 -18.21
C LEU A 196 16.02 15.13 -19.28
N LEU A 197 15.21 16.12 -18.87
CA LEU A 197 14.33 16.87 -19.80
C LEU A 197 14.32 18.34 -19.41
N ASN A 198 15.51 18.91 -19.38
CA ASN A 198 15.76 20.29 -18.92
C ASN A 198 15.90 21.20 -20.15
N PHE A 199 14.92 22.06 -20.39
CA PHE A 199 15.02 23.02 -21.49
C PHE A 199 15.04 24.46 -20.94
N ALA A 200 15.36 24.64 -19.64
CA ALA A 200 15.29 25.99 -19.02
C ALA A 200 16.20 26.98 -19.73
N SER A 201 17.33 26.49 -20.24
CA SER A 201 18.28 27.29 -21.05
C SER A 201 18.53 26.68 -22.42
N GLY A 202 17.46 26.28 -23.12
CA GLY A 202 17.61 25.58 -24.40
C GLY A 202 18.05 24.13 -24.24
N HIS A 203 18.57 23.53 -25.31
CA HIS A 203 19.01 22.13 -25.24
C HIS A 203 20.19 21.95 -24.27
N ALA A 204 20.14 20.94 -23.40
CA ALA A 204 21.23 20.66 -22.45
C ALA A 204 21.86 19.38 -22.96
N PRO A 205 23.22 19.35 -23.03
CA PRO A 205 23.93 18.16 -23.50
C PRO A 205 23.62 16.91 -22.66
N THR A 206 23.11 17.06 -21.44
CA THR A 206 22.75 15.88 -20.63
C THR A 206 21.33 15.32 -20.85
N ASN A 207 20.53 15.98 -21.68
CA ASN A 207 19.13 15.51 -21.87
C ASN A 207 19.06 14.13 -22.46
N ALA A 208 18.09 13.30 -22.03
CA ALA A 208 17.74 12.07 -22.78
C ALA A 208 17.54 12.38 -24.27
N PRO A 209 18.09 11.54 -25.15
CA PRO A 209 18.13 11.96 -26.57
C PRO A 209 16.83 11.74 -27.34
N TYR A 210 15.69 12.13 -26.77
CA TYR A 210 14.49 12.33 -27.56
C TYR A 210 14.71 13.39 -28.67
N HIS A 211 14.06 13.21 -29.82
CA HIS A 211 14.13 14.22 -30.88
C HIS A 211 13.23 15.41 -30.54
N VAL A 212 13.77 16.36 -29.78
CA VAL A 212 12.99 17.46 -29.27
C VAL A 212 13.16 18.71 -30.15
N VAL A 213 12.03 19.24 -30.62
CA VAL A 213 11.99 20.54 -31.26
C VAL A 213 11.49 21.50 -30.19
N LEU A 214 12.22 22.61 -29.98
CA LEU A 214 11.77 23.65 -29.07
C LEU A 214 11.06 24.84 -29.73
N GLY A 215 9.85 25.14 -29.25
CA GLY A 215 9.16 26.39 -29.60
C GLY A 215 9.39 27.48 -28.57
N VAL A 216 8.77 28.62 -28.83
CA VAL A 216 8.76 29.72 -27.89
C VAL A 216 7.41 29.69 -27.12
N TYR A 217 7.49 29.74 -25.79
CA TYR A 217 6.30 29.66 -24.93
C TYR A 217 5.38 30.83 -25.28
N ASN A 218 4.08 30.54 -25.39
CA ASN A 218 3.02 31.53 -25.65
C ASN A 218 3.00 32.14 -27.09
N ASP A 219 3.84 31.61 -27.97
CA ASP A 219 3.97 32.13 -29.34
C ASP A 219 3.05 31.36 -30.27
N VAL A 220 1.85 31.89 -30.50
CA VAL A 220 0.84 31.17 -31.28
C VAL A 220 1.34 30.91 -32.72
N GLU A 221 1.69 31.99 -33.42
CA GLU A 221 2.05 31.89 -34.85
C GLU A 221 3.34 31.06 -35.08
N GLY A 222 4.40 31.39 -34.34
CA GLY A 222 5.61 30.56 -34.39
C GLY A 222 5.33 29.10 -34.08
N THR A 223 4.49 28.82 -33.07
CA THR A 223 4.23 27.40 -32.72
C THR A 223 3.38 26.72 -33.79
N ALA A 224 2.46 27.46 -34.40
CA ALA A 224 1.62 26.88 -35.46
C ALA A 224 2.49 26.48 -36.67
N ASP A 225 3.49 27.31 -36.99
CA ASP A 225 4.46 27.00 -38.06
C ASP A 225 5.27 25.74 -37.74
N LEU A 226 5.76 25.61 -36.51
CA LEU A 226 6.46 24.36 -36.13
C LEU A 226 5.55 23.12 -36.25
N LEU A 227 4.28 23.25 -35.88
CA LEU A 227 3.37 22.09 -36.02
C LEU A 227 3.04 21.75 -37.49
N LYS A 228 3.09 22.75 -38.36
CA LYS A 228 2.90 22.45 -39.80
C LYS A 228 4.10 21.73 -40.41
N ARG A 229 5.31 22.09 -39.97
CA ARG A 229 6.54 21.42 -40.41
C ARG A 229 6.74 20.04 -39.82
N HIS A 230 6.33 19.86 -38.55
CA HIS A 230 6.73 18.67 -37.78
C HIS A 230 5.56 17.81 -37.32
N GLY A 231 4.35 18.37 -37.41
CA GLY A 231 3.14 17.76 -36.84
C GLY A 231 2.90 16.29 -37.14
N HIS A 232 3.10 15.92 -38.40
CA HIS A 232 2.89 14.54 -38.86
C HIS A 232 3.80 13.48 -38.18
N ASP A 233 4.93 13.91 -37.63
CA ASP A 233 5.77 12.95 -36.92
C ASP A 233 5.94 13.30 -35.43
N CYS A 234 4.98 14.05 -34.91
N CYS A 234 5.03 14.09 -34.90
CA CYS A 234 4.96 14.42 -33.50
CA CYS A 234 5.06 14.42 -33.47
C CYS A 234 4.34 13.30 -32.63
C CYS A 234 4.37 13.36 -32.61
N ALA A 235 5.14 12.64 -31.79
CA ALA A 235 4.59 11.68 -30.78
C ALA A 235 3.81 12.40 -29.68
N ALA A 236 4.31 13.60 -29.33
CA ALA A 236 3.87 14.34 -28.12
C ALA A 236 4.18 15.82 -28.17
N ILE A 237 3.29 16.59 -27.56
CA ILE A 237 3.53 17.97 -27.17
C ILE A 237 3.60 17.97 -25.63
N LEU A 238 4.72 18.43 -25.09
CA LEU A 238 4.98 18.44 -23.64
C LEU A 238 5.10 19.89 -23.20
N VAL A 239 4.24 20.28 -22.25
CA VAL A 239 4.14 21.68 -21.84
C VAL A 239 3.63 21.83 -20.41
N GLU A 240 4.19 22.79 -19.67
CA GLU A 240 3.66 23.15 -18.35
C GLU A 240 2.57 24.19 -18.56
N PRO A 241 1.44 24.12 -17.80
CA PRO A 241 0.43 25.20 -18.02
C PRO A 241 0.89 26.57 -17.49
N MET A 242 2.02 26.57 -16.78
CA MET A 242 2.72 27.76 -16.28
C MET A 242 4.17 27.34 -16.12
N LEU A 243 5.10 28.12 -16.68
CA LEU A 243 6.53 27.75 -16.58
C LEU A 243 6.86 27.86 -15.10
N GLY A 244 7.40 26.79 -14.51
CA GLY A 244 7.73 26.85 -13.08
C GLY A 244 9.14 27.40 -12.84
N ALA A 245 10.14 26.52 -12.96
CA ALA A 245 11.56 26.90 -12.93
C ALA A 245 11.85 28.03 -13.89
N GLY A 246 11.11 28.05 -15.01
CA GLY A 246 11.32 29.03 -16.07
C GLY A 246 10.81 30.43 -15.72
N GLY A 247 10.16 30.60 -14.57
CA GLY A 247 9.82 31.95 -14.06
C GLY A 247 8.39 32.23 -13.58
N CYS A 248 7.57 31.19 -13.35
CA CYS A 248 6.14 31.37 -12.99
C CYS A 248 5.42 32.23 -14.03
N VAL A 249 5.44 31.75 -15.29
CA VAL A 249 4.91 32.48 -16.43
C VAL A 249 3.64 31.75 -16.86
N PRO A 250 2.43 32.34 -16.62
CA PRO A 250 1.21 31.63 -17.00
C PRO A 250 1.12 31.40 -18.51
N ALA A 251 0.62 30.23 -18.91
CA ALA A 251 0.28 30.01 -20.30
C ALA A 251 -1.01 30.79 -20.64
N GLU A 252 -1.06 31.36 -21.84
CA GLU A 252 -2.28 32.07 -22.28
C GLU A 252 -3.19 31.11 -22.98
N ARG A 253 -4.51 31.38 -22.97
CA ARG A 253 -5.49 30.43 -23.52
C ARG A 253 -5.31 30.15 -25.00
N ALA A 254 -5.05 31.19 -25.80
CA ALA A 254 -4.94 30.99 -27.24
C ALA A 254 -3.79 30.00 -27.56
N PHE A 255 -2.74 30.03 -26.73
CA PHE A 255 -1.59 29.11 -26.87
C PHE A 255 -1.97 27.67 -26.53
N LEU A 256 -2.54 27.46 -25.33
CA LEU A 256 -3.01 26.14 -24.95
C LEU A 256 -4.14 25.58 -25.85
N ASP A 257 -5.10 26.42 -26.29
CA ASP A 257 -6.07 25.98 -27.35
C ASP A 257 -5.43 25.51 -28.65
N LEU A 258 -4.43 26.25 -29.14
CA LEU A 258 -3.64 25.81 -30.30
C LEU A 258 -3.06 24.41 -30.08
N LEU A 259 -2.43 24.21 -28.90
CA LEU A 259 -1.75 22.93 -28.64
C LEU A 259 -2.75 21.82 -28.59
N ARG A 260 -3.89 22.05 -27.91
CA ARG A 260 -4.94 21.05 -27.80
C ARG A 260 -5.53 20.67 -29.16
N ALA A 261 -5.82 21.66 -29.99
CA ALA A 261 -6.42 21.39 -31.31
C ALA A 261 -5.42 20.69 -32.25
N GLU A 262 -4.19 21.18 -32.30
CA GLU A 262 -3.18 20.59 -33.19
C GLU A 262 -2.73 19.19 -32.75
N ALA A 263 -2.68 18.95 -31.44
CA ALA A 263 -2.33 17.59 -30.99
C ALA A 263 -3.33 16.60 -31.57
N SER A 264 -4.62 16.91 -31.39
CA SER A 264 -5.68 16.07 -31.92
C SER A 264 -5.59 15.93 -33.43
N ARG A 265 -5.43 17.05 -34.13
CA ARG A 265 -5.37 17.03 -35.61
C ARG A 265 -4.25 16.12 -36.12
N CYS A 266 -3.05 16.30 -35.58
N CYS A 266 -3.05 16.29 -35.61
CA CYS A 266 -1.86 15.56 -36.02
CA CYS A 266 -1.93 15.47 -36.13
C CYS A 266 -1.79 14.12 -35.46
C CYS A 266 -1.77 14.10 -35.45
N GLY A 267 -2.46 13.87 -34.34
CA GLY A 267 -2.40 12.53 -33.66
C GLY A 267 -1.19 12.38 -32.69
N ALA A 268 -0.75 13.53 -32.16
CA ALA A 268 0.24 13.58 -31.05
C ALA A 268 -0.48 13.57 -29.70
N LEU A 269 0.14 13.01 -28.66
CA LEU A 269 -0.47 13.10 -27.32
C LEU A 269 -0.10 14.44 -26.73
N LEU A 270 -1.10 15.18 -26.28
CA LEU A 270 -0.86 16.38 -25.51
C LEU A 270 -0.60 15.94 -24.06
N ILE A 271 0.59 16.25 -23.54
CA ILE A 271 0.96 15.98 -22.15
C ILE A 271 1.09 17.28 -21.35
N PHE A 272 0.23 17.46 -20.34
CA PHE A 272 0.39 18.66 -19.53
C PHE A 272 1.23 18.23 -18.35
N ASP A 273 2.38 18.86 -18.19
CA ASP A 273 3.22 18.65 -17.05
C ASP A 273 2.64 19.51 -15.93
N GLU A 274 1.87 18.89 -15.00
CA GLU A 274 1.28 19.59 -13.84
C GLU A 274 2.04 19.28 -12.55
N VAL A 275 3.31 18.93 -12.69
CA VAL A 275 4.15 18.66 -11.52
C VAL A 275 4.09 19.84 -10.53
N MET A 276 4.17 21.08 -11.00
CA MET A 276 3.92 22.22 -10.13
C MET A 276 2.49 22.73 -10.15
N THR A 277 1.89 22.82 -11.35
CA THR A 277 0.58 23.48 -11.44
C THR A 277 -0.63 22.69 -10.86
N SER A 278 -0.47 21.40 -10.57
CA SER A 278 -1.61 20.60 -10.04
C SER A 278 -2.21 21.17 -8.73
N ARG A 279 -1.44 21.93 -7.97
CA ARG A 279 -1.94 22.46 -6.71
C ARG A 279 -2.94 23.61 -6.91
N LEU A 280 -3.01 24.18 -8.13
CA LEU A 280 -3.62 25.52 -8.30
C LEU A 280 -5.17 25.54 -8.12
N SER A 281 -5.82 24.40 -8.34
CA SER A 281 -7.20 24.22 -7.86
C SER A 281 -7.36 22.76 -7.49
N GLY A 282 -8.57 22.35 -7.08
CA GLY A 282 -8.79 20.94 -6.74
C GLY A 282 -8.35 20.03 -7.86
N GLY A 283 -8.55 20.48 -9.10
CA GLY A 283 -8.18 19.67 -10.27
C GLY A 283 -7.07 20.29 -11.13
N GLY A 284 -6.20 21.10 -10.51
CA GLY A 284 -5.08 21.72 -11.21
C GLY A 284 -5.48 22.66 -12.32
N ALA A 285 -4.55 22.92 -13.23
CA ALA A 285 -4.80 23.92 -14.30
C ALA A 285 -5.89 23.47 -15.28
N GLN A 286 -5.99 22.16 -15.53
CA GLN A 286 -7.02 21.65 -16.42
C GLN A 286 -8.45 21.98 -15.96
N GLU A 287 -8.71 21.90 -14.66
CA GLU A 287 -10.04 22.30 -14.14
C GLU A 287 -10.21 23.81 -14.31
N MET A 288 -9.17 24.59 -14.00
CA MET A 288 -9.25 26.04 -14.15
C MET A 288 -9.55 26.45 -15.60
N LEU A 289 -9.01 25.69 -16.55
CA LEU A 289 -9.03 26.04 -17.97
C LEU A 289 -10.20 25.47 -18.73
N GLY A 290 -10.75 24.35 -18.28
CA GLY A 290 -11.63 23.53 -19.11
C GLY A 290 -10.91 22.96 -20.32
N ILE A 291 -9.62 22.70 -20.23
CA ILE A 291 -8.89 22.03 -21.33
C ILE A 291 -8.36 20.72 -20.76
N SER A 292 -8.65 19.60 -21.43
CA SER A 292 -8.16 18.26 -21.06
C SER A 292 -6.95 17.83 -21.90
N ALA A 293 -5.87 17.43 -21.22
CA ALA A 293 -4.74 16.78 -21.86
C ALA A 293 -4.96 15.27 -22.01
N ASP A 294 -4.23 14.67 -22.94
CA ASP A 294 -4.24 13.23 -23.13
C ASP A 294 -3.55 12.46 -21.98
N LEU A 295 -2.41 12.99 -21.53
CA LEU A 295 -1.73 12.49 -20.32
C LEU A 295 -1.37 13.67 -19.42
N THR A 296 -1.31 13.40 -18.13
CA THR A 296 -0.98 14.43 -17.15
C THR A 296 0.11 13.84 -16.24
N THR A 297 1.13 14.65 -15.96
CA THR A 297 2.20 14.26 -15.03
C THR A 297 2.10 15.07 -13.75
N LEU A 298 2.47 14.43 -12.64
CA LEU A 298 2.25 14.94 -11.28
C LEU A 298 3.50 14.69 -10.43
N GLY A 299 3.67 15.49 -9.38
CA GLY A 299 4.85 15.35 -8.52
C GLY A 299 4.67 16.19 -7.27
N LYS A 300 5.80 16.55 -6.67
CA LYS A 300 5.89 17.54 -5.61
C LYS A 300 5.07 17.10 -4.35
N TYR A 301 3.99 17.82 -4.00
CA TYR A 301 3.34 17.71 -2.68
C TYR A 301 2.37 16.51 -2.53
N ILE A 302 1.99 15.88 -3.64
CA ILE A 302 0.88 14.92 -3.68
C ILE A 302 1.19 13.68 -2.85
N GLY A 303 2.48 13.32 -2.79
CA GLY A 303 2.93 12.25 -1.91
C GLY A 303 3.20 12.66 -0.46
N GLY A 304 2.61 13.79 0.00
CA GLY A 304 2.74 14.18 1.42
C GLY A 304 4.14 14.68 1.80
N GLY A 305 4.95 15.02 0.80
CA GLY A 305 6.36 15.37 1.01
C GLY A 305 7.33 14.19 0.98
N MET A 306 6.81 12.97 0.76
CA MET A 306 7.66 11.78 0.50
C MET A 306 8.05 11.79 -0.98
N SER A 307 9.02 10.95 -1.37
CA SER A 307 9.35 10.79 -2.80
C SER A 307 8.08 10.43 -3.59
N PHE A 308 7.93 11.01 -4.77
CA PHE A 308 6.67 10.90 -5.51
C PHE A 308 6.74 11.49 -6.91
N GLY A 309 6.12 10.77 -7.85
CA GLY A 309 5.68 11.32 -9.11
C GLY A 309 4.47 10.52 -9.55
N ALA A 310 3.78 10.95 -10.59
CA ALA A 310 2.78 10.04 -11.19
C ALA A 310 2.51 10.44 -12.66
N PHE A 311 2.11 9.45 -13.45
CA PHE A 311 1.59 9.75 -14.78
C PHE A 311 0.26 9.06 -14.97
N GLY A 312 -0.68 9.77 -15.57
CA GLY A 312 -2.04 9.22 -15.77
C GLY A 312 -2.70 9.97 -16.93
N GLY A 313 -3.94 9.60 -17.26
CA GLY A 313 -4.65 10.28 -18.36
C GLY A 313 -5.78 9.38 -18.85
N ARG A 314 -6.09 9.53 -20.13
CA ARG A 314 -7.18 8.81 -20.80
C ARG A 314 -7.03 7.29 -20.63
N ARG A 315 -8.16 6.64 -20.31
CA ARG A 315 -8.23 5.20 -20.10
C ARG A 315 -7.55 4.36 -21.19
N ASP A 316 -7.85 4.66 -22.45
CA ASP A 316 -7.39 3.83 -23.57
C ASP A 316 -5.85 3.86 -23.73
N LEU A 317 -5.24 4.98 -23.35
CA LEU A 317 -3.76 5.13 -23.38
C LEU A 317 -3.10 4.38 -22.22
N MET A 318 -3.59 4.64 -21.02
CA MET A 318 -3.02 4.03 -19.82
C MET A 318 -3.24 2.50 -19.74
N GLU A 319 -4.33 1.98 -20.32
CA GLU A 319 -4.54 0.51 -20.39
C GLU A 319 -3.42 -0.29 -21.08
N ARG A 320 -2.60 0.39 -21.89
CA ARG A 320 -1.44 -0.26 -22.51
C ARG A 320 -0.46 -0.83 -21.45
N PHE A 321 -0.57 -0.32 -20.21
CA PHE A 321 0.23 -0.83 -19.07
C PHE A 321 -0.39 -1.98 -18.29
N ASP A 322 -1.59 -2.44 -18.67
CA ASP A 322 -2.24 -3.55 -17.96
C ASP A 322 -1.41 -4.83 -18.18
N PRO A 323 -0.75 -5.37 -17.10
CA PRO A 323 0.19 -6.49 -17.35
C PRO A 323 -0.50 -7.78 -17.78
N ALA A 324 -1.83 -7.84 -17.70
CA ALA A 324 -2.50 -9.02 -18.25
C ALA A 324 -2.60 -8.96 -19.78
N ARG A 325 -2.32 -7.80 -20.39
CA ARG A 325 -2.52 -7.61 -21.85
C ARG A 325 -1.33 -8.09 -22.70
N ASP A 326 -1.63 -8.68 -23.86
CA ASP A 326 -0.56 -9.15 -24.74
C ASP A 326 0.20 -7.99 -25.33
N GLY A 327 1.50 -7.96 -25.08
CA GLY A 327 2.33 -6.82 -25.46
C GLY A 327 2.21 -5.63 -24.53
N ALA A 328 1.87 -5.91 -23.27
CA ALA A 328 1.77 -4.89 -22.23
C ALA A 328 3.07 -4.08 -22.19
N PHE A 329 2.97 -2.76 -22.01
CA PHE A 329 4.17 -1.96 -21.76
C PHE A 329 4.63 -2.29 -20.32
N ALA A 330 5.95 -2.39 -20.10
CA ALA A 330 6.49 -2.64 -18.78
C ALA A 330 6.83 -1.34 -18.05
N HIS A 331 6.52 -1.28 -16.76
CA HIS A 331 6.89 -0.15 -15.92
C HIS A 331 7.09 -0.61 -14.49
N ALA A 332 8.32 -1.01 -14.17
CA ALA A 332 8.66 -1.44 -12.83
C ALA A 332 9.23 -0.21 -12.08
N GLY A 333 9.96 -0.41 -10.99
CA GLY A 333 10.48 0.70 -10.21
C GLY A 333 10.35 0.30 -8.75
N THR A 334 11.48 0.09 -8.10
CA THR A 334 11.49 -0.53 -6.76
C THR A 334 10.57 0.18 -5.78
N PHE A 335 10.63 1.51 -5.79
CA PHE A 335 9.91 2.32 -4.80
C PHE A 335 8.58 2.93 -5.30
N ASN A 336 8.12 2.57 -6.49
CA ASN A 336 6.84 3.12 -7.02
C ASN A 336 5.70 3.11 -5.97
N ASN A 337 5.52 1.97 -5.29
CA ASN A 337 4.40 1.74 -4.39
C ASN A 337 4.83 1.71 -2.93
N ASN A 338 5.94 2.37 -2.61
CA ASN A 338 6.45 2.32 -1.25
C ASN A 338 5.42 2.84 -0.24
N ILE A 339 5.36 2.18 0.91
CA ILE A 339 4.31 2.44 1.89
C ILE A 339 4.28 3.90 2.40
N LEU A 340 5.44 4.52 2.60
CA LEU A 340 5.46 5.86 3.17
C LEU A 340 4.77 6.86 2.21
N THR A 341 5.11 6.78 0.92
CA THR A 341 4.47 7.65 -0.08
C THR A 341 2.98 7.33 -0.21
N MET A 342 2.62 6.04 -0.31
CA MET A 342 1.19 5.65 -0.45
C MET A 342 0.37 6.19 0.73
N SER A 343 0.89 6.03 1.95
N SER A 343 0.89 6.00 1.94
CA SER A 343 0.17 6.49 3.15
CA SER A 343 0.24 6.47 3.17
C SER A 343 0.16 8.02 3.33
C SER A 343 0.16 8.01 3.25
N ALA A 344 1.32 8.68 3.19
CA ALA A 344 1.37 10.15 3.35
C ALA A 344 0.59 10.83 2.25
N GLY A 345 0.66 10.23 1.05
CA GLY A 345 0.01 10.84 -0.09
C GLY A 345 -1.51 10.81 0.04
N HIS A 346 -2.05 9.66 0.46
CA HIS A 346 -3.51 9.56 0.67
C HIS A 346 -3.97 10.61 1.72
N ALA A 347 -3.19 10.73 2.79
CA ALA A 347 -3.43 11.75 3.83
C ALA A 347 -3.36 13.19 3.28
N ALA A 348 -2.36 13.46 2.43
CA ALA A 348 -2.18 14.80 1.84
C ALA A 348 -3.42 15.19 1.04
N LEU A 349 -3.88 14.28 0.18
CA LEU A 349 -4.98 14.59 -0.71
C LEU A 349 -6.34 14.55 -0.05
N THR A 350 -6.51 13.68 0.95
CA THR A 350 -7.87 13.48 1.48
C THR A 350 -8.10 14.15 2.81
N GLN A 351 -7.04 14.32 3.61
CA GLN A 351 -7.21 14.88 4.93
C GLN A 351 -6.65 16.27 5.08
N ILE A 352 -5.72 16.68 4.21
CA ILE A 352 -5.06 17.98 4.44
C ILE A 352 -5.39 18.95 3.34
N TYR A 353 -4.92 18.64 2.13
CA TYR A 353 -5.07 19.55 1.01
C TYR A 353 -6.20 19.09 0.11
N THR A 354 -7.42 19.23 0.63
CA THR A 354 -8.64 18.93 -0.05
C THR A 354 -8.85 19.90 -1.20
N ARG A 355 -9.89 19.66 -2.00
CA ARG A 355 -10.12 20.55 -3.15
C ARG A 355 -10.45 21.96 -2.65
N GLN A 356 -11.20 22.07 -1.53
CA GLN A 356 -11.56 23.39 -0.98
C GLN A 356 -10.30 24.10 -0.49
N ALA A 357 -9.41 23.35 0.17
CA ALA A 357 -8.14 23.91 0.73
C ALA A 357 -7.31 24.46 -0.42
N ALA A 358 -7.35 23.77 -1.56
CA ALA A 358 -6.66 24.25 -2.78
C ALA A 358 -7.22 25.59 -3.32
N SER A 359 -8.55 25.69 -3.44
N SER A 359 -8.55 25.68 -3.44
CA SER A 359 -9.18 26.96 -3.83
CA SER A 359 -9.19 26.94 -3.83
C SER A 359 -8.78 28.05 -2.84
C SER A 359 -8.85 28.06 -2.85
N ASP A 360 -8.90 27.76 -1.54
CA ASP A 360 -8.61 28.78 -0.50
C ASP A 360 -7.15 29.24 -0.52
N LEU A 361 -6.21 28.31 -0.69
CA LEU A 361 -4.77 28.65 -0.78
C LEU A 361 -4.47 29.46 -2.05
N SER A 362 -5.07 29.10 -3.17
CA SER A 362 -4.83 29.89 -4.39
C SER A 362 -5.44 31.29 -4.27
N ALA A 363 -6.60 31.41 -3.63
CA ALA A 363 -7.19 32.74 -3.39
C ALA A 363 -6.29 33.59 -2.44
N SER A 364 -5.83 32.95 -1.37
CA SER A 364 -4.84 33.58 -0.48
C SER A 364 -3.57 34.07 -1.24
N GLY A 365 -3.03 33.19 -2.08
CA GLY A 365 -1.87 33.50 -2.91
C GLY A 365 -2.13 34.62 -3.92
N ASP A 366 -3.30 34.62 -4.56
CA ASP A 366 -3.66 35.70 -5.53
C ASP A 366 -3.71 37.08 -4.85
N ARG A 367 -4.24 37.11 -3.63
CA ARG A 367 -4.27 38.32 -2.80
C ARG A 367 -2.88 38.77 -2.37
N PHE A 368 -2.03 37.81 -2.01
CA PHE A 368 -0.63 38.07 -1.65
C PHE A 368 0.12 38.69 -2.83
N ARG A 369 -0.01 38.05 -3.99
CA ARG A 369 0.74 38.47 -5.18
C ARG A 369 0.30 39.88 -5.61
N ALA A 370 -1.02 40.11 -5.59
CA ALA A 370 -1.61 41.41 -5.93
C ALA A 370 -1.10 42.49 -4.97
N ASN A 371 -1.05 42.20 -3.68
CA ASN A 371 -0.47 43.14 -2.73
C ASN A 371 1.01 43.48 -3.03
N LEU A 372 1.80 42.50 -3.45
CA LEU A 372 3.22 42.72 -3.78
C LEU A 372 3.38 43.60 -5.04
N ASN A 373 2.53 43.39 -6.04
CA ASN A 373 2.54 44.24 -7.24
C ASN A 373 2.06 45.67 -6.99
N ARG A 374 1.06 45.82 -6.10
CA ARG A 374 0.60 47.15 -5.63
C ARG A 374 1.75 47.93 -4.96
N ILE A 375 2.49 47.28 -4.06
CA ILE A 375 3.70 47.87 -3.45
C ILE A 375 4.71 48.33 -4.50
N ALA A 376 4.95 47.51 -5.51
CA ALA A 376 5.83 47.90 -6.63
C ALA A 376 5.30 49.15 -7.39
N VAL A 377 4.03 49.11 -7.77
CA VAL A 377 3.37 50.17 -8.54
C VAL A 377 3.37 51.52 -7.78
N GLU A 378 3.09 51.47 -6.49
CA GLU A 378 2.99 52.73 -5.72
C GLU A 378 4.34 53.40 -5.51
N ASN A 379 5.40 52.60 -5.59
CA ASN A 379 6.77 53.04 -5.39
C ASN A 379 7.48 53.21 -6.72
N GLN A 380 6.76 52.99 -7.83
CA GLN A 380 7.28 53.16 -9.19
C GLN A 380 8.53 52.26 -9.43
N ALA A 381 8.56 51.08 -8.80
CA ALA A 381 9.70 50.16 -8.92
C ALA A 381 9.64 49.36 -10.20
N PRO A 382 10.79 49.17 -10.88
CA PRO A 382 10.85 48.37 -12.09
C PRO A 382 10.94 46.87 -11.74
N LEU A 383 9.91 46.38 -11.06
CA LEU A 383 9.79 44.95 -10.75
C LEU A 383 8.32 44.56 -10.74
N GLN A 384 8.07 43.27 -10.97
CA GLN A 384 6.75 42.69 -10.80
C GLN A 384 6.86 41.26 -10.24
N PHE A 385 5.77 40.74 -9.68
CA PHE A 385 5.69 39.30 -9.37
C PHE A 385 4.69 38.62 -10.33
N THR A 386 5.14 37.55 -11.02
CA THR A 386 4.27 36.76 -11.91
C THR A 386 3.90 35.39 -11.28
N GLY A 387 2.81 34.78 -11.74
CA GLY A 387 2.43 33.46 -11.19
C GLY A 387 0.92 33.26 -11.16
N LEU A 388 0.50 32.23 -10.42
CA LEU A 388 -0.91 31.86 -10.30
C LEU A 388 -1.08 31.35 -8.90
N GLY A 389 -2.24 31.60 -8.28
CA GLY A 389 -2.51 31.09 -6.92
C GLY A 389 -1.37 31.37 -5.98
N SER A 390 -0.89 30.31 -5.31
CA SER A 390 0.15 30.41 -4.27
C SER A 390 1.61 30.32 -4.81
N LEU A 391 1.80 30.54 -6.11
CA LEU A 391 3.14 30.44 -6.71
C LEU A 391 3.47 31.79 -7.34
N GLY A 392 4.67 32.30 -7.10
CA GLY A 392 5.08 33.52 -7.80
C GLY A 392 6.59 33.72 -7.87
N THR A 393 7.04 34.55 -8.82
CA THR A 393 8.47 34.84 -8.97
C THR A 393 8.66 36.33 -9.25
N ILE A 394 9.65 36.94 -8.59
CA ILE A 394 9.99 38.33 -8.88
C ILE A 394 10.74 38.39 -10.20
N HIS A 395 10.45 39.41 -11.01
CA HIS A 395 11.24 39.73 -12.22
C HIS A 395 11.46 41.23 -12.25
N PHE A 396 12.72 41.62 -12.45
CA PHE A 396 13.09 43.04 -12.45
C PHE A 396 12.96 43.59 -13.87
N SER A 397 11.71 43.88 -14.25
CA SER A 397 11.32 44.35 -15.57
C SER A 397 9.94 44.97 -15.54
N ARG A 398 9.63 45.80 -16.54
CA ARG A 398 8.32 46.47 -16.67
C ARG A 398 7.53 45.85 -17.81
N ALA A 399 8.19 45.01 -18.58
CA ALA A 399 7.59 44.45 -19.79
C ALA A 399 6.64 43.32 -19.39
N PRO A 400 5.68 42.98 -20.28
CA PRO A 400 4.90 41.77 -19.97
C PRO A 400 5.81 40.54 -20.01
N ILE A 401 5.63 39.64 -19.05
CA ILE A 401 6.44 38.43 -18.94
C ILE A 401 5.67 37.27 -19.55
N ARG A 402 6.03 36.90 -20.80
CA ARG A 402 5.22 35.99 -21.60
C ARG A 402 5.97 34.73 -22.11
N SER A 403 7.29 34.84 -22.22
CA SER A 403 8.12 33.75 -22.69
C SER A 403 9.48 33.75 -21.96
N ALA A 404 10.32 32.74 -22.21
CA ALA A 404 11.64 32.64 -21.57
C ALA A 404 12.54 33.86 -21.85
N GLY A 405 12.52 34.31 -23.11
CA GLY A 405 13.18 35.56 -23.54
C GLY A 405 12.89 36.76 -22.66
N ASP A 406 11.64 36.95 -22.24
CA ASP A 406 11.27 38.04 -21.31
C ASP A 406 11.89 37.90 -19.93
N VAL A 407 11.86 36.67 -19.42
CA VAL A 407 12.50 36.33 -18.17
C VAL A 407 14.01 36.58 -18.19
N ARG A 408 14.66 36.13 -19.26
CA ARG A 408 16.12 36.33 -19.35
C ARG A 408 16.53 37.80 -19.57
N ALA A 409 15.69 38.55 -20.28
CA ALA A 409 15.94 40.01 -20.47
C ALA A 409 15.76 40.84 -19.20
N ALA A 410 15.05 40.32 -18.18
CA ALA A 410 14.88 41.05 -16.90
C ALA A 410 16.21 41.08 -16.16
N ASP A 411 16.36 41.98 -15.19
CA ASP A 411 17.67 42.23 -14.60
C ASP A 411 18.07 41.11 -13.63
N GLN A 412 19.11 40.36 -13.97
CA GLN A 412 19.52 39.20 -13.15
C GLN A 412 20.35 39.59 -11.93
N GLN A 413 21.10 40.71 -12.01
CA GLN A 413 21.86 41.17 -10.82
C GLN A 413 20.97 41.61 -9.66
N LEU A 414 19.87 42.30 -9.97
CA LEU A 414 19.00 42.83 -8.94
C LEU A 414 18.29 41.67 -8.27
N LYS A 415 18.07 40.60 -9.03
CA LYS A 415 17.41 39.36 -8.54
C LYS A 415 18.29 38.69 -7.46
N GLU A 416 19.59 38.66 -7.71
CA GLU A 416 20.55 38.12 -6.74
C GLU A 416 20.63 39.03 -5.51
N LEU A 417 20.63 40.34 -5.74
CA LEU A 417 20.65 41.27 -4.62
C LEU A 417 19.37 41.15 -3.77
N PHE A 418 18.22 40.99 -4.43
CA PHE A 418 16.95 40.72 -3.71
C PHE A 418 17.01 39.45 -2.82
N PHE A 419 17.56 38.35 -3.35
CA PHE A 419 17.79 37.12 -2.54
C PHE A 419 18.51 37.34 -1.21
N PHE A 420 19.66 38.01 -1.27
CA PHE A 420 20.47 38.24 -0.08
C PHE A 420 19.82 39.24 0.90
N HIS A 421 19.11 40.22 0.36
CA HIS A 421 18.29 41.11 1.18
C HIS A 421 17.20 40.38 2.01
N MET A 422 16.39 39.57 1.33
CA MET A 422 15.38 38.78 2.03
C MET A 422 15.99 37.91 3.14
N LEU A 423 17.12 37.24 2.87
CA LEU A 423 17.83 36.49 3.95
C LEU A 423 18.10 37.32 5.19
N ARG A 424 18.61 38.53 4.98
CA ARG A 424 18.95 39.43 6.11
C ARG A 424 17.71 39.77 6.93
N LYS A 425 16.55 39.82 6.27
CA LYS A 425 15.29 40.10 6.94
C LYS A 425 14.64 38.84 7.53
N GLY A 426 15.36 37.72 7.53
CA GLY A 426 14.79 36.43 8.00
C GLY A 426 13.74 35.74 7.12
N ILE A 427 13.78 36.04 5.82
CA ILE A 427 12.85 35.45 4.85
C ILE A 427 13.64 34.62 3.85
N TYR A 428 13.35 33.32 3.81
CA TYR A 428 13.99 32.43 2.86
C TYR A 428 13.10 32.14 1.64
N LEU A 429 13.59 32.48 0.43
CA LEU A 429 12.91 32.08 -0.80
C LEU A 429 13.99 31.63 -1.79
N ALA A 430 13.60 31.15 -2.96
CA ALA A 430 14.59 30.57 -3.91
C ALA A 430 15.58 31.67 -4.31
N PRO A 431 16.86 31.28 -4.56
CA PRO A 431 17.78 32.22 -5.22
C PRO A 431 17.21 32.91 -6.50
N ARG A 432 16.44 32.19 -7.33
CA ARG A 432 15.88 32.74 -8.57
C ARG A 432 14.62 33.58 -8.36
N GLY A 433 14.26 33.80 -7.09
CA GLY A 433 13.23 34.77 -6.72
C GLY A 433 11.84 34.17 -6.66
N MET A 434 11.75 32.83 -6.57
CA MET A 434 10.47 32.11 -6.47
C MET A 434 10.04 31.82 -5.02
N TYR A 435 8.76 32.06 -4.72
CA TYR A 435 8.13 31.58 -3.49
C TYR A 435 7.00 30.57 -3.85
N ALA A 436 6.69 29.66 -2.94
CA ALA A 436 5.58 28.75 -3.14
C ALA A 436 4.97 28.58 -1.75
N LEU A 437 3.85 29.25 -1.50
CA LEU A 437 3.29 29.33 -0.14
C LEU A 437 2.86 27.94 0.37
N SER A 438 3.35 27.56 1.55
CA SER A 438 2.87 26.35 2.20
C SER A 438 1.59 26.69 2.98
N LEU A 439 0.89 25.65 3.46
CA LEU A 439 -0.30 25.82 4.30
C LEU A 439 0.04 26.40 5.70
N GLU A 440 1.32 26.42 6.04
CA GLU A 440 1.80 26.94 7.33
C GLU A 440 2.17 28.43 7.31
N ILE A 441 2.25 29.05 6.13
CA ILE A 441 2.45 30.50 6.08
C ILE A 441 1.18 31.22 6.60
N ALA A 442 1.37 32.13 7.56
CA ALA A 442 0.25 32.95 8.07
C ALA A 442 0.47 34.46 7.86
N ASP A 443 -0.46 35.26 8.40
CA ASP A 443 -0.46 36.70 8.31
C ASP A 443 0.88 37.34 8.64
N ALA A 444 1.48 36.96 9.76
CA ALA A 444 2.77 37.52 10.20
C ALA A 444 3.88 37.28 9.17
N GLY A 445 3.90 36.08 8.59
CA GLY A 445 4.88 35.75 7.56
C GLY A 445 4.66 36.62 6.34
N ARG A 446 3.41 36.67 5.87
CA ARG A 446 3.10 37.41 4.67
C ARG A 446 3.36 38.92 4.84
N ASP A 447 3.08 39.44 6.04
CA ASP A 447 3.31 40.86 6.36
C ASP A 447 4.82 41.15 6.35
N ALA A 448 5.60 40.26 6.96
CA ALA A 448 7.06 40.43 6.95
C ALA A 448 7.67 40.45 5.54
N PHE A 449 7.18 39.59 4.65
CA PHE A 449 7.60 39.57 3.23
C PHE A 449 7.29 40.89 2.51
N ALA A 450 6.04 41.35 2.62
CA ALA A 450 5.64 42.64 2.06
C ALA A 450 6.46 43.82 2.62
N GLU A 451 6.68 43.85 3.93
CA GLU A 451 7.56 44.86 4.55
C GLU A 451 8.97 44.81 4.02
N ALA A 452 9.53 43.60 3.95
CA ALA A 452 10.89 43.40 3.45
C ALA A 452 11.08 43.91 2.03
N LEU A 453 10.06 43.69 1.19
CA LEU A 453 10.04 44.14 -0.17
C LEU A 453 10.04 45.68 -0.22
N ALA A 454 9.15 46.31 0.57
CA ALA A 454 9.13 47.79 0.64
C ALA A 454 10.49 48.31 1.05
N ASP A 455 11.09 47.68 2.06
CA ASP A 455 12.44 48.02 2.49
C ASP A 455 13.48 47.87 1.37
N PHE A 456 13.39 46.78 0.60
CA PHE A 456 14.35 46.55 -0.51
C PHE A 456 14.29 47.73 -1.47
N ILE A 457 13.07 48.15 -1.78
CA ILE A 457 12.79 49.21 -2.76
C ILE A 457 13.39 50.56 -2.28
N GLY A 458 13.19 50.85 -1.00
CA GLY A 458 13.75 51.99 -0.31
C GLY A 458 15.26 51.97 -0.27
N GLU A 459 15.85 50.91 0.28
CA GLU A 459 17.31 50.80 0.42
C GLU A 459 18.08 50.71 -0.91
N GLN A 460 17.45 50.25 -1.99
CA GLN A 460 18.14 50.02 -3.27
C GLN A 460 17.65 50.93 -4.39
N ARG A 461 17.02 52.05 -4.01
CA ARG A 461 16.48 53.06 -4.92
C ARG A 461 17.52 53.54 -5.96
N ALA A 462 18.77 53.70 -5.52
CA ALA A 462 19.88 54.11 -6.38
C ALA A 462 20.07 53.18 -7.61
N LEU A 463 19.87 51.87 -7.39
CA LEU A 463 20.06 50.86 -8.44
C LEU A 463 18.79 50.56 -9.21
N LEU A 464 17.67 51.16 -8.79
CA LEU A 464 16.38 50.92 -9.43
C LEU A 464 15.94 52.00 -10.42
N MET A 465 16.82 52.96 -10.68
CA MET A 465 16.66 53.90 -11.80
C MET A 465 17.09 53.24 -13.12
N THR B 36 4.36 -28.26 -23.12
CA THR B 36 3.64 -29.52 -22.74
C THR B 36 2.23 -29.40 -22.10
N ALA B 37 1.34 -30.26 -22.58
CA ALA B 37 -0.05 -30.31 -22.13
C ALA B 37 -0.18 -30.69 -20.65
N GLU B 38 0.59 -31.67 -20.20
CA GLU B 38 0.58 -32.11 -18.82
C GLU B 38 1.01 -30.99 -17.85
N LYS B 39 2.05 -30.25 -18.23
CA LYS B 39 2.52 -29.13 -17.39
C LYS B 39 1.53 -27.98 -17.38
N ALA B 40 0.85 -27.73 -18.52
CA ALA B 40 -0.21 -26.72 -18.63
C ALA B 40 -1.38 -26.98 -17.68
N GLN B 41 -1.74 -28.26 -17.55
CA GLN B 41 -2.81 -28.67 -16.64
C GLN B 41 -2.38 -28.58 -15.19
N ALA B 42 -1.11 -28.86 -14.91
CA ALA B 42 -0.64 -28.69 -13.55
C ALA B 42 -0.66 -27.18 -13.14
N ILE B 43 -0.35 -26.30 -14.08
CA ILE B 43 -0.40 -24.87 -13.85
C ILE B 43 -1.85 -24.36 -13.69
N ALA B 44 -2.76 -24.81 -14.57
CA ALA B 44 -4.21 -24.56 -14.39
C ALA B 44 -4.66 -24.91 -12.99
N ALA B 45 -4.34 -26.13 -12.55
CA ALA B 45 -4.71 -26.60 -11.23
C ALA B 45 -4.10 -25.74 -10.11
N ALA B 46 -2.80 -25.40 -10.21
CA ALA B 46 -2.16 -24.54 -9.22
C ALA B 46 -2.72 -23.09 -9.21
N ARG B 47 -2.97 -22.49 -10.38
CA ARG B 47 -3.64 -21.18 -10.45
C ARG B 47 -5.05 -21.19 -9.80
N ASN B 48 -5.86 -22.21 -10.12
N ASN B 48 -5.87 -22.21 -10.13
CA ASN B 48 -7.16 -22.43 -9.50
CA ASN B 48 -7.17 -22.43 -9.49
C ASN B 48 -7.09 -22.60 -7.97
C ASN B 48 -7.07 -22.58 -7.96
N THR B 49 -6.12 -23.38 -7.49
CA THR B 49 -5.94 -23.58 -6.06
C THR B 49 -5.54 -22.26 -5.35
N PHE B 50 -4.60 -21.53 -5.94
CA PHE B 50 -4.23 -20.18 -5.48
C PHE B 50 -5.49 -19.26 -5.41
N ALA B 51 -6.33 -19.30 -6.44
CA ALA B 51 -7.56 -18.50 -6.49
C ALA B 51 -8.52 -18.86 -5.32
N ARG B 52 -8.78 -20.15 -5.08
CA ARG B 52 -9.65 -20.61 -3.96
C ARG B 52 -9.06 -20.31 -2.57
N ASP B 53 -7.73 -20.36 -2.48
CA ASP B 53 -7.02 -19.97 -1.26
C ASP B 53 -7.20 -18.46 -0.95
N ASN B 54 -7.28 -17.63 -1.99
CA ASN B 54 -7.14 -16.18 -1.81
C ASN B 54 -8.27 -15.28 -2.36
N PRO B 55 -9.54 -15.61 -2.04
CA PRO B 55 -10.63 -14.76 -2.52
C PRO B 55 -10.60 -13.29 -2.01
N VAL B 56 -10.00 -12.99 -0.84
CA VAL B 56 -9.92 -11.56 -0.42
C VAL B 56 -8.94 -10.80 -1.32
N SER B 57 -7.78 -11.37 -1.62
CA SER B 57 -6.90 -10.76 -2.63
C SER B 57 -7.59 -10.63 -4.00
N ALA B 58 -8.42 -11.62 -4.39
CA ALA B 58 -9.16 -11.53 -5.67
C ALA B 58 -10.06 -10.28 -5.73
N GLY B 59 -10.76 -10.01 -4.63
CA GLY B 59 -11.66 -8.84 -4.57
C GLY B 59 -10.86 -7.55 -4.55
N HIS B 60 -9.72 -7.51 -3.83
CA HIS B 60 -8.85 -6.31 -3.91
C HIS B 60 -8.42 -6.03 -5.37
N HIS B 61 -8.16 -7.08 -6.14
CA HIS B 61 -7.68 -6.93 -7.51
C HIS B 61 -8.77 -6.32 -8.41
N GLU B 62 -10.00 -6.81 -8.29
CA GLU B 62 -11.14 -6.21 -8.99
C GLU B 62 -11.30 -4.72 -8.71
N ARG B 63 -11.14 -4.31 -7.44
CA ARG B 63 -11.26 -2.90 -7.08
C ARG B 63 -10.07 -2.10 -7.62
N ALA B 64 -8.85 -2.65 -7.53
CA ALA B 64 -7.65 -1.92 -7.93
C ALA B 64 -7.60 -1.64 -9.43
N ARG B 65 -8.22 -2.51 -10.22
CA ARG B 65 -8.37 -2.29 -11.67
C ARG B 65 -9.12 -1.00 -12.04
N ARG B 66 -9.87 -0.44 -11.10
CA ARG B 66 -10.68 0.76 -11.33
C ARG B 66 -9.84 2.03 -11.48
N SER B 67 -8.64 2.06 -10.87
CA SER B 67 -7.86 3.31 -10.79
C SER B 67 -6.45 3.16 -11.35
N MET B 68 -5.98 1.93 -11.51
CA MET B 68 -4.62 1.69 -12.08
C MET B 68 -4.68 0.65 -13.19
N PRO B 69 -3.79 0.77 -14.19
CA PRO B 69 -3.94 -0.16 -15.33
C PRO B 69 -3.69 -1.59 -14.85
N GLY B 70 -4.67 -2.48 -15.06
CA GLY B 70 -4.61 -3.84 -14.54
C GLY B 70 -4.43 -3.93 -13.03
N GLY B 71 -4.86 -2.90 -12.30
CA GLY B 71 -4.72 -2.85 -10.85
C GLY B 71 -3.27 -2.77 -10.36
N ASN B 72 -2.39 -2.17 -11.18
CA ASN B 72 -0.94 -2.36 -11.08
C ASN B 72 -0.22 -1.03 -11.22
N THR B 73 0.73 -0.78 -10.31
CA THR B 73 1.65 0.34 -10.45
C THR B 73 3.18 -0.03 -10.50
N ARG B 74 3.50 -1.31 -10.59
CA ARG B 74 4.88 -1.78 -10.65
C ARG B 74 4.76 -3.13 -11.32
N SER B 75 5.11 -3.19 -12.61
CA SER B 75 4.78 -4.38 -13.43
C SER B 75 5.24 -5.73 -12.83
N ILE B 76 6.40 -5.79 -12.20
CA ILE B 76 6.92 -7.07 -11.71
C ILE B 76 6.07 -7.68 -10.56
N LEU B 77 5.21 -6.87 -9.92
CA LEU B 77 4.30 -7.41 -8.87
C LEU B 77 3.11 -8.22 -9.42
N PHE B 78 2.74 -8.00 -10.70
CA PHE B 78 1.63 -8.76 -11.27
C PHE B 78 2.05 -10.18 -11.57
N HIS B 79 1.19 -11.14 -11.23
CA HIS B 79 1.25 -12.50 -11.78
C HIS B 79 -0.18 -13.00 -11.88
N ARG B 80 -0.39 -13.97 -12.78
CA ARG B 80 -1.68 -14.66 -12.87
C ARG B 80 -1.89 -15.59 -11.67
N PRO B 81 -3.15 -15.83 -11.30
CA PRO B 81 -4.39 -15.25 -11.85
C PRO B 81 -4.59 -13.80 -11.38
N PHE B 82 -4.00 -13.47 -10.23
CA PHE B 82 -3.91 -12.10 -9.69
C PHE B 82 -2.83 -12.16 -8.63
N PRO B 83 -2.24 -11.01 -8.27
CA PRO B 83 -1.22 -10.97 -7.24
C PRO B 83 -1.82 -11.02 -5.83
N LEU B 84 -1.04 -11.47 -4.86
CA LEU B 84 -1.40 -11.36 -3.46
C LEU B 84 -1.38 -9.92 -3.02
N VAL B 85 -2.31 -9.57 -2.11
CA VAL B 85 -2.23 -8.27 -1.46
C VAL B 85 -1.83 -8.54 -0.01
N ILE B 86 -0.80 -7.82 0.48
CA ILE B 86 -0.30 -8.04 1.81
C ILE B 86 -0.92 -6.97 2.77
N ALA B 87 -1.20 -7.40 4.00
CA ALA B 87 -1.86 -6.55 4.98
C ALA B 87 -0.82 -5.91 5.90
N GLN B 88 0.24 -6.65 6.24
CA GLN B 88 1.24 -6.18 7.21
C GLN B 88 2.38 -7.19 7.41
N GLY B 89 3.45 -6.73 8.01
CA GLY B 89 4.59 -7.59 8.25
C GLY B 89 5.49 -7.02 9.31
N THR B 90 6.25 -7.92 9.90
CA THR B 90 7.19 -7.67 10.99
C THR B 90 8.41 -8.58 10.72
N GLY B 91 9.62 -8.02 10.88
CA GLY B 91 10.84 -8.82 10.71
C GLY B 91 10.85 -9.45 9.33
N SER B 92 11.03 -10.77 9.28
CA SER B 92 11.11 -11.45 7.99
C SER B 92 9.77 -11.96 7.52
N ARG B 93 8.72 -11.69 8.30
CA ARG B 93 7.39 -12.30 8.06
C ARG B 93 6.33 -11.31 7.60
N PHE B 94 5.47 -11.73 6.70
CA PHE B 94 4.27 -10.98 6.41
C PHE B 94 3.02 -11.85 6.36
N GLN B 95 1.86 -11.18 6.26
CA GLN B 95 0.57 -11.83 6.24
C GLN B 95 -0.25 -11.18 5.11
N ASP B 96 -0.89 -12.02 4.30
CA ASP B 96 -1.72 -11.52 3.24
C ASP B 96 -3.11 -11.18 3.75
N VAL B 97 -3.95 -10.59 2.90
CA VAL B 97 -5.29 -10.14 3.34
C VAL B 97 -6.28 -11.26 3.67
N ASP B 98 -5.98 -12.48 3.25
CA ASP B 98 -6.81 -13.62 3.58
C ASP B 98 -6.40 -14.17 4.94
N GLY B 99 -5.30 -13.66 5.49
CA GLY B 99 -4.80 -14.12 6.79
C GLY B 99 -3.57 -15.03 6.73
N HIS B 100 -3.10 -15.40 5.52
CA HIS B 100 -2.00 -16.42 5.44
C HIS B 100 -0.67 -15.77 5.79
N ALA B 101 0.19 -16.50 6.52
CA ALA B 101 1.52 -15.98 6.86
C ALA B 101 2.62 -16.61 5.97
N TYR B 102 3.68 -15.84 5.69
CA TYR B 102 4.82 -16.29 4.86
C TYR B 102 6.13 -15.77 5.45
N VAL B 103 7.25 -16.49 5.19
CA VAL B 103 8.54 -15.88 5.34
C VAL B 103 8.88 -15.19 3.99
N ASN B 104 9.32 -13.94 4.06
CA ASN B 104 9.59 -13.15 2.87
C ASN B 104 11.06 -13.33 2.40
N PHE B 105 11.24 -14.22 1.45
CA PHE B 105 12.56 -14.51 0.89
C PHE B 105 12.87 -13.60 -0.31
N LEU B 106 11.91 -12.80 -0.74
CA LEU B 106 12.09 -11.87 -1.86
C LEU B 106 12.88 -10.62 -1.40
N GLY B 107 12.54 -10.08 -0.22
CA GLY B 107 13.30 -8.97 0.36
C GLY B 107 13.38 -7.78 -0.60
N GLU B 108 12.22 -7.45 -1.21
CA GLU B 108 12.01 -6.25 -2.07
C GLU B 108 13.04 -6.21 -3.20
N TYR B 109 13.29 -7.34 -3.85
CA TYR B 109 14.29 -7.43 -4.97
C TYR B 109 15.65 -6.84 -4.57
N THR B 110 16.07 -7.24 -3.37
CA THR B 110 17.36 -6.83 -2.77
C THR B 110 17.36 -5.49 -2.00
N ALA B 111 16.30 -4.68 -2.11
CA ALA B 111 16.25 -3.39 -1.36
C ALA B 111 15.90 -3.61 0.11
N GLY B 112 15.19 -4.72 0.37
CA GLY B 112 14.55 -4.95 1.67
C GLY B 112 15.42 -5.76 2.61
N LEU B 113 16.67 -5.32 2.73
CA LEU B 113 17.70 -6.01 3.48
C LEU B 113 17.50 -6.02 5.02
N PHE B 114 16.58 -5.17 5.51
CA PHE B 114 16.42 -4.90 6.95
C PHE B 114 15.17 -5.52 7.54
N GLY B 115 14.49 -6.33 6.72
CA GLY B 115 13.16 -6.85 7.03
C GLY B 115 12.15 -5.69 7.10
N HIS B 116 11.00 -5.95 7.72
CA HIS B 116 9.84 -5.04 7.62
C HIS B 116 9.74 -3.98 8.73
N SER B 117 10.58 -4.12 9.78
CA SER B 117 10.42 -3.30 10.97
C SER B 117 11.74 -3.17 11.77
N HIS B 118 12.82 -2.79 11.07
CA HIS B 118 14.10 -2.72 11.73
C HIS B 118 14.15 -1.59 12.77
N PRO B 119 14.59 -1.89 14.01
CA PRO B 119 14.55 -0.83 15.04
C PRO B 119 15.53 0.33 14.75
N VAL B 120 16.64 0.03 14.09
CA VAL B 120 17.62 1.04 13.80
C VAL B 120 17.10 1.97 12.66
N ILE B 121 16.50 1.37 11.64
CA ILE B 121 15.83 2.13 10.55
C ILE B 121 14.73 3.00 11.15
N ARG B 122 13.89 2.41 12.01
CA ARG B 122 12.84 3.16 12.67
C ARG B 122 13.41 4.37 13.43
N ALA B 123 14.49 4.19 14.18
CA ALA B 123 15.12 5.30 14.94
C ALA B 123 15.60 6.39 13.97
N ALA B 124 16.09 5.97 12.81
CA ALA B 124 16.61 6.91 11.85
C ALA B 124 15.47 7.75 11.30
N VAL B 125 14.32 7.12 11.07
CA VAL B 125 13.13 7.85 10.62
C VAL B 125 12.70 8.86 11.69
N GLU B 126 12.76 8.46 12.95
CA GLU B 126 12.35 9.37 14.05
C GLU B 126 13.31 10.56 14.17
N ARG B 127 14.62 10.31 14.04
CA ARG B 127 15.60 11.41 13.98
C ARG B 127 15.34 12.35 12.79
N ALA B 128 15.01 11.80 11.60
CA ALA B 128 14.71 12.64 10.42
C ALA B 128 13.50 13.59 10.65
N LEU B 129 12.44 13.02 11.21
CA LEU B 129 11.27 13.81 11.59
C LEU B 129 11.62 14.92 12.57
N ALA B 130 12.56 14.64 13.48
CA ALA B 130 13.03 15.68 14.44
C ALA B 130 13.83 16.77 13.76
N VAL B 131 14.65 16.41 12.79
CA VAL B 131 15.34 17.43 11.98
C VAL B 131 14.35 18.35 11.23
N GLY B 132 13.35 17.73 10.61
CA GLY B 132 12.28 18.44 9.89
C GLY B 132 12.18 17.92 8.46
N LEU B 133 10.96 17.85 7.92
CA LEU B 133 10.73 17.41 6.56
C LEU B 133 10.72 18.58 5.55
N ASN B 134 11.16 18.31 4.31
CA ASN B 134 11.03 19.25 3.18
C ASN B 134 11.68 20.62 3.52
N LEU B 135 12.85 20.58 4.15
CA LEU B 135 13.51 21.81 4.63
C LEU B 135 14.06 22.71 3.51
N SER B 136 14.05 22.22 2.25
CA SER B 136 14.30 23.10 1.09
C SER B 136 15.76 23.60 1.01
N THR B 137 16.65 22.94 1.73
CA THR B 137 18.04 23.36 1.87
C THR B 137 18.91 22.13 2.14
N GLN B 138 20.22 22.30 2.12
CA GLN B 138 21.12 21.22 2.52
C GLN B 138 21.15 21.08 4.04
N THR B 139 21.34 19.86 4.52
CA THR B 139 21.66 19.66 5.96
C THR B 139 23.01 18.93 6.01
N GLU B 140 23.56 18.76 7.20
CA GLU B 140 24.80 17.98 7.28
C GLU B 140 24.61 16.50 6.94
N ASN B 141 23.37 16.01 7.04
CA ASN B 141 23.11 14.57 6.84
C ASN B 141 23.50 14.10 5.44
N GLU B 142 23.24 14.91 4.42
CA GLU B 142 23.63 14.48 3.07
C GLU B 142 25.14 14.26 2.89
N ALA B 143 25.96 15.14 3.46
CA ALA B 143 27.45 14.97 3.37
C ALA B 143 27.88 13.73 4.14
N LEU B 144 27.29 13.52 5.31
CA LEU B 144 27.62 12.33 6.12
C LEU B 144 27.27 11.01 5.40
N PHE B 145 26.10 10.95 4.76
CA PHE B 145 25.72 9.79 3.94
C PHE B 145 26.71 9.62 2.78
N ALA B 146 27.03 10.73 2.11
CA ALA B 146 27.94 10.66 0.94
C ALA B 146 29.35 10.21 1.35
N GLU B 147 29.80 10.66 2.53
CA GLU B 147 31.12 10.22 3.06
C GLU B 147 31.11 8.72 3.30
N ALA B 148 30.03 8.22 3.88
CA ALA B 148 29.93 6.77 4.04
C ALA B 148 29.94 5.97 2.75
N VAL B 149 29.26 6.47 1.73
CA VAL B 149 29.22 5.81 0.42
C VAL B 149 30.58 5.81 -0.25
N CYS B 150 31.24 6.97 -0.31
CA CYS B 150 32.62 7.05 -0.86
C CYS B 150 33.63 6.22 -0.07
N ASP B 151 33.52 6.19 1.26
CA ASP B 151 34.39 5.35 2.09
C ASP B 151 34.26 3.85 1.69
N ARG B 152 33.02 3.41 1.46
CA ARG B 152 32.69 1.98 1.19
C ARG B 152 33.15 1.50 -0.15
N PHE B 153 32.90 2.29 -1.20
CA PHE B 153 33.08 1.80 -2.56
C PHE B 153 34.39 2.30 -3.16
N PRO B 154 35.30 1.38 -3.50
CA PRO B 154 36.71 1.74 -3.80
C PRO B 154 36.91 2.51 -5.12
N SER B 155 35.97 2.43 -6.05
CA SER B 155 36.09 3.24 -7.28
C SER B 155 35.22 4.51 -7.26
N ILE B 156 34.50 4.77 -6.16
CA ILE B 156 33.71 5.98 -6.02
C ILE B 156 34.43 7.09 -5.23
N ASP B 157 34.94 8.08 -5.96
CA ASP B 157 35.71 9.17 -5.38
C ASP B 157 34.72 10.23 -4.94
N LEU B 158 33.66 10.40 -5.76
CA LEU B 158 32.60 11.39 -5.50
C LEU B 158 31.25 10.77 -5.93
N VAL B 159 30.18 11.15 -5.23
CA VAL B 159 28.86 10.54 -5.49
C VAL B 159 27.77 11.61 -5.52
N ARG B 160 26.69 11.35 -6.27
CA ARG B 160 25.42 12.12 -6.19
C ARG B 160 24.24 11.16 -6.04
N PHE B 161 23.27 11.55 -5.22
CA PHE B 161 22.08 10.76 -4.98
C PHE B 161 20.95 11.09 -5.98
N THR B 162 20.21 10.04 -6.32
CA THR B 162 18.99 10.15 -7.14
C THR B 162 17.82 9.51 -6.34
N ASN B 163 16.67 9.33 -7.00
CA ASN B 163 15.48 8.82 -6.31
C ASN B 163 15.16 7.38 -6.67
N SER B 164 16.05 6.76 -7.45
CA SER B 164 15.87 5.38 -7.94
C SER B 164 17.11 4.92 -8.68
N GLY B 165 17.25 3.61 -8.85
CA GLY B 165 18.29 3.03 -9.75
C GLY B 165 18.13 3.46 -11.19
N THR B 166 16.88 3.59 -11.66
CA THR B 166 16.57 4.06 -13.03
C THR B 166 17.20 5.43 -13.28
N GLU B 167 16.90 6.39 -12.42
CA GLU B 167 17.54 7.73 -12.47
C GLU B 167 19.09 7.68 -12.42
N ALA B 168 19.63 6.84 -11.54
CA ALA B 168 21.09 6.65 -11.43
C ALA B 168 21.75 6.21 -12.78
N ASN B 169 21.19 5.19 -13.43
CA ASN B 169 21.66 4.74 -14.73
C ASN B 169 21.46 5.76 -15.85
N LEU B 170 20.30 6.44 -15.86
CA LEU B 170 20.09 7.46 -16.88
C LEU B 170 21.14 8.58 -16.71
N MET B 171 21.43 9.02 -15.48
CA MET B 171 22.44 10.08 -15.26
C MET B 171 23.87 9.61 -15.66
N ALA B 172 24.16 8.33 -15.47
CA ALA B 172 25.47 7.81 -15.86
C ALA B 172 25.60 7.81 -17.40
N LEU B 173 24.53 7.41 -18.08
CA LEU B 173 24.48 7.54 -19.54
C LEU B 173 24.58 8.99 -20.00
N ALA B 174 23.83 9.90 -19.35
CA ALA B 174 23.96 11.34 -19.62
C ALA B 174 25.42 11.85 -19.45
N THR B 175 26.08 11.38 -18.39
CA THR B 175 27.47 11.76 -18.12
C THR B 175 28.36 11.29 -19.26
N ALA B 176 28.22 10.02 -19.64
CA ALA B 176 29.09 9.41 -20.65
C ALA B 176 28.91 10.05 -22.03
N THR B 177 27.66 10.16 -22.49
CA THR B 177 27.37 10.81 -23.79
C THR B 177 27.75 12.31 -23.81
N ALA B 178 27.45 13.04 -22.73
CA ALA B 178 27.82 14.46 -22.67
C ALA B 178 29.35 14.66 -22.60
N ILE B 179 30.09 13.84 -21.86
CA ILE B 179 31.57 13.98 -21.78
C ILE B 179 32.27 13.63 -23.10
N THR B 180 31.94 12.48 -23.65
CA THR B 180 32.59 11.94 -24.82
C THR B 180 32.07 12.56 -26.11
N GLY B 181 30.84 13.10 -26.11
CA GLY B 181 30.23 13.61 -27.36
C GLY B 181 29.75 12.51 -28.31
N ARG B 182 29.69 11.27 -27.81
CA ARG B 182 29.35 10.12 -28.65
C ARG B 182 27.97 9.60 -28.28
N LYS B 183 27.37 8.84 -29.20
CA LYS B 183 25.98 8.40 -29.10
C LYS B 183 25.76 6.92 -28.74
N THR B 184 26.70 6.02 -29.06
CA THR B 184 26.44 4.58 -28.96
C THR B 184 26.69 4.02 -27.55
N VAL B 185 25.77 3.18 -27.09
CA VAL B 185 25.88 2.56 -25.78
C VAL B 185 25.84 1.06 -26.04
N LEU B 186 26.85 0.36 -25.50
CA LEU B 186 26.83 -1.10 -25.54
C LEU B 186 26.22 -1.62 -24.24
N ALA B 187 25.15 -2.38 -24.38
CA ALA B 187 24.57 -3.06 -23.22
C ALA B 187 24.35 -4.52 -23.60
N PHE B 188 23.73 -5.31 -22.71
CA PHE B 188 23.60 -6.73 -22.95
C PHE B 188 22.18 -7.27 -22.80
N ASP B 189 21.83 -8.14 -23.74
CA ASP B 189 20.52 -8.84 -23.76
C ASP B 189 20.36 -9.59 -22.41
N GLY B 190 19.23 -9.37 -21.75
CA GLY B 190 19.08 -9.94 -20.39
C GLY B 190 19.31 -8.89 -19.32
N GLY B 191 19.98 -7.81 -19.72
CA GLY B 191 20.38 -6.73 -18.79
C GLY B 191 19.16 -5.89 -18.43
N TYR B 192 19.11 -5.46 -17.17
CA TYR B 192 18.03 -4.62 -16.66
C TYR B 192 18.63 -3.45 -15.88
N HIS B 193 18.37 -2.23 -16.35
CA HIS B 193 18.96 -1.00 -15.77
C HIS B 193 17.90 0.03 -15.35
N GLY B 194 16.64 -0.38 -15.36
CA GLY B 194 15.58 0.50 -14.87
C GLY B 194 14.43 0.59 -15.86
N GLY B 195 13.37 1.29 -15.48
CA GLY B 195 12.18 1.41 -16.34
C GLY B 195 12.39 2.04 -17.71
N LEU B 196 13.43 2.83 -17.91
CA LEU B 196 13.69 3.40 -19.25
C LEU B 196 14.85 2.71 -19.97
N LEU B 197 15.41 1.66 -19.33
CA LEU B 197 16.61 0.96 -19.81
C LEU B 197 16.45 -0.55 -19.58
N ASN B 198 15.36 -1.10 -20.13
CA ASN B 198 14.99 -2.49 -19.86
C ASN B 198 15.37 -3.36 -21.06
N PHE B 199 16.40 -4.21 -20.91
CA PHE B 199 16.81 -5.10 -22.01
C PHE B 199 16.60 -6.58 -21.65
N ALA B 200 15.70 -6.83 -20.68
CA ALA B 200 15.48 -8.22 -20.18
C ALA B 200 14.94 -9.18 -21.26
N SER B 201 14.17 -8.61 -22.20
CA SER B 201 13.71 -9.34 -23.37
C SER B 201 14.10 -8.61 -24.65
N GLY B 202 15.34 -8.14 -24.72
CA GLY B 202 15.78 -7.32 -25.86
C GLY B 202 15.30 -5.88 -25.76
N HIS B 203 15.21 -5.21 -26.90
CA HIS B 203 14.82 -3.83 -26.95
C HIS B 203 13.35 -3.72 -26.58
N ALA B 204 12.99 -2.81 -25.69
CA ALA B 204 11.58 -2.59 -25.33
C ALA B 204 11.19 -1.26 -25.95
N PRO B 205 9.95 -1.15 -26.50
CA PRO B 205 9.52 0.05 -27.26
C PRO B 205 9.46 1.30 -26.38
N THR B 206 9.40 1.08 -25.07
CA THR B 206 9.27 2.15 -24.11
C THR B 206 10.65 2.70 -23.64
N ASN B 207 11.76 2.05 -24.00
CA ASN B 207 13.10 2.52 -23.55
C ASN B 207 13.45 3.92 -24.02
N ALA B 208 14.19 4.69 -23.20
CA ALA B 208 14.68 6.00 -23.66
C ALA B 208 15.54 5.76 -24.91
N PRO B 209 15.42 6.62 -25.94
CA PRO B 209 16.01 6.32 -27.25
C PRO B 209 17.50 6.59 -27.36
N TYR B 210 18.30 6.20 -26.36
CA TYR B 210 19.75 6.13 -26.55
C TYR B 210 20.05 5.15 -27.68
N HIS B 211 21.11 5.36 -28.44
CA HIS B 211 21.45 4.38 -29.49
C HIS B 211 22.15 3.16 -28.87
N VAL B 212 21.36 2.16 -28.49
CA VAL B 212 21.85 1.02 -27.73
C VAL B 212 22.12 -0.14 -28.68
N VAL B 213 23.31 -0.72 -28.58
CA VAL B 213 23.65 -1.99 -29.28
C VAL B 213 23.70 -3.09 -28.22
N LEU B 214 22.98 -4.20 -28.42
CA LEU B 214 22.96 -5.30 -27.42
C LEU B 214 23.85 -6.49 -27.80
N GLY B 215 24.78 -6.84 -26.93
CA GLY B 215 25.55 -8.06 -27.12
C GLY B 215 24.94 -9.20 -26.31
N VAL B 216 25.62 -10.34 -26.31
CA VAL B 216 25.22 -11.48 -25.49
C VAL B 216 26.10 -11.47 -24.25
N TYR B 217 25.45 -11.58 -23.08
CA TYR B 217 26.14 -11.59 -21.78
C TYR B 217 27.15 -12.77 -21.76
N ASN B 218 28.35 -12.49 -21.25
CA ASN B 218 29.47 -13.46 -21.20
C ASN B 218 30.06 -13.95 -22.54
N ASP B 219 29.67 -13.33 -23.65
CA ASP B 219 30.11 -13.76 -24.97
C ASP B 219 31.32 -12.96 -25.40
N VAL B 220 32.51 -13.51 -25.16
CA VAL B 220 33.73 -12.76 -25.44
C VAL B 220 33.93 -12.48 -26.95
N GLU B 221 33.74 -13.52 -27.77
CA GLU B 221 33.94 -13.42 -29.23
C GLU B 221 33.00 -12.42 -29.87
N GLY B 222 31.68 -12.57 -29.64
CA GLY B 222 30.67 -11.70 -30.26
C GLY B 222 30.79 -10.27 -29.78
N THR B 223 31.13 -10.12 -28.50
CA THR B 223 31.26 -8.78 -27.92
C THR B 223 32.51 -8.04 -28.43
N ALA B 224 33.65 -8.74 -28.54
CA ALA B 224 34.82 -8.16 -29.22
C ALA B 224 34.47 -7.66 -30.63
N ASP B 225 33.74 -8.47 -31.40
CA ASP B 225 33.30 -8.09 -32.73
C ASP B 225 32.53 -6.76 -32.68
N LEU B 226 31.47 -6.70 -31.85
CA LEU B 226 30.65 -5.47 -31.72
C LEU B 226 31.50 -4.24 -31.36
N LEU B 227 32.49 -4.42 -30.48
CA LEU B 227 33.36 -3.30 -30.12
C LEU B 227 34.32 -2.86 -31.28
N LYS B 228 34.72 -3.77 -32.15
CA LYS B 228 35.47 -3.38 -33.36
C LYS B 228 34.59 -2.55 -34.31
N ARG B 229 33.35 -3.01 -34.54
CA ARG B 229 32.40 -2.26 -35.38
C ARG B 229 31.98 -0.89 -34.78
N HIS B 230 31.70 -0.86 -33.47
CA HIS B 230 31.12 0.36 -32.83
C HIS B 230 32.05 1.18 -31.92
N GLY B 231 33.24 0.66 -31.61
CA GLY B 231 34.15 1.31 -30.66
C GLY B 231 34.38 2.81 -30.82
N HIS B 232 34.63 3.24 -32.07
CA HIS B 232 34.84 4.66 -32.44
C HIS B 232 33.72 5.63 -31.96
N ASP B 233 32.46 5.17 -31.97
CA ASP B 233 31.33 6.00 -31.54
C ASP B 233 30.75 5.54 -30.15
N CYS B 234 31.49 4.77 -29.38
CA CYS B 234 30.94 4.24 -28.11
C CYS B 234 31.12 5.22 -26.92
N ALA B 235 30.00 5.74 -26.40
CA ALA B 235 30.05 6.60 -25.20
C ALA B 235 30.26 5.76 -23.94
N ALA B 236 29.67 4.56 -23.91
CA ALA B 236 29.59 3.76 -22.68
C ALA B 236 29.39 2.29 -22.95
N ILE B 237 29.89 1.49 -22.00
CA ILE B 237 29.56 0.12 -21.88
C ILE B 237 28.84 0.03 -20.53
N LEU B 238 27.60 -0.44 -20.57
CA LEU B 238 26.76 -0.48 -19.39
C LEU B 238 26.46 -1.94 -19.04
N VAL B 239 26.85 -2.35 -17.83
CA VAL B 239 26.81 -3.77 -17.50
C VAL B 239 26.69 -4.06 -16.02
N GLU B 240 25.87 -5.05 -15.71
CA GLU B 240 25.76 -5.60 -14.33
C GLU B 240 26.86 -6.63 -14.09
N PRO B 241 27.53 -6.62 -12.91
CA PRO B 241 28.53 -7.71 -12.67
C PRO B 241 27.87 -9.08 -12.43
N MET B 242 26.54 -9.09 -12.30
CA MET B 242 25.73 -10.31 -12.31
C MET B 242 24.34 -9.93 -12.84
N LEU B 243 23.81 -10.62 -13.87
CA LEU B 243 22.43 -10.33 -14.28
C LEU B 243 21.50 -10.53 -13.07
N GLY B 244 20.73 -9.51 -12.69
CA GLY B 244 19.81 -9.58 -11.53
C GLY B 244 18.44 -10.09 -11.99
N ALA B 245 17.61 -9.16 -12.49
CA ALA B 245 16.30 -9.49 -13.06
C ALA B 245 16.44 -10.60 -14.12
N GLY B 246 17.58 -10.62 -14.81
CA GLY B 246 17.82 -11.54 -15.93
C GLY B 246 18.14 -12.95 -15.47
N GLY B 247 18.28 -13.15 -14.17
CA GLY B 247 18.29 -14.53 -13.59
C GLY B 247 19.43 -14.92 -12.65
N CYS B 248 20.04 -13.95 -11.98
CA CYS B 248 21.22 -14.13 -11.10
C CYS B 248 22.35 -14.92 -11.82
N VAL B 249 22.78 -14.36 -12.93
CA VAL B 249 23.78 -14.97 -13.80
C VAL B 249 25.11 -14.21 -13.63
N PRO B 250 26.10 -14.80 -12.90
CA PRO B 250 27.37 -14.13 -12.66
C PRO B 250 28.12 -13.84 -13.96
N ALA B 251 28.75 -12.68 -14.02
CA ALA B 251 29.64 -12.37 -15.13
C ALA B 251 30.95 -13.14 -14.93
N GLU B 252 31.46 -13.71 -16.02
CA GLU B 252 32.77 -14.35 -16.03
C GLU B 252 33.89 -13.33 -16.13
N ARG B 253 35.02 -13.65 -15.52
CA ARG B 253 36.14 -12.73 -15.47
C ARG B 253 36.64 -12.31 -16.86
N ALA B 254 36.78 -13.26 -17.79
CA ALA B 254 37.27 -12.97 -19.15
C ALA B 254 36.40 -11.92 -19.85
N PHE B 255 35.08 -12.01 -19.64
CA PHE B 255 34.07 -11.07 -20.17
C PHE B 255 34.26 -9.69 -19.60
N LEU B 256 34.35 -9.57 -18.27
CA LEU B 256 34.58 -8.25 -17.66
C LEU B 256 35.95 -7.70 -18.01
N ASP B 257 36.98 -8.56 -18.06
CA ASP B 257 38.31 -8.10 -18.55
C ASP B 257 38.26 -7.52 -19.96
N LEU B 258 37.58 -8.22 -20.89
CA LEU B 258 37.35 -7.67 -22.23
C LEU B 258 36.76 -6.25 -22.19
N LEU B 259 35.72 -6.07 -21.38
CA LEU B 259 35.02 -4.77 -21.34
C LEU B 259 35.90 -3.65 -20.78
N ARG B 260 36.66 -3.94 -19.73
CA ARG B 260 37.56 -2.95 -19.14
C ARG B 260 38.65 -2.53 -20.16
N ALA B 261 39.24 -3.51 -20.85
CA ALA B 261 40.31 -3.23 -21.81
C ALA B 261 39.80 -2.45 -23.02
N GLU B 262 38.69 -2.90 -23.59
CA GLU B 262 38.13 -2.21 -24.77
C GLU B 262 37.59 -0.82 -24.48
N ALA B 263 36.95 -0.64 -23.32
CA ALA B 263 36.50 0.70 -22.93
C ALA B 263 37.67 1.70 -22.86
N SER B 264 38.77 1.30 -22.20
CA SER B 264 39.96 2.16 -22.09
C SER B 264 40.57 2.40 -23.50
N ARG B 265 40.60 1.36 -24.34
CA ARG B 265 41.16 1.49 -25.71
C ARG B 265 40.39 2.46 -26.61
N CYS B 266 39.05 2.39 -26.61
N CYS B 266 39.05 2.38 -26.61
CA CYS B 266 38.29 3.26 -27.52
CA CYS B 266 38.24 3.20 -27.51
C CYS B 266 37.85 4.59 -26.93
C CYS B 266 37.85 4.57 -26.93
N GLY B 267 38.05 4.78 -25.63
CA GLY B 267 37.65 6.05 -24.96
C GLY B 267 36.19 6.04 -24.45
N ALA B 268 35.58 4.84 -24.31
CA ALA B 268 34.21 4.74 -23.77
C ALA B 268 34.26 4.66 -22.24
N LEU B 269 33.21 5.17 -21.57
CA LEU B 269 33.11 5.01 -20.12
C LEU B 269 32.54 3.63 -19.76
N LEU B 270 33.28 2.85 -18.97
CA LEU B 270 32.74 1.56 -18.46
C LEU B 270 31.89 1.86 -17.21
N ILE B 271 30.61 1.49 -17.26
CA ILE B 271 29.67 1.74 -16.14
C ILE B 271 29.27 0.39 -15.56
N PHE B 272 29.64 0.15 -14.32
CA PHE B 272 29.19 -1.06 -13.61
C PHE B 272 27.90 -0.70 -12.88
N ASP B 273 26.81 -1.37 -13.25
CA ASP B 273 25.53 -1.21 -12.59
C ASP B 273 25.52 -2.16 -11.43
N GLU B 274 25.82 -1.62 -10.25
CA GLU B 274 25.84 -2.40 -8.98
C GLU B 274 24.59 -2.15 -8.11
N VAL B 275 23.48 -1.81 -8.77
CA VAL B 275 22.23 -1.56 -8.01
C VAL B 275 21.85 -2.78 -7.13
N MET B 276 22.00 -3.99 -7.69
CA MET B 276 21.88 -5.22 -6.92
C MET B 276 23.22 -5.70 -6.33
N THR B 277 24.26 -5.72 -7.14
CA THR B 277 25.49 -6.39 -6.71
C THR B 277 26.32 -5.67 -5.63
N SER B 278 26.05 -4.39 -5.34
CA SER B 278 26.83 -3.66 -4.37
C SER B 278 26.87 -4.33 -2.97
N ARG B 279 25.83 -5.13 -2.65
CA ARG B 279 25.71 -5.79 -1.34
C ARG B 279 26.68 -6.96 -1.13
N LEU B 280 27.28 -7.46 -2.21
CA LEU B 280 27.95 -8.79 -2.15
C LEU B 280 29.22 -8.76 -1.27
N SER B 281 29.85 -7.59 -1.20
CA SER B 281 30.90 -7.32 -0.22
C SER B 281 30.70 -5.90 0.30
N GLY B 282 31.54 -5.48 1.23
CA GLY B 282 31.60 -4.06 1.67
C GLY B 282 31.79 -3.04 0.53
N GLY B 283 32.63 -3.40 -0.45
CA GLY B 283 32.88 -2.58 -1.63
C GLY B 283 32.29 -3.11 -2.92
N GLY B 284 31.23 -3.91 -2.81
CA GLY B 284 30.55 -4.46 -3.99
C GLY B 284 31.35 -5.46 -4.81
N ALA B 285 30.95 -5.63 -6.08
CA ALA B 285 31.62 -6.61 -6.94
C ALA B 285 33.03 -6.13 -7.31
N GLN B 286 33.20 -4.82 -7.38
CA GLN B 286 34.49 -4.26 -7.78
C GLN B 286 35.61 -4.60 -6.79
N GLU B 287 35.28 -4.54 -5.51
CA GLU B 287 36.20 -4.98 -4.45
C GLU B 287 36.58 -6.46 -4.59
N MET B 288 35.58 -7.32 -4.78
CA MET B 288 35.82 -8.74 -4.99
C MET B 288 36.62 -9.07 -6.26
N LEU B 289 36.41 -8.31 -7.34
CA LEU B 289 37.01 -8.58 -8.65
C LEU B 289 38.42 -7.99 -8.84
N GLY B 290 38.67 -6.86 -8.18
CA GLY B 290 39.86 -6.03 -8.46
C GLY B 290 39.78 -5.38 -9.83
N ILE B 291 38.57 -5.15 -10.32
CA ILE B 291 38.34 -4.43 -11.60
C ILE B 291 37.58 -3.14 -11.26
N SER B 292 38.02 -2.02 -11.82
CA SER B 292 37.47 -0.70 -11.52
C SER B 292 36.69 -0.16 -12.70
N ALA B 293 35.40 0.12 -12.52
CA ALA B 293 34.61 0.78 -13.59
C ALA B 293 34.88 2.29 -13.54
N ASP B 294 34.59 3.01 -14.62
CA ASP B 294 34.74 4.48 -14.60
C ASP B 294 33.61 5.17 -13.82
N LEU B 295 32.39 4.60 -13.88
CA LEU B 295 31.27 5.08 -13.10
C LEU B 295 30.58 3.89 -12.52
N THR B 296 29.91 4.09 -11.40
CA THR B 296 29.21 2.99 -10.72
C THR B 296 27.83 3.49 -10.28
N THR B 297 26.80 2.70 -10.55
CA THR B 297 25.44 3.08 -10.11
C THR B 297 25.02 2.17 -8.97
N LEU B 298 24.24 2.73 -8.05
CA LEU B 298 23.89 2.09 -6.79
C LEU B 298 22.39 2.28 -6.58
N GLY B 299 21.78 1.45 -5.74
CA GLY B 299 20.36 1.61 -5.43
C GLY B 299 19.93 0.69 -4.30
N LYS B 300 18.64 0.35 -4.26
CA LYS B 300 18.10 -0.68 -3.38
C LYS B 300 18.28 -0.37 -1.89
N TYR B 301 19.06 -1.22 -1.18
CA TYR B 301 19.18 -1.19 0.29
C TYR B 301 20.02 -0.04 0.84
N ILE B 302 20.78 0.65 -0.02
CA ILE B 302 21.73 1.66 0.52
C ILE B 302 21.04 2.85 1.21
N GLY B 303 19.80 3.14 0.85
CA GLY B 303 19.10 4.23 1.53
C GLY B 303 18.24 3.74 2.68
N GLY B 304 18.59 2.57 3.21
CA GLY B 304 17.90 2.01 4.42
C GLY B 304 16.47 1.56 4.16
N GLY B 305 16.14 1.39 2.88
CA GLY B 305 14.79 1.02 2.52
C GLY B 305 13.95 2.17 2.01
N MET B 306 14.45 3.41 2.12
CA MET B 306 13.73 4.62 1.66
C MET B 306 14.00 4.75 0.16
N SER B 307 13.29 5.62 -0.57
CA SER B 307 13.60 5.86 -1.99
C SER B 307 15.09 6.19 -2.11
N PHE B 308 15.75 5.62 -3.11
CA PHE B 308 17.18 5.81 -3.24
C PHE B 308 17.79 5.35 -4.59
N GLY B 309 18.77 6.11 -5.07
CA GLY B 309 19.67 5.67 -6.13
C GLY B 309 20.92 6.53 -6.00
N ALA B 310 22.01 6.14 -6.66
CA ALA B 310 23.19 7.02 -6.67
C ALA B 310 24.03 6.70 -7.88
N PHE B 311 24.71 7.71 -8.44
CA PHE B 311 25.78 7.46 -9.41
C PHE B 311 27.07 8.14 -8.91
N GLY B 312 28.19 7.47 -9.12
CA GLY B 312 29.46 7.95 -8.56
C GLY B 312 30.58 7.39 -9.44
N GLY B 313 31.82 7.81 -9.16
CA GLY B 313 32.94 7.24 -9.90
C GLY B 313 34.19 8.09 -9.79
N ARG B 314 35.05 7.99 -10.80
CA ARG B 314 36.28 8.81 -10.93
C ARG B 314 36.00 10.27 -10.64
N ARG B 315 36.89 10.87 -9.87
CA ARG B 315 36.77 12.26 -9.49
C ARG B 315 36.64 13.17 -10.70
N ASP B 316 37.47 12.96 -11.73
CA ASP B 316 37.50 13.89 -12.85
C ASP B 316 36.20 13.90 -13.66
N LEU B 317 35.56 12.74 -13.80
CA LEU B 317 34.23 12.63 -14.42
C LEU B 317 33.16 13.33 -13.57
N MET B 318 33.12 13.01 -12.27
CA MET B 318 32.08 13.53 -11.36
C MET B 318 32.16 15.02 -11.11
N GLU B 319 33.35 15.62 -11.15
CA GLU B 319 33.48 17.08 -11.03
C GLU B 319 32.78 17.86 -12.13
N ARG B 320 32.48 17.19 -13.25
CA ARG B 320 31.69 17.87 -14.29
C ARG B 320 30.30 18.32 -13.76
N PHE B 321 29.88 17.78 -12.59
CA PHE B 321 28.61 18.18 -11.94
C PHE B 321 28.79 19.19 -10.81
N ASP B 322 30.02 19.63 -10.54
CA ASP B 322 30.21 20.70 -9.56
C ASP B 322 29.46 21.95 -10.09
N PRO B 323 28.43 22.44 -9.37
CA PRO B 323 27.63 23.52 -10.00
C PRO B 323 28.40 24.85 -10.09
N ALA B 324 29.51 24.98 -9.38
CA ALA B 324 30.34 26.18 -9.50
C ALA B 324 31.29 26.14 -10.71
N ARG B 325 31.38 25.02 -11.41
CA ARG B 325 32.34 24.96 -12.52
C ARG B 325 31.80 25.46 -13.87
N ASP B 326 32.75 25.81 -14.72
CA ASP B 326 32.52 26.29 -16.05
C ASP B 326 31.87 25.20 -16.88
N GLY B 327 30.66 25.48 -17.38
CA GLY B 327 29.92 24.52 -18.22
C GLY B 327 29.51 23.28 -17.43
N ALA B 328 29.20 23.48 -16.14
CA ALA B 328 28.78 22.38 -15.27
C ALA B 328 27.53 21.72 -15.82
N PHE B 329 27.46 20.41 -15.71
CA PHE B 329 26.20 19.70 -15.98
C PHE B 329 25.20 19.91 -14.84
N ALA B 330 23.93 20.04 -15.18
CA ALA B 330 22.88 20.20 -14.20
C ALA B 330 22.23 18.84 -13.77
N HIS B 331 21.98 18.69 -12.48
CA HIS B 331 21.32 17.48 -11.94
C HIS B 331 20.53 17.92 -10.72
N ALA B 332 19.31 18.41 -10.95
CA ALA B 332 18.45 18.75 -9.82
C ALA B 332 17.62 17.50 -9.52
N GLY B 333 16.49 17.66 -8.84
CA GLY B 333 15.69 16.47 -8.43
C GLY B 333 15.17 16.75 -7.02
N THR B 334 13.86 16.97 -6.93
CA THR B 334 13.25 17.49 -5.69
C THR B 334 13.63 16.68 -4.43
N PHE B 335 13.60 15.35 -4.55
CA PHE B 335 13.83 14.44 -3.40
C PHE B 335 15.23 13.85 -3.28
N ASN B 336 16.17 14.35 -4.09
CA ASN B 336 17.54 13.79 -4.14
C ASN B 336 18.17 13.71 -2.73
N ASN B 337 18.11 14.83 -2.01
CA ASN B 337 18.70 14.96 -0.68
C ASN B 337 17.69 14.83 0.46
N ASN B 338 16.58 14.14 0.24
CA ASN B 338 15.52 14.09 1.26
C ASN B 338 15.99 13.49 2.59
N ILE B 339 15.55 14.09 3.70
CA ILE B 339 16.09 13.78 5.02
C ILE B 339 15.87 12.29 5.46
N LEU B 340 14.76 11.70 5.06
CA LEU B 340 14.49 10.30 5.39
C LEU B 340 15.53 9.39 4.76
N THR B 341 15.76 9.57 3.46
CA THR B 341 16.80 8.78 2.78
C THR B 341 18.20 9.06 3.38
N MET B 342 18.53 10.32 3.63
CA MET B 342 19.90 10.67 4.09
C MET B 342 20.17 10.05 5.47
N SER B 343 19.17 10.13 6.37
N SER B 343 19.18 10.14 6.37
CA SER B 343 19.32 9.62 7.73
CA SER B 343 19.32 9.60 7.71
C SER B 343 19.30 8.09 7.77
C SER B 343 19.34 8.08 7.71
N ALA B 344 18.31 7.46 7.14
CA ALA B 344 18.20 5.98 7.15
C ALA B 344 19.31 5.31 6.39
N GLY B 345 19.78 5.95 5.30
CA GLY B 345 20.91 5.38 4.55
C GLY B 345 22.22 5.46 5.34
N HIS B 346 22.46 6.59 6.02
CA HIS B 346 23.67 6.69 6.87
C HIS B 346 23.69 5.57 7.89
N ALA B 347 22.54 5.33 8.52
CA ALA B 347 22.38 4.26 9.51
C ALA B 347 22.58 2.88 8.93
N ALA B 348 22.03 2.69 7.73
CA ALA B 348 22.12 1.42 7.03
C ALA B 348 23.57 0.97 6.79
N LEU B 349 24.38 1.88 6.25
CA LEU B 349 25.80 1.58 5.98
C LEU B 349 26.71 1.53 7.23
N THR B 350 26.45 2.41 8.20
CA THR B 350 27.41 2.56 9.33
C THR B 350 27.00 1.77 10.57
N GLN B 351 25.71 1.50 10.74
CA GLN B 351 25.24 0.84 11.96
C GLN B 351 24.71 -0.56 11.71
N ILE B 352 24.14 -0.83 10.53
CA ILE B 352 23.49 -2.13 10.30
C ILE B 352 24.27 -3.00 9.30
N TYR B 353 24.37 -2.57 8.06
CA TYR B 353 25.03 -3.40 7.03
C TYR B 353 26.45 -2.90 6.82
N THR B 354 27.26 -3.18 7.84
CA THR B 354 28.67 -2.84 7.86
C THR B 354 29.41 -3.76 6.91
N ARG B 355 30.70 -3.49 6.71
CA ARG B 355 31.53 -4.34 5.87
C ARG B 355 31.51 -5.79 6.35
N GLN B 356 31.55 -5.98 7.67
CA GLN B 356 31.55 -7.31 8.27
C GLN B 356 30.19 -8.03 8.12
N ALA B 357 29.10 -7.29 8.32
CA ALA B 357 27.73 -7.80 8.07
C ALA B 357 27.59 -8.28 6.61
N ALA B 358 28.19 -7.51 5.69
CA ALA B 358 28.17 -7.87 4.26
C ALA B 358 28.92 -9.19 3.98
N SER B 359 30.12 -9.34 4.56
CA SER B 359 30.88 -10.59 4.43
C SER B 359 30.09 -11.78 5.01
N ASP B 360 29.55 -11.61 6.23
CA ASP B 360 28.75 -12.66 6.89
C ASP B 360 27.49 -13.07 6.11
N LEU B 361 26.72 -12.08 5.61
CA LEU B 361 25.51 -12.44 4.85
C LEU B 361 25.83 -13.15 3.52
N SER B 362 26.88 -12.70 2.85
CA SER B 362 27.28 -13.32 1.59
C SER B 362 27.79 -14.75 1.83
N ALA B 363 28.54 -14.97 2.93
CA ALA B 363 28.96 -16.33 3.31
C ALA B 363 27.76 -17.23 3.64
N SER B 364 26.85 -16.70 4.47
CA SER B 364 25.60 -17.41 4.79
C SER B 364 24.83 -17.77 3.51
N GLY B 365 24.77 -16.81 2.59
CA GLY B 365 24.10 -16.97 1.30
C GLY B 365 24.72 -18.01 0.41
N ASP B 366 26.05 -18.02 0.33
CA ASP B 366 26.82 -19.10 -0.39
C ASP B 366 26.53 -20.49 0.20
N ARG B 367 26.49 -20.61 1.52
CA ARG B 367 26.23 -21.92 2.14
C ARG B 367 24.78 -22.36 1.88
N PHE B 368 23.84 -21.41 1.96
CA PHE B 368 22.41 -21.67 1.65
C PHE B 368 22.25 -22.17 0.22
N ARG B 369 22.88 -21.47 -0.73
CA ARG B 369 22.72 -21.82 -2.15
C ARG B 369 23.37 -23.19 -2.46
N ALA B 370 24.50 -23.48 -1.81
CA ALA B 370 25.17 -24.79 -1.93
C ALA B 370 24.28 -25.90 -1.41
N ASN B 371 23.65 -25.68 -0.26
CA ASN B 371 22.69 -26.66 0.26
C ASN B 371 21.52 -26.89 -0.71
N LEU B 372 20.98 -25.81 -1.29
CA LEU B 372 19.87 -25.97 -2.27
C LEU B 372 20.35 -26.82 -3.45
N ASN B 373 21.58 -26.58 -3.93
CA ASN B 373 22.09 -27.34 -5.06
C ASN B 373 22.40 -28.81 -4.72
N ARG B 374 22.82 -29.04 -3.48
CA ARG B 374 23.09 -30.40 -3.00
C ARG B 374 21.78 -31.20 -2.99
N ILE B 375 20.70 -30.57 -2.54
CA ILE B 375 19.36 -31.17 -2.56
C ILE B 375 18.90 -31.55 -3.98
N ALA B 376 19.10 -30.67 -4.94
CA ALA B 376 18.79 -30.96 -6.33
C ALA B 376 19.62 -32.18 -6.79
N VAL B 377 20.93 -32.11 -6.53
CA VAL B 377 21.88 -33.13 -7.00
C VAL B 377 21.55 -34.52 -6.39
N GLU B 378 21.35 -34.55 -5.08
CA GLU B 378 21.02 -35.80 -4.39
C GLU B 378 19.73 -36.41 -4.84
N ASN B 379 18.75 -35.60 -5.23
CA ASN B 379 17.50 -36.14 -5.76
C ASN B 379 17.41 -36.25 -7.26
N GLN B 380 18.57 -36.14 -7.93
CA GLN B 380 18.64 -36.17 -9.39
C GLN B 380 17.63 -35.21 -10.06
N ALA B 381 17.47 -34.03 -9.47
CA ALA B 381 16.48 -33.06 -9.94
C ALA B 381 17.03 -32.20 -11.11
N PRO B 382 16.24 -32.02 -12.19
CA PRO B 382 16.69 -31.21 -13.30
C PRO B 382 16.53 -29.71 -13.01
N LEU B 383 17.18 -29.21 -11.97
CA LEU B 383 17.14 -27.78 -11.63
C LEU B 383 18.43 -27.38 -10.93
N GLN B 384 18.71 -26.08 -10.92
CA GLN B 384 19.81 -25.52 -10.16
C GLN B 384 19.43 -24.15 -9.64
N PHE B 385 20.21 -23.65 -8.69
CA PHE B 385 20.18 -22.25 -8.30
C PHE B 385 21.49 -21.54 -8.66
N THR B 386 21.39 -20.46 -9.44
CA THR B 386 22.52 -19.63 -9.82
C THR B 386 22.54 -18.37 -8.96
N GLY B 387 23.71 -17.78 -8.75
CA GLY B 387 23.80 -16.53 -8.00
C GLY B 387 25.12 -16.32 -7.32
N LEU B 388 25.17 -15.35 -6.41
CA LEU B 388 26.38 -14.95 -5.70
C LEU B 388 25.95 -14.49 -4.33
N GLY B 389 26.80 -14.66 -3.32
CA GLY B 389 26.47 -14.24 -1.96
C GLY B 389 25.04 -14.61 -1.55
N SER B 390 24.30 -13.63 -1.03
CA SER B 390 22.87 -13.78 -0.60
C SER B 390 21.79 -13.68 -1.70
N LEU B 391 22.21 -13.73 -2.97
CA LEU B 391 21.28 -13.60 -4.12
C LEU B 391 21.22 -14.91 -4.89
N GLY B 392 20.01 -15.36 -5.25
CA GLY B 392 19.87 -16.64 -5.99
C GLY B 392 18.59 -16.76 -6.80
N THR B 393 18.64 -17.49 -7.91
CA THR B 393 17.46 -17.77 -8.74
C THR B 393 17.44 -19.22 -9.17
N ILE B 394 16.27 -19.86 -9.11
CA ILE B 394 16.09 -21.22 -9.66
C ILE B 394 16.01 -21.21 -11.21
N HIS B 395 16.66 -22.20 -11.83
CA HIS B 395 16.45 -22.48 -13.25
C HIS B 395 16.24 -23.99 -13.47
N PHE B 396 15.17 -24.33 -14.14
CA PHE B 396 14.86 -25.72 -14.44
C PHE B 396 15.66 -26.22 -15.65
N SER B 397 16.95 -26.40 -15.41
CA SER B 397 17.89 -26.97 -16.39
C SER B 397 19.16 -27.34 -15.63
N ARG B 398 19.92 -28.32 -16.13
CA ARG B 398 21.23 -28.61 -15.57
C ARG B 398 22.38 -28.18 -16.50
N ALA B 399 22.01 -27.57 -17.62
CA ALA B 399 22.99 -26.93 -18.53
C ALA B 399 23.66 -25.70 -17.88
N PRO B 400 24.81 -25.27 -18.41
CA PRO B 400 25.39 -24.06 -17.84
C PRO B 400 24.49 -22.84 -18.08
N ILE B 401 24.37 -21.97 -17.08
CA ILE B 401 23.55 -20.76 -17.20
C ILE B 401 24.48 -19.57 -17.26
N ARG B 402 24.73 -19.09 -18.48
CA ARG B 402 25.75 -18.07 -18.71
C ARG B 402 25.24 -16.83 -19.42
N SER B 403 24.09 -16.96 -20.11
CA SER B 403 23.48 -15.84 -20.81
C SER B 403 21.94 -15.86 -20.74
N ALA B 404 21.34 -14.80 -21.28
CA ALA B 404 19.89 -14.65 -21.34
C ALA B 404 19.30 -15.83 -22.10
N GLY B 405 19.99 -16.27 -23.15
CA GLY B 405 19.60 -17.47 -23.92
C GLY B 405 19.43 -18.73 -23.07
N ASP B 406 20.39 -18.98 -22.19
CA ASP B 406 20.33 -20.14 -21.32
C ASP B 406 19.15 -20.05 -20.33
N VAL B 407 18.91 -18.87 -19.76
CA VAL B 407 17.80 -18.66 -18.83
C VAL B 407 16.45 -18.89 -19.54
N ARG B 408 16.27 -18.32 -20.73
CA ARG B 408 15.02 -18.49 -21.50
C ARG B 408 14.75 -19.94 -21.95
N ALA B 409 15.81 -20.70 -22.22
CA ALA B 409 15.71 -22.09 -22.67
C ALA B 409 15.34 -23.04 -21.54
N ALA B 410 15.54 -22.64 -20.28
CA ALA B 410 15.19 -23.52 -19.14
C ALA B 410 13.68 -23.61 -19.02
N ASP B 411 13.16 -24.62 -18.31
CA ASP B 411 11.72 -24.85 -18.33
C ASP B 411 10.96 -23.73 -17.58
N GLN B 412 10.16 -22.96 -18.33
CA GLN B 412 9.38 -21.82 -17.78
C GLN B 412 8.11 -22.30 -17.05
N GLN B 413 7.52 -23.40 -17.51
CA GLN B 413 6.31 -23.94 -16.83
C GLN B 413 6.60 -24.49 -15.44
N LEU B 414 7.72 -25.20 -15.29
CA LEU B 414 8.13 -25.70 -13.98
C LEU B 414 8.46 -24.54 -13.02
N LYS B 415 9.01 -23.46 -13.55
CA LYS B 415 9.29 -22.26 -12.76
C LYS B 415 7.98 -21.69 -12.12
N GLU B 416 6.90 -21.60 -12.89
CA GLU B 416 5.64 -21.09 -12.35
C GLU B 416 5.04 -22.06 -11.32
N LEU B 417 5.09 -23.38 -11.58
CA LEU B 417 4.61 -24.35 -10.59
C LEU B 417 5.36 -24.24 -9.27
N PHE B 418 6.66 -23.99 -9.33
CA PHE B 418 7.50 -23.85 -8.15
C PHE B 418 7.09 -22.67 -7.24
N PHE B 419 6.80 -21.53 -7.86
CA PHE B 419 6.31 -20.31 -7.16
C PHE B 419 5.06 -20.65 -6.36
N PHE B 420 4.04 -21.18 -7.05
CA PHE B 420 2.79 -21.58 -6.39
C PHE B 420 3.01 -22.60 -5.27
N HIS B 421 3.87 -23.59 -5.51
CA HIS B 421 4.20 -24.58 -4.46
C HIS B 421 4.85 -23.94 -3.21
N MET B 422 5.85 -23.09 -3.42
CA MET B 422 6.47 -22.37 -2.28
C MET B 422 5.43 -21.56 -1.46
N LEU B 423 4.52 -20.86 -2.15
CA LEU B 423 3.44 -20.12 -1.44
C LEU B 423 2.63 -21.02 -0.51
N ARG B 424 2.26 -22.21 -1.01
CA ARG B 424 1.50 -23.18 -0.21
C ARG B 424 2.29 -23.66 1.01
N LYS B 425 3.62 -23.55 0.96
CA LYS B 425 4.43 -23.95 2.09
C LYS B 425 4.72 -22.78 3.01
N GLY B 426 4.11 -21.60 2.77
CA GLY B 426 4.43 -20.40 3.59
C GLY B 426 5.78 -19.72 3.31
N ILE B 427 6.27 -19.91 2.10
CA ILE B 427 7.54 -19.26 1.66
C ILE B 427 7.25 -18.35 0.49
N TYR B 428 7.55 -17.06 0.64
CA TYR B 428 7.34 -16.13 -0.45
C TYR B 428 8.65 -15.78 -1.14
N LEU B 429 8.77 -16.08 -2.43
CA LEU B 429 9.86 -15.50 -3.23
C LEU B 429 9.31 -14.99 -4.56
N ALA B 430 10.14 -14.38 -5.40
CA ALA B 430 9.64 -13.77 -6.65
C ALA B 430 8.91 -14.79 -7.53
N PRO B 431 7.87 -14.34 -8.28
CA PRO B 431 7.34 -15.24 -9.32
C PRO B 431 8.41 -15.90 -10.22
N ARG B 432 9.46 -15.15 -10.59
CA ARG B 432 10.50 -15.65 -11.51
C ARG B 432 11.50 -16.56 -10.79
N GLY B 433 11.28 -16.84 -9.50
CA GLY B 433 12.11 -17.79 -8.73
C GLY B 433 13.39 -17.26 -8.10
N MET B 434 13.49 -15.93 -7.96
CA MET B 434 14.60 -15.27 -7.22
C MET B 434 14.32 -15.05 -5.72
N TYR B 435 15.35 -15.27 -4.90
CA TYR B 435 15.35 -14.86 -3.48
C TYR B 435 16.50 -13.87 -3.25
N ALA B 436 16.37 -13.07 -2.20
CA ALA B 436 17.39 -12.11 -1.81
C ALA B 436 17.36 -12.04 -0.30
N LEU B 437 18.26 -12.76 0.34
CA LEU B 437 18.20 -12.94 1.79
C LEU B 437 18.32 -11.63 2.52
N SER B 438 17.39 -11.36 3.44
CA SER B 438 17.54 -10.19 4.29
C SER B 438 18.39 -10.58 5.49
N LEU B 439 18.76 -9.58 6.28
CA LEU B 439 19.44 -9.77 7.57
C LEU B 439 18.53 -10.44 8.60
N GLU B 440 17.22 -10.47 8.34
CA GLU B 440 16.27 -11.05 9.29
C GLU B 440 15.99 -12.53 9.05
N ILE B 441 16.42 -13.09 7.90
CA ILE B 441 16.26 -14.52 7.63
C ILE B 441 17.15 -15.31 8.59
N ALA B 442 16.56 -16.33 9.23
CA ALA B 442 17.31 -17.13 10.20
C ALA B 442 17.20 -18.64 9.97
N ASP B 443 17.72 -19.43 10.92
CA ASP B 443 17.83 -20.90 10.72
C ASP B 443 16.48 -21.49 10.32
N ALA B 444 15.43 -21.14 11.06
CA ALA B 444 14.12 -21.75 10.83
C ALA B 444 13.58 -21.47 9.42
N GLY B 445 13.75 -20.23 8.95
CA GLY B 445 13.30 -19.88 7.58
C GLY B 445 14.09 -20.62 6.49
N ARG B 446 15.41 -20.62 6.61
CA ARG B 446 16.27 -21.34 5.65
C ARG B 446 15.95 -22.85 5.65
N ASP B 447 15.78 -23.44 6.83
CA ASP B 447 15.40 -24.86 6.92
C ASP B 447 14.07 -25.10 6.23
N ALA B 448 13.10 -24.20 6.46
CA ALA B 448 11.76 -24.38 5.86
C ALA B 448 11.84 -24.28 4.35
N PHE B 449 12.63 -23.32 3.85
CA PHE B 449 12.88 -23.20 2.40
C PHE B 449 13.45 -24.52 1.83
N ALA B 450 14.50 -25.04 2.47
CA ALA B 450 15.14 -26.28 1.99
C ALA B 450 14.17 -27.49 1.96
N GLU B 451 13.36 -27.66 3.01
CA GLU B 451 12.39 -28.76 3.07
C GLU B 451 11.30 -28.62 2.03
N ALA B 452 10.87 -27.39 1.81
CA ALA B 452 9.86 -27.16 0.78
C ALA B 452 10.42 -27.44 -0.63
N LEU B 453 11.70 -27.15 -0.84
CA LEU B 453 12.33 -27.54 -2.15
C LEU B 453 12.30 -29.08 -2.32
N ALA B 454 12.78 -29.78 -1.29
CA ALA B 454 12.74 -31.27 -1.29
C ALA B 454 11.30 -31.80 -1.50
N ASP B 455 10.32 -31.24 -0.77
CA ASP B 455 8.89 -31.58 -0.97
C ASP B 455 8.45 -31.33 -2.41
N PHE B 456 8.89 -30.23 -3.02
CA PHE B 456 8.54 -29.98 -4.44
C PHE B 456 9.06 -31.09 -5.34
N ILE B 457 10.31 -31.48 -5.10
CA ILE B 457 10.94 -32.43 -5.99
C ILE B 457 10.20 -33.78 -5.88
N GLY B 458 9.86 -34.19 -4.66
CA GLY B 458 9.09 -35.43 -4.42
C GLY B 458 7.64 -35.39 -4.93
N GLU B 459 6.91 -34.31 -4.61
CA GLU B 459 5.52 -34.14 -5.06
C GLU B 459 5.34 -33.93 -6.57
N GLN B 460 6.34 -33.36 -7.25
CA GLN B 460 6.22 -33.09 -8.68
C GLN B 460 7.11 -34.01 -9.50
N ARG B 461 7.55 -35.11 -8.88
CA ARG B 461 8.46 -36.05 -9.52
C ARG B 461 8.04 -36.43 -10.93
N ALA B 462 6.73 -36.64 -11.11
CA ALA B 462 6.16 -36.99 -12.40
C ALA B 462 6.40 -35.95 -13.50
N LEU B 463 6.44 -34.67 -13.14
CA LEU B 463 6.68 -33.62 -14.15
C LEU B 463 8.16 -33.32 -14.32
N LEU B 464 8.97 -33.98 -13.51
CA LEU B 464 10.41 -33.75 -13.51
C LEU B 464 11.17 -34.92 -14.13
N ASP C 35 -37.59 -36.30 35.15
CA ASP C 35 -37.49 -35.55 36.45
C ASP C 35 -37.48 -36.50 37.62
N THR C 36 -36.47 -36.37 38.48
CA THR C 36 -36.45 -37.10 39.73
C THR C 36 -36.41 -36.10 40.88
N ALA C 37 -36.86 -36.55 42.05
CA ALA C 37 -36.76 -35.78 43.28
C ALA C 37 -35.30 -35.59 43.64
N GLU C 38 -34.48 -36.60 43.39
CA GLU C 38 -33.04 -36.53 43.69
C GLU C 38 -32.36 -35.34 42.97
N LYS C 39 -32.66 -35.19 41.69
CA LYS C 39 -32.10 -34.10 40.89
C LYS C 39 -32.70 -32.75 41.33
N ALA C 40 -33.99 -32.70 41.65
CA ALA C 40 -34.60 -31.47 42.16
C ALA C 40 -33.93 -30.99 43.45
N GLN C 41 -33.61 -31.92 44.36
CA GLN C 41 -32.95 -31.56 45.64
C GLN C 41 -31.52 -31.06 45.37
N ALA C 42 -30.81 -31.73 44.45
CA ALA C 42 -29.49 -31.23 44.03
C ALA C 42 -29.57 -29.81 43.45
N ILE C 43 -30.59 -29.53 42.65
CA ILE C 43 -30.76 -28.20 42.08
C ILE C 43 -31.09 -27.15 43.16
N ALA C 44 -32.02 -27.48 44.08
CA ALA C 44 -32.29 -26.59 45.22
C ALA C 44 -31.02 -26.30 46.03
N ALA C 45 -30.19 -27.30 46.23
CA ALA C 45 -28.96 -27.07 46.95
C ALA C 45 -28.00 -26.20 46.11
N ALA C 46 -27.96 -26.38 44.79
CA ALA C 46 -27.04 -25.56 43.96
C ALA C 46 -27.48 -24.08 43.87
N ARG C 47 -28.79 -23.88 43.68
CA ARG C 47 -29.35 -22.53 43.73
C ARG C 47 -29.05 -21.81 45.06
N ASN C 48 -29.18 -22.52 46.19
CA ASN C 48 -28.89 -21.94 47.53
C ASN C 48 -27.46 -21.56 47.70
N THR C 49 -26.55 -22.47 47.32
CA THR C 49 -25.11 -22.20 47.35
C THR C 49 -24.75 -20.97 46.48
N PHE C 50 -25.30 -20.90 45.26
CA PHE C 50 -25.09 -19.73 44.37
C PHE C 50 -25.57 -18.41 45.10
N ALA C 51 -26.79 -18.43 45.64
CA ALA C 51 -27.34 -17.30 46.39
C ALA C 51 -26.42 -16.85 47.54
N ARG C 52 -25.92 -17.83 48.32
CA ARG C 52 -25.01 -17.56 49.44
C ARG C 52 -23.67 -17.02 48.99
N ASP C 53 -23.17 -17.48 47.84
CA ASP C 53 -21.91 -16.98 47.27
C ASP C 53 -22.03 -15.55 46.79
N ASN C 54 -23.23 -15.16 46.35
CA ASN C 54 -23.42 -13.93 45.58
C ASN C 54 -24.46 -12.92 46.15
N PRO C 55 -24.36 -12.55 47.45
CA PRO C 55 -25.36 -11.59 48.00
C PRO C 55 -25.34 -10.20 47.33
N VAL C 56 -24.19 -9.75 46.83
CA VAL C 56 -24.17 -8.43 46.15
C VAL C 56 -24.99 -8.50 44.85
N SER C 57 -24.80 -9.55 44.04
CA SER C 57 -25.66 -9.74 42.85
C SER C 57 -27.12 -9.80 43.27
N ALA C 58 -27.42 -10.47 44.39
CA ALA C 58 -28.81 -10.56 44.88
C ALA C 58 -29.42 -9.16 45.15
N GLY C 59 -28.64 -8.28 45.78
CA GLY C 59 -29.08 -6.89 46.05
C GLY C 59 -29.32 -6.14 44.76
N HIS C 60 -28.46 -6.35 43.76
CA HIS C 60 -28.62 -5.67 42.49
C HIS C 60 -29.95 -6.09 41.84
N HIS C 61 -30.29 -7.37 41.90
CA HIS C 61 -31.52 -7.88 41.27
C HIS C 61 -32.77 -7.23 41.89
N GLU C 62 -32.83 -7.16 43.22
CA GLU C 62 -33.96 -6.49 43.89
C GLU C 62 -34.15 -5.04 43.40
N ARG C 63 -33.06 -4.30 43.25
CA ARG C 63 -33.11 -2.93 42.71
C ARG C 63 -33.51 -2.91 41.24
N ALA C 64 -32.90 -3.78 40.42
CA ALA C 64 -33.23 -3.91 38.98
C ALA C 64 -34.72 -4.20 38.68
N ARG C 65 -35.39 -4.94 39.57
CA ARG C 65 -36.83 -5.19 39.42
C ARG C 65 -37.69 -3.93 39.43
N ARG C 66 -37.19 -2.83 40.00
CA ARG C 66 -38.02 -1.62 40.09
C ARG C 66 -38.26 -0.95 38.75
N SER C 67 -37.33 -1.10 37.80
CA SER C 67 -37.36 -0.31 36.54
C SER C 67 -37.57 -1.15 35.25
N MET C 68 -37.29 -2.46 35.34
CA MET C 68 -37.43 -3.42 34.23
C MET C 68 -38.22 -4.62 34.68
N PRO C 69 -39.00 -5.20 33.77
CA PRO C 69 -39.81 -6.37 34.14
C PRO C 69 -38.91 -7.49 34.61
N GLY C 70 -39.11 -7.96 35.85
CA GLY C 70 -38.21 -8.94 36.46
C GLY C 70 -36.74 -8.55 36.50
N GLY C 71 -36.44 -7.23 36.44
CA GLY C 71 -35.04 -6.76 36.47
C GLY C 71 -34.26 -7.08 35.19
N ASN C 72 -34.99 -7.20 34.09
CA ASN C 72 -34.46 -7.87 32.89
C ASN C 72 -34.71 -7.08 31.63
N THR C 73 -33.76 -7.04 30.70
CA THR C 73 -34.02 -6.42 29.42
C THR C 73 -33.64 -7.31 28.22
N ARG C 74 -33.16 -8.52 28.49
CA ARG C 74 -32.77 -9.47 27.44
C ARG C 74 -33.08 -10.84 28.09
N SER C 75 -34.16 -11.49 27.68
CA SER C 75 -34.70 -12.65 28.43
C SER C 75 -33.71 -13.77 28.73
N ILE C 76 -32.82 -14.05 27.78
CA ILE C 76 -31.84 -15.12 27.95
C ILE C 76 -30.81 -14.89 29.10
N LEU C 77 -30.67 -13.66 29.59
CA LEU C 77 -29.73 -13.40 30.70
C LEU C 77 -30.33 -13.78 32.06
N PHE C 78 -31.65 -13.94 32.11
CA PHE C 78 -32.27 -14.33 33.38
C PHE C 78 -32.12 -15.83 33.70
N HIS C 79 -31.78 -16.15 34.95
CA HIS C 79 -31.87 -17.52 35.44
C HIS C 79 -32.13 -17.44 36.93
N ARG C 80 -32.73 -18.51 37.43
CA ARG C 80 -32.97 -18.64 38.86
C ARG C 80 -31.67 -18.95 39.60
N PRO C 81 -31.55 -18.50 40.85
CA PRO C 81 -32.47 -17.69 41.66
C PRO C 81 -32.44 -16.22 41.23
N PHE C 82 -31.34 -15.77 40.63
CA PHE C 82 -31.18 -14.43 40.09
C PHE C 82 -29.89 -14.49 39.27
N PRO C 83 -29.75 -13.60 38.26
CA PRO C 83 -28.56 -13.58 37.43
C PRO C 83 -27.30 -12.97 38.09
N LEU C 84 -26.13 -13.42 37.67
CA LEU C 84 -24.88 -12.75 38.10
C LEU C 84 -24.86 -11.35 37.49
N VAL C 85 -24.41 -10.37 38.26
CA VAL C 85 -24.10 -9.03 37.69
C VAL C 85 -22.60 -8.92 37.57
N ILE C 86 -22.12 -8.62 36.36
CA ILE C 86 -20.68 -8.48 36.17
C ILE C 86 -20.22 -7.03 36.38
N ALA C 87 -19.07 -6.85 37.02
CA ALA C 87 -18.55 -5.54 37.30
C ALA C 87 -17.59 -5.03 36.21
N GLN C 88 -16.76 -5.92 35.66
CA GLN C 88 -15.69 -5.47 34.75
C GLN C 88 -15.03 -6.69 34.13
N GLY C 89 -14.36 -6.52 33.00
CA GLY C 89 -13.64 -7.64 32.40
C GLY C 89 -12.53 -7.18 31.48
N THR C 90 -11.49 -7.98 31.39
CA THR C 90 -10.40 -7.76 30.47
C THR C 90 -9.98 -9.07 29.76
N GLY C 91 -9.76 -8.99 28.46
CA GLY C 91 -9.40 -10.21 27.70
C GLY C 91 -10.52 -11.27 27.76
N SER C 92 -10.20 -12.51 28.13
CA SER C 92 -11.24 -13.54 28.27
C SER C 92 -11.83 -13.63 29.67
N ARG C 93 -11.32 -12.82 30.60
CA ARG C 93 -11.73 -12.93 32.02
C ARG C 93 -12.68 -11.81 32.46
N PHE C 94 -13.59 -12.12 33.37
CA PHE C 94 -14.38 -11.07 34.01
C PHE C 94 -14.59 -11.34 35.51
N GLN C 95 -15.12 -10.35 36.20
CA GLN C 95 -15.33 -10.41 37.64
C GLN C 95 -16.75 -9.95 37.97
N ASP C 96 -17.43 -10.68 38.86
CA ASP C 96 -18.77 -10.30 39.25
C ASP C 96 -18.72 -9.26 40.36
N VAL C 97 -19.89 -8.78 40.78
CA VAL C 97 -19.94 -7.70 41.76
C VAL C 97 -19.57 -8.12 43.19
N ASP C 98 -19.55 -9.43 43.42
CA ASP C 98 -19.05 -9.99 44.66
C ASP C 98 -17.53 -10.14 44.64
N GLY C 99 -16.91 -9.87 43.48
CA GLY C 99 -15.44 -10.02 43.34
C GLY C 99 -14.97 -11.36 42.78
N HIS C 100 -15.87 -12.27 42.41
CA HIS C 100 -15.38 -13.58 41.92
C HIS C 100 -14.91 -13.40 40.48
N ALA C 101 -13.82 -14.08 40.11
CA ALA C 101 -13.31 -14.09 38.72
C ALA C 101 -13.72 -15.36 37.97
N TYR C 102 -13.89 -15.25 36.65
CA TYR C 102 -14.28 -16.38 35.78
C TYR C 102 -13.59 -16.23 34.45
N VAL C 103 -13.43 -17.35 33.72
CA VAL C 103 -13.13 -17.29 32.30
C VAL C 103 -14.46 -17.31 31.55
N ASN C 104 -14.63 -16.38 30.63
CA ASN C 104 -15.89 -16.20 29.91
C ASN C 104 -15.91 -17.11 28.66
N PHE C 105 -16.54 -18.28 28.76
CA PHE C 105 -16.66 -19.21 27.62
C PHE C 105 -17.92 -18.95 26.79
N LEU C 106 -18.83 -18.12 27.32
CA LEU C 106 -20.07 -17.74 26.61
C LEU C 106 -19.74 -16.81 25.41
N GLY C 107 -18.89 -15.81 25.64
CA GLY C 107 -18.49 -14.90 24.52
C GLY C 107 -19.67 -14.28 23.79
N GLU C 108 -20.61 -13.73 24.59
CA GLU C 108 -21.78 -12.97 24.11
C GLU C 108 -22.62 -13.70 23.05
N TYR C 109 -22.90 -14.97 23.31
CA TYR C 109 -23.65 -15.82 22.37
C TYR C 109 -23.10 -15.67 20.96
N THR C 110 -21.77 -15.79 20.88
CA THR C 110 -20.95 -15.73 19.65
C THR C 110 -20.59 -14.32 19.14
N ALA C 111 -21.22 -13.28 19.66
CA ALA C 111 -20.86 -11.90 19.28
C ALA C 111 -19.51 -11.45 19.87
N GLY C 112 -19.16 -11.99 21.03
CA GLY C 112 -18.02 -11.51 21.83
C GLY C 112 -16.75 -12.24 21.45
N LEU C 113 -16.46 -12.26 20.15
CA LEU C 113 -15.30 -12.95 19.60
C LEU C 113 -13.95 -12.34 19.99
N PHE C 114 -13.94 -11.07 20.42
CA PHE C 114 -12.68 -10.31 20.57
C PHE C 114 -12.25 -10.19 22.02
N GLY C 115 -12.99 -10.87 22.89
CA GLY C 115 -12.85 -10.71 24.34
C GLY C 115 -13.32 -9.35 24.80
N HIS C 116 -12.94 -8.96 26.03
CA HIS C 116 -13.53 -7.78 26.66
C HIS C 116 -12.84 -6.45 26.39
N SER C 117 -11.64 -6.47 25.82
CA SER C 117 -10.85 -5.23 25.73
C SER C 117 -9.84 -5.38 24.60
N HIS C 118 -10.31 -5.75 23.41
CA HIS C 118 -9.36 -6.02 22.33
C HIS C 118 -8.73 -4.70 21.89
N PRO C 119 -7.37 -4.61 21.81
CA PRO C 119 -6.76 -3.32 21.46
C PRO C 119 -7.04 -2.81 20.03
N VAL C 120 -7.27 -3.71 19.08
CA VAL C 120 -7.59 -3.28 17.73
C VAL C 120 -9.03 -2.72 17.66
N ILE C 121 -9.96 -3.39 18.35
CA ILE C 121 -11.33 -2.86 18.49
C ILE C 121 -11.28 -1.49 19.19
N ARG C 122 -10.54 -1.41 20.31
CA ARG C 122 -10.40 -0.15 20.99
C ARG C 122 -9.87 0.97 20.04
N ALA C 123 -8.87 0.68 19.22
CA ALA C 123 -8.30 1.68 18.28
C ALA C 123 -9.32 2.11 17.22
N ALA C 124 -10.14 1.17 16.77
CA ALA C 124 -11.20 1.47 15.82
C ALA C 124 -12.26 2.42 16.40
N VAL C 125 -12.59 2.23 17.68
CA VAL C 125 -13.60 3.04 18.39
C VAL C 125 -13.04 4.46 18.56
N GLU C 126 -11.77 4.54 18.96
CA GLU C 126 -11.06 5.83 19.00
C GLU C 126 -11.07 6.57 17.65
N ARG C 127 -10.72 5.87 16.56
CA ARG C 127 -10.76 6.49 15.22
C ARG C 127 -12.17 6.96 14.86
N ALA C 128 -13.19 6.14 15.16
CA ALA C 128 -14.57 6.57 14.92
C ALA C 128 -14.86 7.89 15.68
N LEU C 129 -14.49 7.96 16.95
CA LEU C 129 -14.69 9.23 17.71
C LEU C 129 -14.03 10.42 17.02
N ALA C 130 -12.87 10.20 16.42
CA ALA C 130 -12.17 11.23 15.66
C ALA C 130 -12.79 11.59 14.30
N VAL C 131 -13.43 10.66 13.59
CA VAL C 131 -14.20 11.00 12.41
C VAL C 131 -15.43 11.89 12.83
N GLY C 132 -16.17 11.44 13.83
CA GLY C 132 -17.29 12.22 14.40
C GLY C 132 -18.51 11.34 14.48
N LEU C 133 -19.32 11.55 15.51
CA LEU C 133 -20.51 10.73 15.72
C LEU C 133 -21.74 11.35 15.01
N ASN C 134 -22.67 10.50 14.58
CA ASN C 134 -24.00 10.95 14.07
C ASN C 134 -23.85 12.05 13.01
N LEU C 135 -23.00 11.79 12.03
CA LEU C 135 -22.70 12.78 10.97
C LEU C 135 -23.87 12.96 9.97
N SER C 136 -24.88 12.09 10.04
CA SER C 136 -26.17 12.37 9.35
C SER C 136 -26.12 12.24 7.86
N THR C 137 -25.08 11.59 7.35
CA THR C 137 -24.87 11.51 5.92
C THR C 137 -24.10 10.20 5.67
N GLN C 138 -23.95 9.80 4.42
CA GLN C 138 -23.00 8.72 4.13
C GLN C 138 -21.57 9.07 4.40
N THR C 139 -20.77 8.10 4.87
CA THR C 139 -19.32 8.27 5.00
C THR C 139 -18.62 7.18 4.17
N GLU C 140 -17.32 7.30 3.98
CA GLU C 140 -16.57 6.27 3.23
C GLU C 140 -16.56 4.95 4.00
N ASN C 141 -16.58 5.05 5.32
CA ASN C 141 -16.46 3.85 6.17
C ASN C 141 -17.49 2.77 5.91
N GLU C 142 -18.72 3.18 5.59
CA GLU C 142 -19.74 2.17 5.32
C GLU C 142 -19.47 1.43 4.01
N ALA C 143 -18.98 2.14 2.99
CA ALA C 143 -18.64 1.47 1.73
C ALA C 143 -17.46 0.45 1.95
N LEU C 144 -16.42 0.85 2.67
CA LEU C 144 -15.30 -0.08 2.97
C LEU C 144 -15.74 -1.33 3.73
N PHE C 145 -16.58 -1.15 4.77
CA PHE C 145 -17.15 -2.31 5.49
C PHE C 145 -17.92 -3.24 4.54
N ALA C 146 -18.75 -2.69 3.66
CA ALA C 146 -19.56 -3.51 2.73
C ALA C 146 -18.69 -4.31 1.74
N GLU C 147 -17.58 -3.72 1.31
CA GLU C 147 -16.60 -4.41 0.45
C GLU C 147 -15.96 -5.58 1.22
N ALA C 148 -15.58 -5.33 2.47
CA ALA C 148 -14.99 -6.39 3.27
C ALA C 148 -15.99 -7.57 3.47
N VAL C 149 -17.27 -7.26 3.72
CA VAL C 149 -18.29 -8.31 3.86
C VAL C 149 -18.46 -9.04 2.53
N CYS C 150 -18.55 -8.30 1.42
CA CYS C 150 -18.72 -8.95 0.11
C CYS C 150 -17.52 -9.84 -0.26
N ASP C 151 -16.29 -9.36 0.02
CA ASP C 151 -15.09 -10.19 -0.24
C ASP C 151 -15.16 -11.51 0.50
N ARG C 152 -15.73 -11.44 1.69
CA ARG C 152 -15.65 -12.49 2.70
C ARG C 152 -16.63 -13.63 2.42
N PHE C 153 -17.87 -13.30 2.05
CA PHE C 153 -18.96 -14.28 1.99
C PHE C 153 -19.33 -14.52 0.51
N PRO C 154 -19.15 -15.75 0.05
CA PRO C 154 -19.11 -16.05 -1.41
C PRO C 154 -20.46 -16.03 -2.09
N SER C 155 -21.56 -16.08 -1.35
CA SER C 155 -22.88 -15.88 -2.03
C SER C 155 -23.46 -14.44 -1.91
N ILE C 156 -22.76 -13.56 -1.19
CA ILE C 156 -23.22 -12.17 -1.02
C ILE C 156 -22.56 -11.27 -2.10
N ASP C 157 -23.34 -10.91 -3.13
CA ASP C 157 -22.88 -9.97 -4.18
C ASP C 157 -23.03 -8.52 -3.76
N LEU C 158 -24.13 -8.22 -3.03
CA LEU C 158 -24.44 -6.85 -2.53
C LEU C 158 -25.02 -7.04 -1.12
N VAL C 159 -24.84 -6.05 -0.24
CA VAL C 159 -25.23 -6.23 1.18
C VAL C 159 -25.81 -4.92 1.72
N ARG C 160 -26.64 -5.01 2.76
CA ARG C 160 -27.10 -3.83 3.49
C ARG C 160 -27.04 -4.13 4.96
N PHE C 161 -26.71 -3.14 5.78
CA PHE C 161 -26.52 -3.30 7.20
C PHE C 161 -27.78 -2.96 7.93
N THR C 162 -28.01 -3.67 9.04
CA THR C 162 -29.13 -3.39 9.94
C THR C 162 -28.56 -3.26 11.36
N ASN C 163 -29.43 -3.24 12.38
CA ASN C 163 -28.98 -2.96 13.77
C ASN C 163 -28.98 -4.18 14.67
N SER C 164 -29.29 -5.31 14.03
CA SER C 164 -29.39 -6.57 14.78
C SER C 164 -29.66 -7.72 13.79
N GLY C 165 -29.43 -8.94 14.26
CA GLY C 165 -29.81 -10.12 13.48
C GLY C 165 -31.32 -10.25 13.25
N THR C 166 -32.11 -9.80 14.22
CA THR C 166 -33.57 -9.78 14.13
C THR C 166 -34.01 -8.95 12.94
N GLU C 167 -33.42 -7.74 12.81
CA GLU C 167 -33.75 -6.87 11.70
C GLU C 167 -33.28 -7.48 10.37
N ALA C 168 -32.09 -8.09 10.37
CA ALA C 168 -31.58 -8.70 9.11
C ALA C 168 -32.55 -9.80 8.64
N ASN C 169 -33.05 -10.64 9.55
CA ASN C 169 -33.96 -11.70 9.15
C ASN C 169 -35.35 -11.19 8.75
N LEU C 170 -35.90 -10.19 9.48
CA LEU C 170 -37.11 -9.55 9.05
C LEU C 170 -37.01 -8.91 7.65
N MET C 171 -35.88 -8.26 7.37
CA MET C 171 -35.70 -7.66 6.04
C MET C 171 -35.57 -8.74 4.93
N ALA C 172 -34.96 -9.87 5.27
CA ALA C 172 -34.84 -10.96 4.28
C ALA C 172 -36.24 -11.51 3.98
N LEU C 173 -37.08 -11.63 5.01
CA LEU C 173 -38.49 -12.00 4.80
C LEU C 173 -39.26 -10.95 4.02
N ALA C 174 -39.06 -9.65 4.34
CA ALA C 174 -39.68 -8.55 3.58
C ALA C 174 -39.33 -8.61 2.09
N THR C 175 -38.05 -8.88 1.80
CA THR C 175 -37.57 -9.01 0.44
C THR C 175 -38.22 -10.17 -0.30
N ALA C 176 -38.24 -11.33 0.35
CA ALA C 176 -38.81 -12.54 -0.23
C ALA C 176 -40.29 -12.39 -0.57
N THR C 177 -41.10 -11.95 0.40
CA THR C 177 -42.54 -11.79 0.21
C THR C 177 -42.86 -10.69 -0.82
N ALA C 178 -42.11 -9.61 -0.80
CA ALA C 178 -42.33 -8.52 -1.75
C ALA C 178 -41.92 -8.85 -3.20
N ILE C 179 -40.83 -9.60 -3.39
CA ILE C 179 -40.43 -9.99 -4.75
C ILE C 179 -41.36 -11.04 -5.33
N THR C 180 -41.65 -12.09 -4.55
CA THR C 180 -42.47 -13.20 -5.02
C THR C 180 -43.98 -12.92 -4.99
N GLY C 181 -44.45 -12.00 -4.15
CA GLY C 181 -45.89 -11.77 -3.98
C GLY C 181 -46.58 -12.92 -3.24
N ARG C 182 -45.79 -13.77 -2.56
CA ARG C 182 -46.32 -14.92 -1.82
C ARG C 182 -46.26 -14.71 -0.33
N LYS C 183 -46.99 -15.53 0.44
CA LYS C 183 -47.05 -15.33 1.90
C LYS C 183 -46.40 -16.39 2.81
N THR C 184 -46.26 -17.62 2.33
CA THR C 184 -45.91 -18.69 3.25
C THR C 184 -44.42 -18.77 3.43
N VAL C 185 -44.02 -18.95 4.69
CA VAL C 185 -42.60 -19.08 5.03
C VAL C 185 -42.40 -20.42 5.70
N LEU C 186 -41.47 -21.21 5.18
CA LEU C 186 -41.15 -22.48 5.81
C LEU C 186 -39.98 -22.23 6.73
N ALA C 187 -40.15 -22.55 8.00
CA ALA C 187 -39.02 -22.53 8.92
C ALA C 187 -39.07 -23.83 9.73
N PHE C 188 -38.23 -23.92 10.77
CA PHE C 188 -38.06 -25.18 11.50
C PHE C 188 -38.17 -25.04 13.01
N ASP C 189 -38.88 -26.00 13.60
CA ASP C 189 -39.03 -26.14 15.04
C ASP C 189 -37.63 -26.27 15.64
N GLY C 190 -37.38 -25.45 16.67
CA GLY C 190 -36.05 -25.28 17.29
C GLY C 190 -35.29 -24.09 16.71
N GLY C 191 -35.72 -23.59 15.56
CA GLY C 191 -34.99 -22.48 14.87
C GLY C 191 -35.22 -21.16 15.60
N TYR C 192 -34.19 -20.32 15.55
CA TYR C 192 -34.25 -19.01 16.22
C TYR C 192 -33.68 -17.97 15.29
N HIS C 193 -34.52 -17.01 14.93
CA HIS C 193 -34.15 -15.99 13.97
C HIS C 193 -34.34 -14.56 14.51
N GLY C 194 -34.58 -14.45 15.80
CA GLY C 194 -34.69 -13.13 16.39
C GLY C 194 -35.91 -12.96 17.26
N GLY C 195 -36.03 -11.81 17.91
CA GLY C 195 -37.08 -11.54 18.90
C GLY C 195 -38.50 -11.66 18.33
N LEU C 196 -38.67 -11.41 17.04
CA LEU C 196 -39.98 -11.49 16.43
C LEU C 196 -40.17 -12.77 15.56
N LEU C 197 -39.17 -13.66 15.62
CA LEU C 197 -39.13 -14.88 14.79
C LEU C 197 -38.45 -15.99 15.59
N ASN C 198 -39.03 -16.24 16.77
CA ASN C 198 -38.53 -17.20 17.73
C ASN C 198 -39.33 -18.53 17.60
N PHE C 199 -38.73 -19.55 17.01
CA PHE C 199 -39.40 -20.86 16.90
C PHE C 199 -38.75 -21.94 17.79
N ALA C 200 -37.98 -21.47 18.77
CA ALA C 200 -37.19 -22.39 19.59
C ALA C 200 -38.08 -23.31 20.43
N SER C 201 -39.31 -22.87 20.70
CA SER C 201 -40.33 -23.70 21.37
C SER C 201 -41.61 -23.77 20.54
N GLY C 202 -41.49 -23.87 19.21
CA GLY C 202 -42.66 -23.74 18.36
C GLY C 202 -43.13 -22.30 18.18
N HIS C 203 -44.39 -22.13 17.82
CA HIS C 203 -44.97 -20.81 17.61
C HIS C 203 -45.10 -20.02 18.91
N ALA C 204 -44.75 -18.75 18.86
CA ALA C 204 -44.77 -17.87 20.03
C ALA C 204 -45.79 -16.79 19.73
N PRO C 205 -46.60 -16.39 20.75
CA PRO C 205 -47.68 -15.47 20.41
C PRO C 205 -47.15 -14.07 20.09
N THR C 206 -45.93 -13.77 20.53
CA THR C 206 -45.30 -12.50 20.18
C THR C 206 -44.62 -12.44 18.79
N ASN C 207 -44.52 -13.55 18.05
CA ASN C 207 -43.83 -13.49 16.72
C ASN C 207 -44.58 -12.57 15.74
N ALA C 208 -43.85 -11.88 14.86
CA ALA C 208 -44.49 -11.14 13.80
C ALA C 208 -45.33 -12.11 12.98
N PRO C 209 -46.53 -11.69 12.57
CA PRO C 209 -47.48 -12.67 12.00
C PRO C 209 -47.24 -13.01 10.52
N TYR C 210 -46.01 -13.38 10.18
CA TYR C 210 -45.76 -14.00 8.87
C TYR C 210 -46.52 -15.35 8.88
N HIS C 211 -47.00 -15.79 7.72
CA HIS C 211 -47.60 -17.12 7.67
C HIS C 211 -46.54 -18.26 7.70
N VAL C 212 -46.09 -18.66 8.88
CA VAL C 212 -44.97 -19.60 9.02
C VAL C 212 -45.47 -21.01 9.20
N VAL C 213 -44.97 -21.91 8.36
CA VAL C 213 -45.23 -23.35 8.56
C VAL C 213 -43.94 -23.92 9.14
N LEU C 214 -44.02 -24.68 10.23
CA LEU C 214 -42.81 -25.24 10.84
C LEU C 214 -42.59 -26.70 10.50
N GLY C 215 -41.43 -27.01 9.92
CA GLY C 215 -40.98 -28.41 9.77
C GLY C 215 -40.14 -28.88 10.94
N VAL C 216 -39.70 -30.14 10.86
CA VAL C 216 -38.75 -30.74 11.82
C VAL C 216 -37.33 -30.61 11.22
N TYR C 217 -36.38 -30.06 11.98
CA TYR C 217 -35.01 -29.85 11.47
C TYR C 217 -34.40 -31.24 11.11
N ASN C 218 -33.64 -31.29 10.01
CA ASN C 218 -33.03 -32.53 9.51
C ASN C 218 -33.98 -33.63 9.04
N ASP C 219 -35.27 -33.36 8.98
CA ASP C 219 -36.25 -34.37 8.56
C ASP C 219 -36.57 -34.22 7.07
N VAL C 220 -35.93 -35.04 6.24
CA VAL C 220 -36.05 -34.93 4.78
C VAL C 220 -37.47 -35.31 4.30
N GLU C 221 -37.96 -36.46 4.71
CA GLU C 221 -39.24 -36.94 4.20
C GLU C 221 -40.42 -36.08 4.65
N GLY C 222 -40.48 -35.76 5.95
CA GLY C 222 -41.50 -34.81 6.45
C GLY C 222 -41.37 -33.45 5.76
N THR C 223 -40.15 -32.95 5.55
CA THR C 223 -40.01 -31.61 4.94
C THR C 223 -40.37 -31.62 3.45
N ALA C 224 -40.00 -32.68 2.74
CA ALA C 224 -40.45 -32.83 1.35
C ALA C 224 -41.99 -32.85 1.19
N ASP C 225 -42.71 -33.49 2.13
CA ASP C 225 -44.19 -33.47 2.18
C ASP C 225 -44.76 -32.06 2.40
N LEU C 226 -44.19 -31.30 3.33
CA LEU C 226 -44.58 -29.90 3.54
C LEU C 226 -44.34 -29.03 2.29
N LEU C 227 -43.24 -29.28 1.59
CA LEU C 227 -42.94 -28.53 0.38
C LEU C 227 -43.87 -28.88 -0.80
N LYS C 228 -44.37 -30.11 -0.87
CA LYS C 228 -45.41 -30.47 -1.86
C LYS C 228 -46.73 -29.77 -1.54
N ARG C 229 -47.14 -29.76 -0.27
CA ARG C 229 -48.39 -29.09 0.17
C ARG C 229 -48.34 -27.56 -0.04
N HIS C 230 -47.24 -26.92 0.37
CA HIS C 230 -47.19 -25.46 0.48
C HIS C 230 -46.29 -24.76 -0.56
N GLY C 231 -45.51 -25.53 -1.31
CA GLY C 231 -44.41 -24.99 -2.13
C GLY C 231 -44.77 -23.86 -3.08
N HIS C 232 -45.94 -23.97 -3.70
CA HIS C 232 -46.48 -22.99 -4.62
C HIS C 232 -46.82 -21.61 -3.98
N ASP C 233 -47.18 -21.57 -2.69
CA ASP C 233 -47.37 -20.27 -1.98
C ASP C 233 -46.16 -19.92 -1.09
N CYS C 234 -45.01 -20.57 -1.33
N CYS C 234 -45.02 -20.60 -1.28
CA CYS C 234 -43.80 -20.31 -0.54
CA CYS C 234 -43.82 -20.31 -0.47
C CYS C 234 -42.98 -19.11 -1.03
C CYS C 234 -42.97 -19.15 -0.99
N ALA C 235 -42.89 -18.09 -0.19
CA ALA C 235 -42.04 -16.93 -0.46
C ALA C 235 -40.57 -17.27 -0.17
N ALA C 236 -40.37 -18.06 0.88
CA ALA C 236 -39.04 -18.28 1.45
C ALA C 236 -38.98 -19.56 2.25
N ILE C 237 -37.78 -20.15 2.29
CA ILE C 237 -37.39 -21.14 3.29
C ILE C 237 -36.33 -20.46 4.17
N LEU C 238 -36.54 -20.43 5.48
CA LEU C 238 -35.63 -19.73 6.40
C LEU C 238 -35.01 -20.78 7.33
N VAL C 239 -33.68 -20.89 7.29
CA VAL C 239 -33.00 -21.97 8.02
C VAL C 239 -31.58 -21.62 8.49
N GLU C 240 -31.23 -22.02 9.72
CA GLU C 240 -29.84 -21.95 10.19
C GLU C 240 -29.09 -23.18 9.68
N PRO C 241 -27.85 -23.04 9.14
CA PRO C 241 -27.08 -24.25 8.79
C PRO C 241 -26.68 -25.09 10.04
N MET C 242 -26.90 -24.53 11.23
CA MET C 242 -26.74 -25.24 12.50
C MET C 242 -27.69 -24.55 13.50
N LEU C 243 -28.59 -25.28 14.18
CA LEU C 243 -29.41 -24.64 15.22
C LEU C 243 -28.44 -24.09 16.28
N GLY C 244 -28.59 -22.82 16.63
CA GLY C 244 -27.67 -22.16 17.57
C GLY C 244 -28.32 -22.20 18.94
N ALA C 245 -29.30 -21.32 19.17
CA ALA C 245 -30.07 -21.32 20.42
C ALA C 245 -30.71 -22.69 20.64
N GLY C 246 -31.08 -23.35 19.55
CA GLY C 246 -31.81 -24.63 19.60
C GLY C 246 -30.93 -25.83 19.99
N GLY C 247 -29.63 -25.59 20.15
CA GLY C 247 -28.73 -26.56 20.76
C GLY C 247 -27.44 -26.91 20.02
N CYS C 248 -26.94 -26.05 19.13
CA CYS C 248 -25.72 -26.34 18.34
C CYS C 248 -25.88 -27.71 17.63
N VAL C 249 -26.90 -27.79 16.80
CA VAL C 249 -27.30 -29.01 16.12
C VAL C 249 -26.96 -28.83 14.62
N PRO C 250 -25.88 -29.47 14.13
CA PRO C 250 -25.55 -29.29 12.70
C PRO C 250 -26.68 -29.77 11.74
N ALA C 251 -26.84 -29.05 10.63
CA ALA C 251 -27.73 -29.52 9.57
C ALA C 251 -26.99 -30.59 8.79
N GLU C 252 -27.71 -31.63 8.40
CA GLU C 252 -27.14 -32.66 7.51
C GLU C 252 -27.20 -32.22 6.06
N ARG C 253 -26.22 -32.67 5.26
CA ARG C 253 -26.15 -32.25 3.86
C ARG C 253 -27.42 -32.60 3.06
N ALA C 254 -27.98 -33.80 3.24
CA ALA C 254 -29.19 -34.20 2.53
C ALA C 254 -30.35 -33.22 2.82
N PHE C 255 -30.47 -32.79 4.07
CA PHE C 255 -31.51 -31.83 4.46
C PHE C 255 -31.31 -30.49 3.73
N LEU C 256 -30.11 -29.94 3.79
CA LEU C 256 -29.85 -28.71 3.04
C LEU C 256 -29.96 -28.84 1.49
N ASP C 257 -29.52 -29.96 0.90
CA ASP C 257 -29.69 -30.20 -0.57
C ASP C 257 -31.19 -30.22 -0.95
N LEU C 258 -32.01 -30.87 -0.12
CA LEU C 258 -33.47 -30.84 -0.30
C LEU C 258 -33.99 -29.41 -0.33
N LEU C 259 -33.65 -28.61 0.67
CA LEU C 259 -34.15 -27.19 0.67
C LEU C 259 -33.69 -26.39 -0.54
N ARG C 260 -32.45 -26.59 -0.94
CA ARG C 260 -31.89 -25.86 -2.10
C ARG C 260 -32.59 -26.27 -3.41
N ALA C 261 -32.77 -27.58 -3.61
CA ALA C 261 -33.50 -28.08 -4.80
C ALA C 261 -34.99 -27.63 -4.81
N GLU C 262 -35.71 -27.79 -3.70
CA GLU C 262 -37.12 -27.36 -3.64
C GLU C 262 -37.37 -25.85 -3.73
N ALA C 263 -36.49 -25.04 -3.13
CA ALA C 263 -36.58 -23.59 -3.32
C ALA C 263 -36.47 -23.21 -4.79
N SER C 264 -35.47 -23.74 -5.49
CA SER C 264 -35.28 -23.43 -6.92
C SER C 264 -36.48 -23.94 -7.77
N ARG C 265 -36.97 -25.14 -7.47
CA ARG C 265 -38.14 -25.70 -8.18
C ARG C 265 -39.42 -24.90 -8.00
N CYS C 266 -39.72 -24.45 -6.78
N CYS C 266 -39.68 -24.43 -6.78
CA CYS C 266 -40.99 -23.74 -6.56
CA CYS C 266 -40.95 -23.76 -6.49
C CYS C 266 -40.90 -22.22 -6.65
C CYS C 266 -40.90 -22.24 -6.67
N GLY C 267 -39.69 -21.68 -6.74
CA GLY C 267 -39.48 -20.25 -6.81
C GLY C 267 -39.50 -19.54 -5.45
N ALA C 268 -39.31 -20.29 -4.36
CA ALA C 268 -39.08 -19.70 -3.02
C ALA C 268 -37.62 -19.21 -2.92
N LEU C 269 -37.37 -18.14 -2.15
CA LEU C 269 -36.01 -17.73 -1.83
C LEU C 269 -35.50 -18.58 -0.65
N LEU C 270 -34.34 -19.21 -0.85
CA LEU C 270 -33.71 -19.93 0.24
C LEU C 270 -32.91 -18.87 1.01
N ILE C 271 -33.25 -18.68 2.28
CA ILE C 271 -32.47 -17.80 3.17
C ILE C 271 -31.67 -18.61 4.22
N PHE C 272 -30.35 -18.51 4.19
CA PHE C 272 -29.55 -19.13 5.21
C PHE C 272 -29.27 -18.07 6.28
N ASP C 273 -29.73 -18.36 7.48
CA ASP C 273 -29.46 -17.50 8.62
C ASP C 273 -28.09 -17.87 9.19
N GLU C 274 -27.05 -17.12 8.78
CA GLU C 274 -25.69 -17.36 9.30
C GLU C 274 -25.29 -16.36 10.43
N VAL C 275 -26.28 -15.88 11.20
CA VAL C 275 -26.00 -14.93 12.27
C VAL C 275 -24.96 -15.55 13.23
N MET C 276 -25.10 -16.85 13.53
CA MET C 276 -24.07 -17.55 14.29
C MET C 276 -23.07 -18.27 13.41
N THR C 277 -23.55 -18.96 12.36
CA THR C 277 -22.65 -19.86 11.61
C THR C 277 -21.63 -19.17 10.71
N SER C 278 -21.77 -17.86 10.46
CA SER C 278 -20.82 -17.20 9.55
C SER C 278 -19.37 -17.30 10.02
N ARG C 279 -19.14 -17.45 11.32
CA ARG C 279 -17.75 -17.56 11.85
C ARG C 279 -17.03 -18.89 11.50
N LEU C 280 -17.79 -19.90 11.03
CA LEU C 280 -17.25 -21.27 11.01
C LEU C 280 -16.14 -21.49 9.97
N SER C 281 -16.21 -20.80 8.86
CA SER C 281 -14.94 -20.66 8.07
C SER C 281 -14.81 -19.24 7.59
N GLY C 282 -13.77 -18.97 6.78
CA GLY C 282 -13.66 -17.66 6.11
C GLY C 282 -14.97 -17.26 5.48
N GLY C 283 -15.65 -18.23 4.88
CA GLY C 283 -16.88 -17.95 4.16
C GLY C 283 -18.14 -18.51 4.79
N GLY C 284 -18.10 -18.80 6.09
CA GLY C 284 -19.31 -19.30 6.80
C GLY C 284 -19.65 -20.73 6.41
N ALA C 285 -20.89 -21.15 6.67
CA ALA C 285 -21.27 -22.56 6.38
C ALA C 285 -21.40 -22.79 4.87
N GLN C 286 -21.77 -21.74 4.13
CA GLN C 286 -21.88 -21.90 2.70
C GLN C 286 -20.54 -22.26 2.01
N GLU C 287 -19.44 -21.66 2.46
CA GLU C 287 -18.09 -22.12 2.00
C GLU C 287 -17.81 -23.59 2.33
N MET C 288 -18.12 -24.00 3.56
CA MET C 288 -17.91 -25.35 4.02
C MET C 288 -18.71 -26.35 3.22
N LEU C 289 -19.96 -25.99 2.88
CA LEU C 289 -20.95 -26.87 2.23
C LEU C 289 -20.87 -26.90 0.71
N GLY C 290 -20.39 -25.81 0.11
CA GLY C 290 -20.55 -25.64 -1.36
C GLY C 290 -22.02 -25.46 -1.77
N ILE C 291 -22.86 -24.94 -0.88
CA ILE C 291 -24.27 -24.67 -1.25
C ILE C 291 -24.48 -23.15 -1.14
N SER C 292 -25.15 -22.56 -2.11
CA SER C 292 -25.42 -21.11 -2.08
C SER C 292 -26.87 -20.77 -1.79
N ALA C 293 -27.12 -20.02 -0.72
CA ALA C 293 -28.45 -19.52 -0.44
C ALA C 293 -28.74 -18.32 -1.32
N ASP C 294 -30.02 -18.04 -1.57
CA ASP C 294 -30.41 -16.84 -2.34
C ASP C 294 -30.14 -15.52 -1.58
N LEU C 295 -30.37 -15.55 -0.25
CA LEU C 295 -30.07 -14.43 0.65
C LEU C 295 -29.41 -15.03 1.87
N THR C 296 -28.53 -14.25 2.51
CA THR C 296 -27.83 -14.68 3.69
C THR C 296 -27.97 -13.58 4.73
N THR C 297 -28.25 -13.97 5.98
CA THR C 297 -28.32 -12.97 7.06
C THR C 297 -27.13 -13.12 7.99
N LEU C 298 -26.66 -12.01 8.55
CA LEU C 298 -25.41 -11.96 9.31
C LEU C 298 -25.66 -11.15 10.56
N GLY C 299 -24.80 -11.36 11.57
CA GLY C 299 -24.99 -10.66 12.84
C GLY C 299 -23.78 -10.89 13.73
N LYS C 300 -24.00 -10.76 15.04
CA LYS C 300 -23.01 -11.10 16.06
C LYS C 300 -21.68 -10.36 15.88
N TYR C 301 -20.58 -11.08 15.68
CA TYR C 301 -19.22 -10.56 15.83
C TYR C 301 -18.78 -9.63 14.71
N ILE C 302 -19.52 -9.63 13.59
CA ILE C 302 -19.02 -8.99 12.34
C ILE C 302 -18.88 -7.47 12.47
N GLY C 303 -19.67 -6.85 13.33
CA GLY C 303 -19.48 -5.42 13.58
C GLY C 303 -18.51 -5.11 14.70
N GLY C 304 -17.59 -6.03 14.99
CA GLY C 304 -16.59 -5.79 16.02
C GLY C 304 -17.08 -5.78 17.45
N GLY C 305 -18.28 -6.34 17.68
CA GLY C 305 -18.88 -6.29 18.99
C GLY C 305 -19.84 -5.11 19.19
N MET C 306 -19.90 -4.21 18.21
CA MET C 306 -20.88 -3.11 18.22
C MET C 306 -22.22 -3.66 17.70
N SER C 307 -23.33 -2.92 17.90
CA SER C 307 -24.62 -3.28 17.28
C SER C 307 -24.47 -3.56 15.78
N PHE C 308 -25.09 -4.64 15.32
CA PHE C 308 -24.87 -5.06 13.93
C PHE C 308 -25.81 -6.15 13.48
N GLY C 309 -26.19 -6.05 12.21
CA GLY C 309 -26.78 -7.16 11.49
C GLY C 309 -26.55 -6.82 10.03
N ALA C 310 -26.85 -7.76 9.14
CA ALA C 310 -26.78 -7.49 7.71
C ALA C 310 -27.57 -8.52 6.91
N PHE C 311 -28.14 -8.09 5.79
CA PHE C 311 -28.73 -9.05 4.85
C PHE C 311 -28.18 -8.78 3.46
N GLY C 312 -27.86 -9.85 2.75
CA GLY C 312 -27.20 -9.69 1.46
C GLY C 312 -27.50 -10.90 0.63
N GLY C 313 -26.99 -10.92 -0.60
CA GLY C 313 -27.14 -12.17 -1.38
C GLY C 313 -26.99 -11.87 -2.86
N ARG C 314 -27.78 -12.58 -3.66
CA ARG C 314 -27.80 -12.47 -5.11
C ARG C 314 -28.03 -11.04 -5.58
N ARG C 315 -27.17 -10.57 -6.50
CA ARG C 315 -27.30 -9.20 -7.01
C ARG C 315 -28.72 -8.85 -7.49
N ASP C 316 -29.34 -9.75 -8.23
CA ASP C 316 -30.63 -9.41 -8.89
C ASP C 316 -31.73 -9.25 -7.85
N LEU C 317 -31.57 -9.87 -6.67
CA LEU C 317 -32.56 -9.67 -5.59
C LEU C 317 -32.26 -8.37 -4.84
N MET C 318 -30.99 -8.16 -4.49
CA MET C 318 -30.62 -7.02 -3.63
C MET C 318 -30.75 -5.71 -4.38
N GLU C 319 -30.59 -5.75 -5.71
CA GLU C 319 -30.73 -4.51 -6.49
C GLU C 319 -32.13 -3.90 -6.44
N ARG C 320 -33.12 -4.65 -5.94
CA ARG C 320 -34.49 -4.10 -5.71
C ARG C 320 -34.48 -2.98 -4.67
N PHE C 321 -33.37 -2.87 -3.92
CA PHE C 321 -33.18 -1.78 -2.93
C PHE C 321 -32.40 -0.58 -3.45
N ASP C 322 -31.96 -0.61 -4.69
CA ASP C 322 -31.28 0.57 -5.26
C ASP C 322 -32.28 1.77 -5.27
N PRO C 323 -32.01 2.82 -4.47
CA PRO C 323 -32.99 3.93 -4.37
C PRO C 323 -33.17 4.78 -5.65
N ALA C 324 -32.33 4.57 -6.66
CA ALA C 324 -32.43 5.29 -7.93
C ALA C 324 -33.38 4.59 -8.94
N ARG C 325 -33.87 3.40 -8.57
CA ARG C 325 -34.82 2.63 -9.39
C ARG C 325 -36.26 3.00 -9.11
N ASP C 326 -37.08 3.05 -10.17
CA ASP C 326 -38.55 3.20 -10.04
C ASP C 326 -39.11 2.01 -9.28
N GLY C 327 -39.92 2.26 -8.25
CA GLY C 327 -40.48 1.19 -7.40
C GLY C 327 -39.47 0.51 -6.45
N ALA C 328 -38.37 1.20 -6.18
CA ALA C 328 -37.34 0.71 -5.24
C ALA C 328 -37.97 0.33 -3.90
N PHE C 329 -37.51 -0.75 -3.27
CA PHE C 329 -37.92 -1.04 -1.90
C PHE C 329 -37.15 -0.11 -0.98
N ALA C 330 -37.83 0.34 0.08
CA ALA C 330 -37.34 1.27 1.08
C ALA C 330 -36.79 0.48 2.29
N HIS C 331 -35.60 0.83 2.73
CA HIS C 331 -35.01 0.25 3.92
C HIS C 331 -34.20 1.35 4.61
N ALA C 332 -34.82 2.10 5.51
CA ALA C 332 -34.07 3.08 6.28
C ALA C 332 -33.66 2.46 7.61
N GLY C 333 -33.29 3.27 8.59
CA GLY C 333 -32.86 2.75 9.90
C GLY C 333 -31.78 3.68 10.44
N THR C 334 -32.10 4.42 11.50
CA THR C 334 -31.24 5.52 11.99
C THR C 334 -29.76 5.13 12.12
N PHE C 335 -29.53 4.00 12.77
CA PHE C 335 -28.16 3.54 13.13
C PHE C 335 -27.51 2.52 12.16
N ASN C 336 -28.13 2.31 11.00
CA ASN C 336 -27.64 1.30 10.03
C ASN C 336 -26.15 1.49 9.70
N ASN C 337 -25.78 2.73 9.39
CA ASN C 337 -24.43 3.05 8.94
C ASN C 337 -23.64 3.74 10.06
N ASN C 338 -23.96 3.49 11.33
CA ASN C 338 -23.34 4.32 12.36
C ASN C 338 -21.80 4.12 12.32
N ILE C 339 -21.04 5.16 12.61
CA ILE C 339 -19.58 5.13 12.44
C ILE C 339 -18.85 4.07 13.33
N LEU C 340 -19.35 3.84 14.54
CA LEU C 340 -18.72 2.85 15.44
C LEU C 340 -18.81 1.43 14.85
N THR C 341 -20.01 1.02 14.41
CA THR C 341 -20.14 -0.25 13.72
C THR C 341 -19.37 -0.35 12.39
N MET C 342 -19.41 0.67 11.55
CA MET C 342 -18.66 0.61 10.27
C MET C 342 -17.14 0.47 10.51
N SER C 343 -16.64 1.23 11.48
N SER C 343 -16.63 1.21 11.48
CA SER C 343 -15.22 1.27 11.84
CA SER C 343 -15.21 1.20 11.79
C SER C 343 -14.74 -0.05 12.44
C SER C 343 -14.71 -0.08 12.44
N ALA C 344 -15.35 -0.45 13.55
CA ALA C 344 -14.96 -1.69 14.31
C ALA C 344 -15.21 -2.98 13.50
N GLY C 345 -16.24 -2.98 12.67
CA GLY C 345 -16.55 -4.13 11.84
C GLY C 345 -15.54 -4.29 10.74
N HIS C 346 -15.11 -3.17 10.13
CA HIS C 346 -14.06 -3.27 9.11
C HIS C 346 -12.78 -3.83 9.72
N ALA C 347 -12.45 -3.39 10.92
CA ALA C 347 -11.28 -3.89 11.64
C ALA C 347 -11.45 -5.36 12.00
N ALA C 348 -12.65 -5.74 12.49
CA ALA C 348 -12.94 -7.14 12.85
C ALA C 348 -12.68 -8.13 11.70
N LEU C 349 -13.15 -7.79 10.50
CA LEU C 349 -13.05 -8.71 9.35
C LEU C 349 -11.67 -8.67 8.73
N THR C 350 -11.06 -7.48 8.68
CA THR C 350 -9.84 -7.33 7.86
C THR C 350 -8.58 -7.35 8.69
N GLN C 351 -8.66 -7.06 9.98
CA GLN C 351 -7.43 -6.99 10.76
C GLN C 351 -7.38 -8.07 11.84
N ILE C 352 -8.51 -8.53 12.36
CA ILE C 352 -8.49 -9.43 13.53
C ILE C 352 -8.93 -10.84 13.12
N TYR C 353 -10.19 -11.00 12.77
CA TYR C 353 -10.69 -12.32 12.40
C TYR C 353 -10.67 -12.47 10.89
N THR C 354 -9.47 -12.64 10.33
CA THR C 354 -9.29 -12.88 8.92
C THR C 354 -9.83 -14.29 8.59
N ARG C 355 -9.85 -14.61 7.29
CA ARG C 355 -10.25 -15.95 6.87
C ARG C 355 -9.39 -17.05 7.50
N GLN C 356 -8.05 -16.88 7.50
CA GLN C 356 -7.15 -17.86 8.18
C GLN C 356 -7.39 -17.94 9.69
N ALA C 357 -7.68 -16.80 10.32
CA ALA C 357 -7.96 -16.83 11.75
C ALA C 357 -9.24 -17.65 12.00
N ALA C 358 -10.20 -17.54 11.09
CA ALA C 358 -11.45 -18.32 11.22
C ALA C 358 -11.19 -19.83 11.10
N SER C 359 -10.36 -20.21 10.11
N SER C 359 -10.36 -20.20 10.12
CA SER C 359 -9.93 -21.62 9.95
CA SER C 359 -9.94 -21.61 9.94
C SER C 359 -9.26 -22.11 11.22
C SER C 359 -9.25 -22.13 11.19
N ASP C 360 -8.28 -21.36 11.70
CA ASP C 360 -7.52 -21.72 12.90
C ASP C 360 -8.42 -21.84 14.14
N LEU C 361 -9.36 -20.91 14.32
CA LEU C 361 -10.24 -20.93 15.50
C LEU C 361 -11.20 -22.14 15.44
N SER C 362 -11.72 -22.42 14.24
CA SER C 362 -12.64 -23.57 14.09
C SER C 362 -11.90 -24.91 14.32
N ALA C 363 -10.66 -25.00 13.82
CA ALA C 363 -9.81 -26.20 14.09
C ALA C 363 -9.51 -26.36 15.58
N SER C 364 -9.13 -25.25 16.24
CA SER C 364 -8.92 -25.24 17.70
C SER C 364 -10.21 -25.68 18.41
N GLY C 365 -11.35 -25.17 17.96
CA GLY C 365 -12.64 -25.53 18.56
C GLY C 365 -13.02 -27.01 18.33
N ASP C 366 -12.69 -27.55 17.16
CA ASP C 366 -12.94 -28.99 16.86
C ASP C 366 -12.09 -29.86 17.78
N ARG C 367 -10.84 -29.47 17.98
CA ARG C 367 -9.94 -30.20 18.89
C ARG C 367 -10.45 -30.14 20.36
N PHE C 368 -10.86 -28.95 20.80
CA PHE C 368 -11.50 -28.73 22.12
C PHE C 368 -12.75 -29.61 22.32
N ARG C 369 -13.68 -29.54 21.36
CA ARG C 369 -14.91 -30.32 21.46
C ARG C 369 -14.61 -31.84 21.45
N ALA C 370 -13.68 -32.29 20.61
CA ALA C 370 -13.32 -33.73 20.61
C ALA C 370 -12.71 -34.13 21.96
N ASN C 371 -11.93 -33.24 22.58
CA ASN C 371 -11.38 -33.53 23.91
C ASN C 371 -12.46 -33.67 24.99
N LEU C 372 -13.46 -32.78 24.95
CA LEU C 372 -14.57 -32.84 25.88
C LEU C 372 -15.32 -34.18 25.71
N ASN C 373 -15.61 -34.56 24.47
CA ASN C 373 -16.29 -35.83 24.22
C ASN C 373 -15.45 -37.06 24.63
N ARG C 374 -14.12 -36.98 24.45
CA ARG C 374 -13.19 -38.03 24.91
C ARG C 374 -13.28 -38.21 26.46
N ILE C 375 -13.38 -37.07 27.18
CA ILE C 375 -13.50 -37.12 28.64
C ILE C 375 -14.80 -37.82 29.04
N ALA C 376 -15.89 -37.50 28.33
CA ALA C 376 -17.18 -38.12 28.58
C ALA C 376 -17.08 -39.64 28.38
N VAL C 377 -16.53 -40.04 27.23
CA VAL C 377 -16.46 -41.45 26.79
C VAL C 377 -15.57 -42.23 27.76
N GLU C 378 -14.40 -41.67 28.10
CA GLU C 378 -13.46 -42.29 29.02
C GLU C 378 -14.06 -42.53 30.41
N ASN C 379 -15.01 -41.68 30.84
CA ASN C 379 -15.67 -41.87 32.12
C ASN C 379 -17.04 -42.47 32.02
N GLN C 380 -17.39 -43.01 30.85
CA GLN C 380 -18.72 -43.58 30.58
C GLN C 380 -19.83 -42.62 31.05
N ALA C 381 -19.71 -41.34 30.72
CA ALA C 381 -20.70 -40.36 31.15
C ALA C 381 -21.85 -40.28 30.14
N PRO C 382 -23.10 -40.12 30.61
CA PRO C 382 -24.26 -39.99 29.73
C PRO C 382 -24.43 -38.52 29.22
N LEU C 383 -23.44 -38.04 28.48
CA LEU C 383 -23.46 -36.65 27.99
C LEU C 383 -22.57 -36.50 26.74
N GLN C 384 -22.85 -35.51 25.91
CA GLN C 384 -22.00 -35.22 24.78
C GLN C 384 -22.02 -33.72 24.55
N PHE C 385 -21.07 -33.23 23.74
CA PHE C 385 -21.07 -31.85 23.25
C PHE C 385 -21.28 -31.90 21.73
N THR C 386 -22.34 -31.23 21.25
CA THR C 386 -22.58 -31.07 19.80
C THR C 386 -22.10 -29.68 19.28
N GLY C 387 -21.89 -29.56 17.97
CA GLY C 387 -21.54 -28.27 17.39
C GLY C 387 -20.59 -28.39 16.21
N LEU C 388 -19.98 -27.26 15.87
CA LEU C 388 -19.11 -27.17 14.71
C LEU C 388 -18.07 -26.13 15.12
N GLY C 389 -16.82 -26.35 14.72
CA GLY C 389 -15.76 -25.36 14.94
C GLY C 389 -15.71 -24.92 16.42
N SER C 390 -15.74 -23.60 16.65
CA SER C 390 -15.59 -22.99 17.98
C SER C 390 -16.90 -22.89 18.80
N LEU C 391 -17.99 -23.52 18.32
CA LEU C 391 -19.32 -23.45 18.97
C LEU C 391 -19.72 -24.83 19.49
N GLY C 392 -20.26 -24.89 20.71
CA GLY C 392 -20.63 -26.17 21.31
C GLY C 392 -21.67 -26.06 22.42
N THR C 393 -22.49 -27.11 22.60
CA THR C 393 -23.48 -27.18 23.67
C THR C 393 -23.48 -28.58 24.27
N ILE C 394 -23.55 -28.67 25.60
CA ILE C 394 -23.66 -29.98 26.29
C ILE C 394 -25.09 -30.47 26.18
N HIS C 395 -25.25 -31.77 25.97
CA HIS C 395 -26.56 -32.44 26.07
C HIS C 395 -26.39 -33.71 26.90
N PHE C 396 -27.24 -33.88 27.90
CA PHE C 396 -27.24 -35.05 28.74
C PHE C 396 -28.05 -36.19 28.11
N SER C 397 -27.46 -36.78 27.08
CA SER C 397 -28.01 -37.93 26.34
C SER C 397 -26.86 -38.38 25.47
N ARG C 398 -26.78 -39.66 25.14
CA ARG C 398 -25.80 -40.13 24.13
C ARG C 398 -26.47 -40.56 22.84
N ALA C 399 -27.78 -40.32 22.75
CA ALA C 399 -28.51 -40.51 21.48
C ALA C 399 -28.02 -39.50 20.43
N PRO C 400 -28.29 -39.75 19.12
CA PRO C 400 -27.97 -38.73 18.11
C PRO C 400 -28.83 -37.48 18.37
N ILE C 401 -28.22 -36.30 18.21
CA ILE C 401 -28.90 -35.04 18.44
C ILE C 401 -29.03 -34.41 17.08
N ARG C 402 -30.22 -34.54 16.49
CA ARG C 402 -30.45 -34.13 15.11
C ARG C 402 -31.57 -33.12 14.94
N SER C 403 -32.46 -33.01 15.92
CA SER C 403 -33.59 -32.09 15.80
C SER C 403 -34.00 -31.57 17.17
N ALA C 404 -34.98 -30.65 17.20
CA ALA C 404 -35.37 -29.99 18.48
C ALA C 404 -35.90 -31.01 19.49
N GLY C 405 -36.66 -31.99 19.00
CA GLY C 405 -37.15 -33.12 19.84
C GLY C 405 -36.06 -33.84 20.62
N ASP C 406 -34.92 -34.12 19.97
CA ASP C 406 -33.76 -34.73 20.63
C ASP C 406 -33.17 -33.88 21.73
N VAL C 407 -33.04 -32.58 21.45
CA VAL C 407 -32.57 -31.63 22.45
C VAL C 407 -33.51 -31.56 23.65
N ARG C 408 -34.81 -31.50 23.38
CA ARG C 408 -35.82 -31.42 24.45
C ARG C 408 -35.86 -32.68 25.32
N ALA C 409 -35.63 -33.85 24.72
CA ALA C 409 -35.65 -35.13 25.42
C ALA C 409 -34.44 -35.37 26.29
N ALA C 410 -33.33 -34.68 26.06
CA ALA C 410 -32.17 -34.86 26.94
C ALA C 410 -32.46 -34.24 28.32
N ASP C 411 -31.69 -34.65 29.32
CA ASP C 411 -32.01 -34.35 30.73
C ASP C 411 -31.73 -32.86 31.05
N GLN C 412 -32.79 -32.14 31.44
CA GLN C 412 -32.72 -30.67 31.62
C GLN C 412 -32.29 -30.29 33.00
N GLN C 413 -32.54 -31.17 33.96
CA GLN C 413 -32.10 -30.92 35.32
C GLN C 413 -30.55 -31.01 35.46
N LEU C 414 -29.93 -32.02 34.82
CA LEU C 414 -28.47 -32.15 34.84
C LEU C 414 -27.80 -30.94 34.18
N LYS C 415 -28.42 -30.44 33.12
CA LYS C 415 -28.01 -29.19 32.45
C LYS C 415 -27.92 -28.03 33.44
N GLU C 416 -28.94 -27.88 34.29
CA GLU C 416 -28.94 -26.76 35.25
C GLU C 416 -27.84 -26.96 36.28
N LEU C 417 -27.73 -28.19 36.79
CA LEU C 417 -26.64 -28.57 37.70
C LEU C 417 -25.23 -28.29 37.13
N PHE C 418 -25.02 -28.64 35.87
CA PHE C 418 -23.76 -28.39 35.19
C PHE C 418 -23.38 -26.89 35.22
N PHE C 419 -24.34 -26.02 34.89
CA PHE C 419 -24.11 -24.57 34.89
C PHE C 419 -23.59 -24.11 36.28
N PHE C 420 -24.30 -24.48 37.34
CA PHE C 420 -23.87 -24.08 38.67
C PHE C 420 -22.51 -24.63 39.06
N HIS C 421 -22.25 -25.90 38.77
CA HIS C 421 -20.93 -26.50 38.96
C HIS C 421 -19.83 -25.71 38.25
N MET C 422 -19.99 -25.43 36.96
CA MET C 422 -18.94 -24.71 36.22
C MET C 422 -18.63 -23.32 36.84
N LEU C 423 -19.69 -22.60 37.24
CA LEU C 423 -19.51 -21.30 37.95
C LEU C 423 -18.66 -21.44 39.19
N ARG C 424 -18.94 -22.46 40.02
CA ARG C 424 -18.12 -22.73 41.22
CA ARG C 424 -18.10 -22.70 41.21
C ARG C 424 -16.65 -22.99 40.88
N LYS C 425 -16.40 -23.46 39.64
CA LYS C 425 -15.04 -23.68 39.14
C LYS C 425 -14.39 -22.50 38.42
N GLY C 426 -15.04 -21.33 38.41
CA GLY C 426 -14.50 -20.15 37.73
C GLY C 426 -14.64 -20.21 36.20
N ILE C 427 -15.60 -21.01 35.74
CA ILE C 427 -15.89 -21.13 34.31
C ILE C 427 -17.32 -20.61 34.05
N TYR C 428 -17.45 -19.58 33.22
CA TYR C 428 -18.76 -19.07 32.83
C TYR C 428 -19.16 -19.53 31.41
N LEU C 429 -20.30 -20.24 31.28
CA LEU C 429 -20.91 -20.50 29.98
C LEU C 429 -22.41 -20.26 30.09
N ALA C 430 -23.14 -20.38 28.98
CA ALA C 430 -24.57 -20.06 29.00
C ALA C 430 -25.31 -21.00 29.97
N PRO C 431 -26.39 -20.50 30.65
CA PRO C 431 -27.22 -21.39 31.47
C PRO C 431 -27.63 -22.69 30.73
N ARG C 432 -27.98 -22.58 29.44
CA ARG C 432 -28.36 -23.72 28.58
C ARG C 432 -27.19 -24.58 28.12
N GLY C 433 -25.96 -24.24 28.55
CA GLY C 433 -24.80 -25.13 28.38
C GLY C 433 -24.03 -24.99 27.07
N MET C 434 -24.17 -23.83 26.45
CA MET C 434 -23.48 -23.43 25.25
C MET C 434 -22.18 -22.64 25.56
N TYR C 435 -21.11 -22.94 24.83
CA TYR C 435 -19.92 -22.07 24.77
C TYR C 435 -19.70 -21.54 23.34
N ALA C 436 -19.00 -20.42 23.22
CA ALA C 436 -18.59 -19.96 21.90
C ALA C 436 -17.21 -19.35 22.12
N LEU C 437 -16.18 -20.06 21.68
CA LEU C 437 -14.81 -19.67 22.05
C LEU C 437 -14.47 -18.33 21.44
N SER C 438 -13.93 -17.42 22.25
CA SER C 438 -13.42 -16.18 21.71
C SER C 438 -11.97 -16.41 21.28
N LEU C 439 -11.39 -15.41 20.60
CA LEU C 439 -9.99 -15.45 20.20
C LEU C 439 -9.04 -15.29 21.39
N GLU C 440 -9.59 -14.96 22.58
CA GLU C 440 -8.75 -14.76 23.77
C GLU C 440 -8.67 -15.98 24.70
N ILE C 441 -9.45 -17.03 24.43
CA ILE C 441 -9.38 -18.26 25.19
C ILE C 441 -8.04 -18.89 24.82
N ALA C 442 -7.24 -19.23 25.82
CA ALA C 442 -5.99 -19.92 25.50
C ALA C 442 -5.86 -21.26 26.25
N ASP C 443 -4.64 -21.79 26.33
CA ASP C 443 -4.45 -23.11 26.93
C ASP C 443 -5.01 -23.24 28.35
N ALA C 444 -4.67 -22.31 29.22
CA ALA C 444 -5.08 -22.43 30.64
C ALA C 444 -6.60 -22.52 30.78
N GLY C 445 -7.31 -21.69 30.02
CA GLY C 445 -8.79 -21.66 30.07
C GLY C 445 -9.36 -23.01 29.57
N ARG C 446 -8.86 -23.50 28.44
CA ARG C 446 -9.35 -24.79 27.89
C ARG C 446 -9.05 -25.93 28.84
N ASP C 447 -7.83 -25.96 29.40
CA ASP C 447 -7.50 -26.99 30.40
C ASP C 447 -8.42 -26.91 31.62
N ALA C 448 -8.68 -25.70 32.13
CA ALA C 448 -9.52 -25.58 33.34
C ALA C 448 -10.98 -26.00 33.04
N PHE C 449 -11.48 -25.71 31.84
CA PHE C 449 -12.81 -26.21 31.40
C PHE C 449 -12.87 -27.76 31.41
N ALA C 450 -11.88 -28.40 30.79
CA ALA C 450 -11.82 -29.88 30.72
C ALA C 450 -11.72 -30.50 32.13
N GLU C 451 -10.88 -29.93 32.97
CA GLU C 451 -10.73 -30.40 34.35
C GLU C 451 -12.02 -30.24 35.09
N ALA C 452 -12.65 -29.09 34.93
CA ALA C 452 -13.94 -28.86 35.60
C ALA C 452 -15.03 -29.84 35.09
N LEU C 453 -15.01 -30.16 33.80
CA LEU C 453 -15.94 -31.21 33.32
C LEU C 453 -15.67 -32.56 33.98
N ALA C 454 -14.40 -33.00 34.02
CA ALA C 454 -14.05 -34.27 34.70
C ALA C 454 -14.52 -34.26 36.17
N ASP C 455 -14.28 -33.13 36.86
CA ASP C 455 -14.70 -32.97 38.24
C ASP C 455 -16.21 -33.10 38.39
N PHE C 456 -16.97 -32.56 37.44
CA PHE C 456 -18.43 -32.65 37.48
C PHE C 456 -18.88 -34.12 37.41
N ILE C 457 -18.28 -34.87 36.49
CA ILE C 457 -18.62 -36.28 36.29
C ILE C 457 -18.27 -37.09 37.54
N GLY C 458 -17.13 -36.80 38.16
CA GLY C 458 -16.72 -37.41 39.45
C GLY C 458 -17.66 -37.09 40.61
N GLU C 459 -17.92 -35.80 40.81
CA GLU C 459 -18.65 -35.29 41.99
C GLU C 459 -20.15 -35.56 41.92
N GLN C 460 -20.72 -35.66 40.70
CA GLN C 460 -22.17 -35.90 40.51
C GLN C 460 -22.49 -37.31 40.00
N ARG C 461 -21.56 -38.23 40.22
CA ARG C 461 -21.65 -39.62 39.75
C ARG C 461 -22.99 -40.30 40.07
N ALA C 462 -23.50 -40.07 41.29
CA ALA C 462 -24.76 -40.70 41.71
C ALA C 462 -25.96 -40.28 40.85
N LEU C 463 -25.89 -39.08 40.27
CA LEU C 463 -26.99 -38.53 39.46
C LEU C 463 -26.84 -38.90 37.98
N LEU C 464 -25.68 -39.45 37.64
CA LEU C 464 -25.41 -39.80 36.26
C LEU C 464 -25.61 -41.30 35.99
C11 PLK D . 14.69 23.51 -11.65
C12 PLK D . 13.44 23.30 -10.76
C13 PLK D . 13.07 24.53 -9.91
C14 PLK D . 13.78 22.13 -9.89
C15 PLK D . 12.58 21.41 -9.27
C16 PLK D . 13.29 20.12 -8.78
C17 PLK D . 14.12 20.41 -7.49
O11 PLK D . 13.54 21.09 -6.63
O12 PLK D . 15.27 19.89 -7.39
N11 PLK D . 11.43 21.20 -10.25
C21 PLK D . 11.12 19.84 -10.66
C22 PLK D . 10.08 19.63 -11.84
C23 PLK D . 9.18 20.62 -12.31
O21 PLK D . 9.18 21.85 -11.74
C24 PLK D . 8.29 20.35 -13.36
C25 PLK D . 7.32 21.41 -13.90
N21 PLK D . 8.31 19.13 -13.94
C26 PLK D . 9.12 18.16 -13.54
C27 PLK D . 10.02 18.39 -12.50
C28 PLK D . 10.91 17.22 -12.13
O22 PLK D . 10.40 16.64 -10.87
P PLK D . 11.51 15.99 -9.88
O1P PLK D . 12.22 14.82 -10.66
O2P PLK D . 12.49 17.00 -9.36
O3P PLK D . 10.65 15.30 -8.75
C1 EDO E . 14.46 30.39 -17.70
O1 EDO E . 15.41 31.29 -17.14
C2 EDO E . 13.74 31.22 -18.75
O2 EDO E . 12.34 30.89 -18.75
C1 EDO F . -10.08 5.90 -1.31
O1 EDO F . -9.92 6.43 0.03
C2 EDO F . -10.51 7.01 -2.25
O2 EDO F . -10.06 8.26 -1.71
C11 PLK G . 12.69 -5.80 -12.34
C12 PLK G . 13.69 -6.15 -11.24
C13 PLK G . 13.68 -7.65 -11.04
C14 PLK G . 13.30 -5.50 -9.91
C15 PLK G . 13.86 -4.07 -9.72
C16 PLK G . 12.70 -3.03 -9.99
C17 PLK G . 11.47 -3.28 -9.06
O11 PLK G . 11.62 -3.97 -7.99
O12 PLK G . 10.37 -2.79 -9.44
N11 PLK G . 15.14 -3.86 -10.53
C21 PLK G . 15.73 -2.52 -10.35
C22 PLK G . 17.13 -2.31 -10.98
C23 PLK G . 18.13 -3.29 -11.09
O21 PLK G . 17.92 -4.54 -10.66
C24 PLK G . 19.37 -3.01 -11.66
C25 PLK G . 20.49 -4.10 -11.75
N21 PLK G . 19.61 -1.77 -12.12
C26 PLK G . 18.71 -0.79 -12.03
C27 PLK G . 17.45 -1.02 -11.46
C28 PLK G . 16.46 0.18 -11.39
O22 PLK G . 16.24 0.50 -9.95
P PLK G . 14.86 1.24 -9.61
O1P PLK G . 13.77 0.12 -9.78
O2P PLK G . 15.01 1.61 -8.11
O3P PLK G . 14.62 2.36 -10.62
C1 EDO H . 31.19 -10.63 -9.95
O1 EDO H . 31.10 -10.35 -11.37
C2 EDO H . 31.54 -12.11 -9.80
O2 EDO H . 30.95 -12.79 -10.93
C1 EDO I . 16.83 -13.56 -19.47
O1 EDO I . 18.05 -13.16 -18.82
C2 EDO I . 15.65 -12.76 -18.93
O2 EDO I . 14.53 -13.65 -18.98
C1 EDO J . -1.69 -19.20 -0.30
O1 EDO J . -1.22 -18.17 -1.18
C2 EDO J . -1.39 -20.58 -0.92
O2 EDO J . -2.01 -20.72 -2.20
C1 EDO K . 1.00 -20.07 3.53
O1 EDO K . 0.62 -19.76 4.87
C2 EDO K . -0.14 -20.64 2.68
O2 EDO K . -1.07 -21.27 3.57
C11 PLK L . -31.89 -17.37 22.11
C12 PLK L . -30.52 -16.91 21.52
C13 PLK L . -29.32 -17.66 22.12
C14 PLK L . -30.38 -15.41 21.67
C15 PLK L . -29.26 -14.73 20.80
C16 PLK L . -29.62 -13.24 21.08
C17 PLK L . -29.11 -12.77 22.46
O11 PLK L . -29.90 -12.11 23.22
O12 PLK L . -27.89 -12.98 22.69
N11 PLK L . -29.24 -15.22 19.33
C21 PLK L . -29.52 -14.24 18.24
C22 PLK L . -29.84 -14.75 16.79
C23 PLK L . -29.45 -16.01 16.28
O21 PLK L . -28.74 -16.89 17.06
C24 PLK L . -29.74 -16.39 14.97
C25 PLK L . -29.27 -17.74 14.46
N21 PLK L . -30.43 -15.60 14.15
C26 PLK L . -30.84 -14.38 14.59
C27 PLK L . -30.57 -13.95 15.90
C28 PLK L . -31.07 -12.55 16.30
O22 PLK L . -29.93 -11.64 16.39
P PLK L . -30.05 -10.32 17.34
O1P PLK L . -31.42 -9.62 17.00
O2P PLK L . -30.31 -10.94 18.76
O3P PLK L . -28.81 -9.51 17.27
C1 EDO M . -12.09 -2.28 1.53
O1 EDO M . -11.15 -1.83 2.53
C2 EDO M . -11.96 -3.79 1.39
O2 EDO M . -11.79 -4.39 2.68
C1 EDO N . -20.00 -19.60 42.52
O1 EDO N . -21.34 -20.01 42.89
C2 EDO N . -19.92 -18.08 42.27
O2 EDO N . -20.89 -17.72 41.27
#